data_4MLS
# 
_entry.id   4MLS 
# 
_audit_conform.dict_name       mmcif_pdbx.dic 
_audit_conform.dict_version    5.398 
_audit_conform.dict_location   http://mmcif.pdb.org/dictionaries/ascii/mmcif_pdbx.dic 
# 
loop_
_database_2.database_id 
_database_2.database_code 
_database_2.pdbx_database_accession 
_database_2.pdbx_DOI 
PDB   4MLS         pdb_00004mls 10.2210/pdb4mls/pdb 
RCSB  RCSB082070   ?            ?                   
WWPDB D_1000082070 ?            ?                   
# 
loop_
_pdbx_audit_revision_history.ordinal 
_pdbx_audit_revision_history.data_content_type 
_pdbx_audit_revision_history.major_revision 
_pdbx_audit_revision_history.minor_revision 
_pdbx_audit_revision_history.revision_date 
1 'Structure model' 1 0 2013-11-13 
2 'Structure model' 1 1 2014-01-22 
3 'Structure model' 1 2 2023-09-20 
4 'Structure model' 1 3 2024-11-06 
# 
_pdbx_audit_revision_details.ordinal             1 
_pdbx_audit_revision_details.revision_ordinal    1 
_pdbx_audit_revision_details.data_content_type   'Structure model' 
_pdbx_audit_revision_details.provider            repository 
_pdbx_audit_revision_details.type                'Initial release' 
_pdbx_audit_revision_details.description         ? 
_pdbx_audit_revision_details.details             ? 
# 
loop_
_pdbx_audit_revision_group.ordinal 
_pdbx_audit_revision_group.revision_ordinal 
_pdbx_audit_revision_group.data_content_type 
_pdbx_audit_revision_group.group 
1 2 'Structure model' 'Database references'    
2 3 'Structure model' 'Data collection'        
3 3 'Structure model' 'Database references'    
4 3 'Structure model' 'Derived calculations'   
5 3 'Structure model' 'Refinement description' 
6 4 'Structure model' 'Structure summary'      
# 
loop_
_pdbx_audit_revision_category.ordinal 
_pdbx_audit_revision_category.revision_ordinal 
_pdbx_audit_revision_category.data_content_type 
_pdbx_audit_revision_category.category 
1 3 'Structure model' chem_comp_atom                
2 3 'Structure model' chem_comp_bond                
3 3 'Structure model' database_2                    
4 3 'Structure model' pdbx_initial_refinement_model 
5 3 'Structure model' struct_conn                   
6 3 'Structure model' struct_ref_seq_dif            
7 4 'Structure model' pdbx_entry_details            
8 4 'Structure model' pdbx_modification_feature     
# 
loop_
_pdbx_audit_revision_item.ordinal 
_pdbx_audit_revision_item.revision_ordinal 
_pdbx_audit_revision_item.data_content_type 
_pdbx_audit_revision_item.item 
1 3 'Structure model' '_database_2.pdbx_DOI'                
2 3 'Structure model' '_database_2.pdbx_database_accession' 
3 3 'Structure model' '_struct_conn.pdbx_leaving_atom_flag' 
4 3 'Structure model' '_struct_ref_seq_dif.details'         
# 
_pdbx_database_status.status_code                     REL 
_pdbx_database_status.entry_id                        4MLS 
_pdbx_database_status.recvd_initial_deposition_date   2013-09-06 
_pdbx_database_status.deposit_site                    RCSB 
_pdbx_database_status.process_site                    RCSB 
_pdbx_database_status.status_code_sf                  REL 
_pdbx_database_status.status_code_mr                  ? 
_pdbx_database_status.SG_entry                        ? 
_pdbx_database_status.status_code_cs                  ? 
_pdbx_database_status.methods_development_category    ? 
_pdbx_database_status.pdb_format_compatible           Y 
_pdbx_database_status.status_code_nmr_data            ? 
# 
_pdbx_database_related.db_name        PDB 
_pdbx_database_related.db_id          4MLI 
_pdbx_database_related.details        . 
_pdbx_database_related.content_type   unspecified 
# 
loop_
_audit_author.name 
_audit_author.pdbx_ordinal 
'Li, L.'         1 
'Fierer, J.O.'   2 
'Rapoport, T.A.' 3 
'Howarth, M.'    4 
# 
_citation.id                        primary 
_citation.title                     
'Structural Analysis and Optimization of the Covalent Association between SpyCatcher and a Peptide Tag.' 
_citation.journal_abbrev            J.Mol.Biol. 
_citation.journal_volume            426 
_citation.page_first                309 
_citation.page_last                 317 
_citation.year                      2014 
_citation.journal_id_ASTM           JMOBAK 
_citation.country                   UK 
_citation.journal_id_ISSN           0022-2836 
_citation.journal_id_CSD            0070 
_citation.book_publisher            ? 
_citation.pdbx_database_id_PubMed   24161952 
_citation.pdbx_database_id_DOI      10.1016/j.jmb.2013.10.021 
# 
loop_
_citation_author.citation_id 
_citation_author.name 
_citation_author.ordinal 
_citation_author.identifier_ORCID 
primary 'Li, L.'         1 ? 
primary 'Fierer, J.O.'   2 ? 
primary 'Rapoport, T.A.' 3 ? 
primary 'Howarth, M.'    4 ? 
# 
loop_
_entity.id 
_entity.type 
_entity.src_method 
_entity.pdbx_description 
_entity.formula_weight 
_entity.pdbx_number_of_molecules 
_entity.pdbx_ec 
_entity.pdbx_mutation 
_entity.pdbx_fragment 
_entity.details 
1 polymer man 'Fibronectin binding protein' 10192.143 1  ? 'E473I, Y508M' 'UNP residues 461-552' ? 
2 polymer syn SpyTag                        1475.773  1  ? ?              ?                      ? 
3 water   nat water                         18.015    61 ? ?              ?                      ? 
# 
loop_
_entity_poly.entity_id 
_entity_poly.type 
_entity_poly.nstd_linkage 
_entity_poly.nstd_monomer 
_entity_poly.pdbx_seq_one_letter_code 
_entity_poly.pdbx_seq_one_letter_code_can 
_entity_poly.pdbx_strand_id 
_entity_poly.pdbx_target_identifier 
1 'polypeptide(L)' no no 
;GSGDSATHIKFSKRDEDGKELAGATMELRDSSGKTISTWISDGQVKDFYLYPGKYTFVETAAPDGYEVATAITFTVNEQG
QVTVNGKATKGDAHI
;
;GSGDSATHIKFSKRDEDGKELAGATMELRDSSGKTISTWISDGQVKDFYLYPGKYTFVETAAPDGYEVATAITFTVNEQG
QVTVNGKATKGDAHI
;
A ? 
2 'polypeptide(L)' no no AHIVMVDAYKPTK                                                                                      
AHIVMVDAYKPTK                                                                                      B ? 
# 
_pdbx_entity_nonpoly.entity_id   3 
_pdbx_entity_nonpoly.name        water 
_pdbx_entity_nonpoly.comp_id     HOH 
# 
loop_
_entity_poly_seq.entity_id 
_entity_poly_seq.num 
_entity_poly_seq.mon_id 
_entity_poly_seq.hetero 
1 1  GLY n 
1 2  SER n 
1 3  GLY n 
1 4  ASP n 
1 5  SER n 
1 6  ALA n 
1 7  THR n 
1 8  HIS n 
1 9  ILE n 
1 10 LYS n 
1 11 PHE n 
1 12 SER n 
1 13 LYS n 
1 14 ARG n 
1 15 ASP n 
1 16 GLU n 
1 17 ASP n 
1 18 GLY n 
1 19 LYS n 
1 20 GLU n 
1 21 LEU n 
1 22 ALA n 
1 23 GLY n 
1 24 ALA n 
1 25 THR n 
1 26 MET n 
1 27 GLU n 
1 28 LEU n 
1 29 ARG n 
1 30 ASP n 
1 31 SER n 
1 32 SER n 
1 33 GLY n 
1 34 LYS n 
1 35 THR n 
1 36 ILE n 
1 37 SER n 
1 38 THR n 
1 39 TRP n 
1 40 ILE n 
1 41 SER n 
1 42 ASP n 
1 43 GLY n 
1 44 GLN n 
1 45 VAL n 
1 46 LYS n 
1 47 ASP n 
1 48 PHE n 
1 49 TYR n 
1 50 LEU n 
1 51 TYR n 
1 52 PRO n 
1 53 GLY n 
1 54 LYS n 
1 55 TYR n 
1 56 THR n 
1 57 PHE n 
1 58 VAL n 
1 59 GLU n 
1 60 THR n 
1 61 ALA n 
1 62 ALA n 
1 63 PRO n 
1 64 ASP n 
1 65 GLY n 
1 66 TYR n 
1 67 GLU n 
1 68 VAL n 
1 69 ALA n 
1 70 THR n 
1 71 ALA n 
1 72 ILE n 
1 73 THR n 
1 74 PHE n 
1 75 THR n 
1 76 VAL n 
1 77 ASN n 
1 78 GLU n 
1 79 GLN n 
1 80 GLY n 
1 81 GLN n 
1 82 VAL n 
1 83 THR n 
1 84 VAL n 
1 85 ASN n 
1 86 GLY n 
1 87 LYS n 
1 88 ALA n 
1 89 THR n 
1 90 LYS n 
1 91 GLY n 
1 92 ASP n 
1 93 ALA n 
1 94 HIS n 
1 95 ILE n 
2 1  ALA n 
2 2  HIS n 
2 3  ILE n 
2 4  VAL n 
2 5  MET n 
2 6  VAL n 
2 7  ASP n 
2 8  ALA n 
2 9  TYR n 
2 10 LYS n 
2 11 PRO n 
2 12 THR n 
2 13 LYS n 
# 
_entity_src_gen.entity_id                          1 
_entity_src_gen.pdbx_src_id                        1 
_entity_src_gen.pdbx_alt_source_flag               sample 
_entity_src_gen.pdbx_seq_type                      ? 
_entity_src_gen.pdbx_beg_seq_num                   ? 
_entity_src_gen.pdbx_end_seq_num                   ? 
_entity_src_gen.gene_src_common_name               ? 
_entity_src_gen.gene_src_genus                     ? 
_entity_src_gen.pdbx_gene_src_gene                 'CnaB2, fba2' 
_entity_src_gen.gene_src_species                   ? 
_entity_src_gen.gene_src_strain                    ? 
_entity_src_gen.gene_src_tissue                    ? 
_entity_src_gen.gene_src_tissue_fraction           ? 
_entity_src_gen.gene_src_details                   ? 
_entity_src_gen.pdbx_gene_src_fragment             ? 
_entity_src_gen.pdbx_gene_src_scientific_name      'Streptococcus pyogenes' 
_entity_src_gen.pdbx_gene_src_ncbi_taxonomy_id     1314 
_entity_src_gen.pdbx_gene_src_variant              ? 
_entity_src_gen.pdbx_gene_src_cell_line            ? 
_entity_src_gen.pdbx_gene_src_atcc                 ? 
_entity_src_gen.pdbx_gene_src_organ                ? 
_entity_src_gen.pdbx_gene_src_organelle            ? 
_entity_src_gen.pdbx_gene_src_cell                 ? 
_entity_src_gen.pdbx_gene_src_cellular_location    ? 
_entity_src_gen.host_org_common_name               ? 
_entity_src_gen.pdbx_host_org_scientific_name      'Escherichia coli' 
_entity_src_gen.pdbx_host_org_ncbi_taxonomy_id     469008 
_entity_src_gen.host_org_genus                     ? 
_entity_src_gen.pdbx_host_org_gene                 ? 
_entity_src_gen.pdbx_host_org_organ                ? 
_entity_src_gen.host_org_species                   ? 
_entity_src_gen.pdbx_host_org_tissue               ? 
_entity_src_gen.pdbx_host_org_tissue_fraction      ? 
_entity_src_gen.pdbx_host_org_strain               'C43(DE3)' 
_entity_src_gen.pdbx_host_org_variant              ? 
_entity_src_gen.pdbx_host_org_cell_line            ? 
_entity_src_gen.pdbx_host_org_atcc                 ? 
_entity_src_gen.pdbx_host_org_culture_collection   ? 
_entity_src_gen.pdbx_host_org_cell                 ? 
_entity_src_gen.pdbx_host_org_organelle            ? 
_entity_src_gen.pdbx_host_org_cellular_location    ? 
_entity_src_gen.pdbx_host_org_vector_type          plasmid 
_entity_src_gen.pdbx_host_org_vector               ? 
_entity_src_gen.host_org_details                   ? 
_entity_src_gen.expression_system_id               ? 
_entity_src_gen.plasmid_name                       pDEST14 
_entity_src_gen.plasmid_details                    ? 
_entity_src_gen.pdbx_description                   ? 
# 
_pdbx_entity_src_syn.entity_id              2 
_pdbx_entity_src_syn.pdbx_src_id            1 
_pdbx_entity_src_syn.pdbx_alt_source_flag   sample 
_pdbx_entity_src_syn.pdbx_beg_seq_num       ? 
_pdbx_entity_src_syn.pdbx_end_seq_num       ? 
_pdbx_entity_src_syn.organism_scientific    ? 
_pdbx_entity_src_syn.organism_common_name   ? 
_pdbx_entity_src_syn.ncbi_taxonomy_id       ? 
_pdbx_entity_src_syn.details                'Chemically synthesized' 
# 
loop_
_chem_comp.id 
_chem_comp.type 
_chem_comp.mon_nstd_flag 
_chem_comp.name 
_chem_comp.pdbx_synonyms 
_chem_comp.formula 
_chem_comp.formula_weight 
ALA 'L-peptide linking' y ALANINE         ? 'C3 H7 N O2'     89.093  
ARG 'L-peptide linking' y ARGININE        ? 'C6 H15 N4 O2 1' 175.209 
ASN 'L-peptide linking' y ASPARAGINE      ? 'C4 H8 N2 O3'    132.118 
ASP 'L-peptide linking' y 'ASPARTIC ACID' ? 'C4 H7 N O4'     133.103 
GLN 'L-peptide linking' y GLUTAMINE       ? 'C5 H10 N2 O3'   146.144 
GLU 'L-peptide linking' y 'GLUTAMIC ACID' ? 'C5 H9 N O4'     147.129 
GLY 'peptide linking'   y GLYCINE         ? 'C2 H5 N O2'     75.067  
HIS 'L-peptide linking' y HISTIDINE       ? 'C6 H10 N3 O2 1' 156.162 
HOH non-polymer         . WATER           ? 'H2 O'           18.015  
ILE 'L-peptide linking' y ISOLEUCINE      ? 'C6 H13 N O2'    131.173 
LEU 'L-peptide linking' y LEUCINE         ? 'C6 H13 N O2'    131.173 
LYS 'L-peptide linking' y LYSINE          ? 'C6 H15 N2 O2 1' 147.195 
MET 'L-peptide linking' y METHIONINE      ? 'C5 H11 N O2 S'  149.211 
PHE 'L-peptide linking' y PHENYLALANINE   ? 'C9 H11 N O2'    165.189 
PRO 'L-peptide linking' y PROLINE         ? 'C5 H9 N O2'     115.130 
SER 'L-peptide linking' y SERINE          ? 'C3 H7 N O3'     105.093 
THR 'L-peptide linking' y THREONINE       ? 'C4 H9 N O3'     119.119 
TRP 'L-peptide linking' y TRYPTOPHAN      ? 'C11 H12 N2 O2'  204.225 
TYR 'L-peptide linking' y TYROSINE        ? 'C9 H11 N O3'    181.189 
VAL 'L-peptide linking' y VALINE          ? 'C5 H11 N O2'    117.146 
# 
loop_
_pdbx_poly_seq_scheme.asym_id 
_pdbx_poly_seq_scheme.entity_id 
_pdbx_poly_seq_scheme.seq_id 
_pdbx_poly_seq_scheme.mon_id 
_pdbx_poly_seq_scheme.ndb_seq_num 
_pdbx_poly_seq_scheme.pdb_seq_num 
_pdbx_poly_seq_scheme.auth_seq_num 
_pdbx_poly_seq_scheme.pdb_mon_id 
_pdbx_poly_seq_scheme.auth_mon_id 
_pdbx_poly_seq_scheme.pdb_strand_id 
_pdbx_poly_seq_scheme.pdb_ins_code 
_pdbx_poly_seq_scheme.hetero 
A 1 1  GLY 1  19  ?   ?   ?   A . n 
A 1 2  SER 2  20  ?   ?   ?   A . n 
A 1 3  GLY 3  21  ?   ?   ?   A . n 
A 1 4  ASP 4  22  ?   ?   ?   A . n 
A 1 5  SER 5  23  23  SER SER A . n 
A 1 6  ALA 6  24  24  ALA ALA A . n 
A 1 7  THR 7  25  25  THR THR A . n 
A 1 8  HIS 8  26  26  HIS HIS A . n 
A 1 9  ILE 9  27  27  ILE ILE A . n 
A 1 10 LYS 10 28  28  LYS LYS A . n 
A 1 11 PHE 11 29  29  PHE PHE A . n 
A 1 12 SER 12 30  30  SER SER A . n 
A 1 13 LYS 13 31  31  LYS LYS A . n 
A 1 14 ARG 14 32  32  ARG ARG A . n 
A 1 15 ASP 15 33  33  ASP ASP A . n 
A 1 16 GLU 16 34  34  GLU GLU A . n 
A 1 17 ASP 17 35  35  ASP ASP A . n 
A 1 18 GLY 18 36  36  GLY GLY A . n 
A 1 19 LYS 19 37  37  LYS LYS A . n 
A 1 20 GLU 20 38  38  GLU GLU A . n 
A 1 21 LEU 21 39  39  LEU LEU A . n 
A 1 22 ALA 22 40  40  ALA ALA A . n 
A 1 23 GLY 23 41  41  GLY GLY A . n 
A 1 24 ALA 24 42  42  ALA ALA A . n 
A 1 25 THR 25 43  43  THR THR A . n 
A 1 26 MET 26 44  44  MET MET A . n 
A 1 27 GLU 27 45  45  GLU GLU A . n 
A 1 28 LEU 28 46  46  LEU LEU A . n 
A 1 29 ARG 29 47  47  ARG ARG A . n 
A 1 30 ASP 30 48  48  ASP ASP A . n 
A 1 31 SER 31 49  49  SER SER A . n 
A 1 32 SER 32 50  50  SER SER A . n 
A 1 33 GLY 33 51  51  GLY GLY A . n 
A 1 34 LYS 34 52  52  LYS LYS A . n 
A 1 35 THR 35 53  53  THR THR A . n 
A 1 36 ILE 36 54  54  ILE ILE A . n 
A 1 37 SER 37 55  55  SER SER A . n 
A 1 38 THR 38 56  56  THR THR A . n 
A 1 39 TRP 39 57  57  TRP TRP A . n 
A 1 40 ILE 40 58  58  ILE ILE A . n 
A 1 41 SER 41 59  59  SER SER A . n 
A 1 42 ASP 42 60  60  ASP ASP A . n 
A 1 43 GLY 43 61  61  GLY GLY A . n 
A 1 44 GLN 44 62  62  GLN GLN A . n 
A 1 45 VAL 45 63  63  VAL VAL A . n 
A 1 46 LYS 46 64  64  LYS LYS A . n 
A 1 47 ASP 47 65  65  ASP ASP A . n 
A 1 48 PHE 48 66  66  PHE PHE A . n 
A 1 49 TYR 49 67  67  TYR TYR A . n 
A 1 50 LEU 50 68  68  LEU LEU A . n 
A 1 51 TYR 51 69  69  TYR TYR A . n 
A 1 52 PRO 52 70  70  PRO PRO A . n 
A 1 53 GLY 53 71  71  GLY GLY A . n 
A 1 54 LYS 54 72  72  LYS LYS A . n 
A 1 55 TYR 55 73  73  TYR TYR A . n 
A 1 56 THR 56 74  74  THR THR A . n 
A 1 57 PHE 57 75  75  PHE PHE A . n 
A 1 58 VAL 58 76  76  VAL VAL A . n 
A 1 59 GLU 59 77  77  GLU GLU A . n 
A 1 60 THR 60 78  78  THR THR A . n 
A 1 61 ALA 61 79  79  ALA ALA A . n 
A 1 62 ALA 62 80  80  ALA ALA A . n 
A 1 63 PRO 63 81  81  PRO PRO A . n 
A 1 64 ASP 64 82  82  ASP ASP A . n 
A 1 65 GLY 65 83  83  GLY GLY A . n 
A 1 66 TYR 66 84  84  TYR TYR A . n 
A 1 67 GLU 67 85  85  GLU GLU A . n 
A 1 68 VAL 68 86  86  VAL VAL A . n 
A 1 69 ALA 69 87  87  ALA ALA A . n 
A 1 70 THR 70 88  88  THR THR A . n 
A 1 71 ALA 71 89  89  ALA ALA A . n 
A 1 72 ILE 72 90  90  ILE ILE A . n 
A 1 73 THR 73 91  91  THR THR A . n 
A 1 74 PHE 74 92  92  PHE PHE A . n 
A 1 75 THR 75 93  93  THR THR A . n 
A 1 76 VAL 76 94  94  VAL VAL A . n 
A 1 77 ASN 77 95  95  ASN ASN A . n 
A 1 78 GLU 78 96  96  GLU GLU A . n 
A 1 79 GLN 79 97  97  GLN GLN A . n 
A 1 80 GLY 80 98  98  GLY GLY A . n 
A 1 81 GLN 81 99  99  GLN GLN A . n 
A 1 82 VAL 82 100 100 VAL VAL A . n 
A 1 83 THR 83 101 101 THR THR A . n 
A 1 84 VAL 84 102 102 VAL VAL A . n 
A 1 85 ASN 85 103 103 ASN ASN A . n 
A 1 86 GLY 86 104 ?   ?   ?   A . n 
A 1 87 LYS 87 105 ?   ?   ?   A . n 
A 1 88 ALA 88 106 ?   ?   ?   A . n 
A 1 89 THR 89 107 ?   ?   ?   A . n 
A 1 90 LYS 90 108 ?   ?   ?   A . n 
A 1 91 GLY 91 109 ?   ?   ?   A . n 
A 1 92 ASP 92 110 ?   ?   ?   A . n 
A 1 93 ALA 93 111 ?   ?   ?   A . n 
A 1 94 HIS 94 112 ?   ?   ?   A . n 
A 1 95 ILE 95 113 ?   ?   ?   A . n 
B 2 1  ALA 1  111 111 ALA ALA B . n 
B 2 2  HIS 2  112 112 HIS HIS B . n 
B 2 3  ILE 3  113 113 ILE ILE B . n 
B 2 4  VAL 4  114 114 VAL VAL B . n 
B 2 5  MET 5  115 115 MET MET B . n 
B 2 6  VAL 6  116 116 VAL VAL B . n 
B 2 7  ASP 7  117 117 ASP ASP B . n 
B 2 8  ALA 8  118 118 ALA ALA B . n 
B 2 9  TYR 9  119 119 TYR TYR B . n 
B 2 10 LYS 10 120 120 LYS LYS B . n 
B 2 11 PRO 11 121 121 PRO PRO B . n 
B 2 12 THR 12 122 122 THR THR B . n 
B 2 13 LYS 13 123 ?   ?   ?   B . n 
# 
loop_
_pdbx_nonpoly_scheme.asym_id 
_pdbx_nonpoly_scheme.entity_id 
_pdbx_nonpoly_scheme.mon_id 
_pdbx_nonpoly_scheme.ndb_seq_num 
_pdbx_nonpoly_scheme.pdb_seq_num 
_pdbx_nonpoly_scheme.auth_seq_num 
_pdbx_nonpoly_scheme.pdb_mon_id 
_pdbx_nonpoly_scheme.auth_mon_id 
_pdbx_nonpoly_scheme.pdb_strand_id 
_pdbx_nonpoly_scheme.pdb_ins_code 
C 3 HOH 1  201 1  HOH HOH A . 
C 3 HOH 2  202 2  HOH HOH A . 
C 3 HOH 3  203 3  HOH HOH A . 
C 3 HOH 4  204 4  HOH HOH A . 
C 3 HOH 5  205 5  HOH HOH A . 
C 3 HOH 6  206 6  HOH HOH A . 
C 3 HOH 7  207 7  HOH HOH A . 
C 3 HOH 8  208 8  HOH HOH A . 
C 3 HOH 9  209 9  HOH HOH A . 
C 3 HOH 10 210 10 HOH HOH A . 
C 3 HOH 11 211 11 HOH HOH A . 
C 3 HOH 12 212 12 HOH HOH A . 
C 3 HOH 13 213 13 HOH HOH A . 
C 3 HOH 14 214 15 HOH HOH A . 
C 3 HOH 15 215 16 HOH HOH A . 
C 3 HOH 16 216 19 HOH HOH A . 
C 3 HOH 17 217 20 HOH HOH A . 
C 3 HOH 18 218 21 HOH HOH A . 
C 3 HOH 19 219 22 HOH HOH A . 
C 3 HOH 20 220 23 HOH HOH A . 
C 3 HOH 21 221 24 HOH HOH A . 
C 3 HOH 22 222 25 HOH HOH A . 
C 3 HOH 23 223 26 HOH HOH A . 
C 3 HOH 24 224 28 HOH HOH A . 
C 3 HOH 25 225 29 HOH HOH A . 
C 3 HOH 26 226 30 HOH HOH A . 
C 3 HOH 27 227 31 HOH HOH A . 
C 3 HOH 28 228 32 HOH HOH A . 
C 3 HOH 29 229 33 HOH HOH A . 
C 3 HOH 30 230 34 HOH HOH A . 
C 3 HOH 31 231 35 HOH HOH A . 
C 3 HOH 32 232 36 HOH HOH A . 
C 3 HOH 33 233 40 HOH HOH A . 
C 3 HOH 34 234 41 HOH HOH A . 
C 3 HOH 35 235 44 HOH HOH A . 
C 3 HOH 36 236 45 HOH HOH A . 
C 3 HOH 37 237 46 HOH HOH A . 
C 3 HOH 38 238 51 HOH HOH A . 
C 3 HOH 39 239 52 HOH HOH A . 
C 3 HOH 40 240 55 HOH HOH A . 
C 3 HOH 41 241 59 HOH HOH A . 
C 3 HOH 42 242 60 HOH HOH A . 
C 3 HOH 43 243 61 HOH HOH A . 
C 3 HOH 44 244 65 HOH HOH A . 
C 3 HOH 45 245 66 HOH HOH A . 
C 3 HOH 46 246 67 HOH HOH A . 
C 3 HOH 47 247 68 HOH HOH A . 
C 3 HOH 48 248 70 HOH HOH A . 
C 3 HOH 49 249 71 HOH HOH A . 
C 3 HOH 50 250 74 HOH HOH A . 
C 3 HOH 51 251 75 HOH HOH A . 
D 3 HOH 1  201 14 HOH HOH B . 
D 3 HOH 2  202 17 HOH HOH B . 
D 3 HOH 3  203 18 HOH HOH B . 
D 3 HOH 4  204 43 HOH HOH B . 
D 3 HOH 5  205 53 HOH HOH B . 
D 3 HOH 6  206 54 HOH HOH B . 
D 3 HOH 7  207 57 HOH HOH B . 
D 3 HOH 8  208 64 HOH HOH B . 
D 3 HOH 9  209 72 HOH HOH B . 
D 3 HOH 10 210 73 HOH HOH B . 
# 
loop_
_software.name 
_software.classification 
_software.version 
_software.citation_id 
_software.pdbx_ordinal 
HKL-2000 'data collection' .                             ? 1 
PHASER   phasing           .                             ? 2 
PHENIX   refinement        '(phenix.refine: 1.8.2_1309)' ? 3 
HKL-2000 'data reduction'  .                             ? 4 
HKL-2000 'data scaling'    .                             ? 5 
# 
_cell.entry_id           4MLS 
_cell.length_a           71.129 
_cell.length_b           30.474 
_cell.length_c           39.878 
_cell.angle_alpha        90.00 
_cell.angle_beta         98.93 
_cell.angle_gamma        90.00 
_cell.Z_PDB              4 
_cell.pdbx_unique_axis   ? 
_cell.length_a_esd       ? 
_cell.length_b_esd       ? 
_cell.length_c_esd       ? 
_cell.angle_alpha_esd    ? 
_cell.angle_beta_esd     ? 
_cell.angle_gamma_esd    ? 
# 
_symmetry.entry_id                         4MLS 
_symmetry.space_group_name_H-M             'C 1 2 1' 
_symmetry.pdbx_full_space_group_name_H-M   ? 
_symmetry.cell_setting                     ? 
_symmetry.Int_Tables_number                5 
_symmetry.space_group_name_Hall            ? 
# 
_exptl.entry_id          4MLS 
_exptl.method            'X-RAY DIFFRACTION' 
_exptl.crystals_number   1 
# 
_exptl_crystal.id                    1 
_exptl_crystal.density_meas          ? 
_exptl_crystal.density_Matthews      1.83 
_exptl_crystal.density_percent_sol   32.77 
_exptl_crystal.description           ? 
_exptl_crystal.F_000                 ? 
_exptl_crystal.preparation           ? 
# 
_exptl_crystal_grow.crystal_id      1 
_exptl_crystal_grow.method          'VAPOR DIFFUSION, HANGING DROP' 
_exptl_crystal_grow.temp            295 
_exptl_crystal_grow.temp_details    ? 
_exptl_crystal_grow.pH              4.5 
_exptl_crystal_grow.pdbx_details    
'Sodium Acetate 0.1M pH4.5, NaCl 200mM, PEG3350 30%, Glycerol 5%, VAPOR DIFFUSION, HANGING DROP, temperature 295KK' 
_exptl_crystal_grow.pdbx_pH_range   ? 
# 
_diffrn.id                     1 
_diffrn.ambient_temp           100 
_diffrn.ambient_temp_details   ? 
_diffrn.crystal_id             1 
# 
_diffrn_detector.diffrn_id              1 
_diffrn_detector.detector               PIXEL 
_diffrn_detector.type                   'PSI PILATUS 6M' 
_diffrn_detector.pdbx_collection_date   2012-10-11 
_diffrn_detector.details                ? 
# 
_diffrn_radiation.diffrn_id                        1 
_diffrn_radiation.wavelength_id                    1 
_diffrn_radiation.pdbx_monochromatic_or_laue_m_l   M 
_diffrn_radiation.monochromator                    'Si(111)' 
_diffrn_radiation.pdbx_diffrn_protocol             'SINGLE WAVELENGTH' 
_diffrn_radiation.pdbx_scattering_type             x-ray 
# 
_diffrn_radiation_wavelength.id           1 
_diffrn_radiation_wavelength.wavelength   0.97920 
_diffrn_radiation_wavelength.wt           1.0 
# 
_diffrn_source.diffrn_id                   1 
_diffrn_source.source                      SYNCHROTRON 
_diffrn_source.type                        'APS BEAMLINE 24-ID-C' 
_diffrn_source.pdbx_synchrotron_site       APS 
_diffrn_source.pdbx_synchrotron_beamline   24-ID-C 
_diffrn_source.pdbx_wavelength             ? 
_diffrn_source.pdbx_wavelength_list        0.97920 
# 
_reflns.entry_id                     4MLS 
_reflns.observed_criterion_sigma_I   -3 
_reflns.observed_criterion_sigma_F   0 
_reflns.d_resolution_low             50 
_reflns.d_resolution_high            1.984 
_reflns.number_obs                   5530 
_reflns.number_all                   5858 
_reflns.percent_possible_obs         94.4 
_reflns.pdbx_Rmerge_I_obs            0.117 
_reflns.pdbx_Rsym_value              0.117 
_reflns.pdbx_netI_over_sigmaI        12.6 
_reflns.B_iso_Wilson_estimate        24.7 
_reflns.pdbx_redundancy              3.0 
_reflns.R_free_details               ? 
_reflns.limit_h_max                  ? 
_reflns.limit_h_min                  ? 
_reflns.limit_k_max                  ? 
_reflns.limit_k_min                  ? 
_reflns.limit_l_max                  ? 
_reflns.limit_l_min                  ? 
_reflns.observed_criterion_F_max     ? 
_reflns.observed_criterion_F_min     ? 
_reflns.pdbx_chi_squared             ? 
_reflns.pdbx_scaling_rejects         ? 
_reflns.pdbx_ordinal                 1 
_reflns.pdbx_diffrn_id               1 
# 
_reflns_shell.d_res_high             2.00 
_reflns_shell.d_res_low              2.03 
_reflns_shell.percent_possible_all   94.6 
_reflns_shell.Rmerge_I_obs           0.362 
_reflns_shell.pdbx_Rsym_value        0.362 
_reflns_shell.meanI_over_sigI_obs    5.2 
_reflns_shell.pdbx_redundancy        2.9 
_reflns_shell.percent_possible_obs   ? 
_reflns_shell.number_unique_all      281 
_reflns_shell.number_measured_all    ? 
_reflns_shell.number_measured_obs    ? 
_reflns_shell.number_unique_obs      ? 
_reflns_shell.pdbx_chi_squared       ? 
_reflns_shell.pdbx_ordinal           1 
_reflns_shell.pdbx_diffrn_id         1 
# 
_refine.entry_id                                 4MLS 
_refine.ls_number_reflns_obs                     5508 
_refine.ls_number_reflns_all                     6006 
_refine.pdbx_ls_sigma_I                          ? 
_refine.pdbx_ls_sigma_F                          1.41 
_refine.pdbx_data_cutoff_high_absF               ? 
_refine.pdbx_data_cutoff_low_absF                ? 
_refine.pdbx_data_cutoff_high_rms_absF           ? 
_refine.ls_d_res_low                             39.394 
_refine.ls_d_res_high                            1.984 
_refine.ls_percent_reflns_obs                    91.71 
_refine.ls_R_factor_obs                          0.2111 
_refine.ls_R_factor_all                          0.2111 
_refine.ls_R_factor_R_work                       0.2099 
_refine.ls_R_factor_R_free                       0.2368 
_refine.ls_R_factor_R_free_error                 ? 
_refine.ls_R_factor_R_free_error_details         ? 
_refine.ls_percent_reflns_R_free                 4.47 
_refine.ls_number_reflns_R_free                  246 
_refine.ls_number_parameters                     ? 
_refine.ls_number_restraints                     ? 
_refine.occupancy_min                            ? 
_refine.occupancy_max                            ? 
_refine.correlation_coeff_Fo_to_Fc               ? 
_refine.correlation_coeff_Fo_to_Fc_free          ? 
_refine.B_iso_mean                               ? 
_refine.aniso_B[1][1]                            ? 
_refine.aniso_B[2][2]                            ? 
_refine.aniso_B[3][3]                            ? 
_refine.aniso_B[1][2]                            ? 
_refine.aniso_B[1][3]                            ? 
_refine.aniso_B[2][3]                            ? 
_refine.solvent_model_details                    'FLAT BULK SOLVENT MODEL' 
_refine.solvent_model_param_ksol                 ? 
_refine.solvent_model_param_bsol                 ? 
_refine.pdbx_solvent_vdw_probe_radii             1.11 
_refine.pdbx_solvent_ion_probe_radii             ? 
_refine.pdbx_solvent_shrinkage_radii             0.90 
_refine.pdbx_ls_cross_valid_method               ? 
_refine.details                                  ? 
_refine.pdbx_starting_model                      'PDB ENTRY 2X5P' 
_refine.pdbx_method_to_determine_struct          'MOLECULAR REPLACEMENT' 
_refine.pdbx_isotropic_thermal_model             ? 
_refine.pdbx_stereochemistry_target_values       ML 
_refine.pdbx_stereochem_target_val_spec_case     ? 
_refine.pdbx_R_Free_selection_details            Random 
_refine.pdbx_overall_ESU_R                       ? 
_refine.pdbx_overall_ESU_R_Free                  ? 
_refine.overall_SU_ML                            0.30 
_refine.pdbx_overall_phase_error                 31.25 
_refine.overall_SU_B                             ? 
_refine.overall_SU_R_Cruickshank_DPI             ? 
_refine.ls_redundancy_reflns_obs                 ? 
_refine.B_iso_min                                ? 
_refine.B_iso_max                                ? 
_refine.overall_SU_R_free                        ? 
_refine.ls_wR_factor_R_free                      ? 
_refine.ls_wR_factor_R_work                      ? 
_refine.overall_FOM_free_R_set                   ? 
_refine.overall_FOM_work_R_set                   ? 
_refine.pdbx_diffrn_id                           1 
_refine.pdbx_refine_id                           'X-RAY DIFFRACTION' 
_refine.pdbx_TLS_residual_ADP_flag               ? 
_refine.pdbx_overall_SU_R_free_Cruickshank_DPI   ? 
_refine.pdbx_overall_SU_R_Blow_DPI               ? 
_refine.pdbx_overall_SU_R_free_Blow_DPI          ? 
# 
_refine_hist.pdbx_refine_id                   'X-RAY DIFFRACTION' 
_refine_hist.cycle_id                         LAST 
_refine_hist.pdbx_number_atoms_protein        718 
_refine_hist.pdbx_number_atoms_nucleic_acid   0 
_refine_hist.pdbx_number_atoms_ligand         0 
_refine_hist.number_atoms_solvent             61 
_refine_hist.number_atoms_total               779 
_refine_hist.d_res_high                       1.984 
_refine_hist.d_res_low                        39.394 
# 
loop_
_refine_ls_restr.type 
_refine_ls_restr.dev_ideal 
_refine_ls_restr.dev_ideal_target 
_refine_ls_restr.weight 
_refine_ls_restr.number 
_refine_ls_restr.pdbx_restraint_function 
_refine_ls_restr.pdbx_refine_id 
f_bond_d           0.008  ? ? 745  ? 'X-RAY DIFFRACTION' 
f_angle_d          1.111  ? ? 1014 ? 'X-RAY DIFFRACTION' 
f_dihedral_angle_d 12.086 ? ? 267  ? 'X-RAY DIFFRACTION' 
f_chiral_restr     0.073  ? ? 116  ? 'X-RAY DIFFRACTION' 
f_plane_restr      0.005  ? ? 129  ? 'X-RAY DIFFRACTION' 
# 
loop_
_refine_ls_shell.pdbx_total_number_of_bins_used 
_refine_ls_shell.d_res_high 
_refine_ls_shell.d_res_low 
_refine_ls_shell.number_reflns_R_work 
_refine_ls_shell.R_factor_R_work 
_refine_ls_shell.percent_reflns_obs 
_refine_ls_shell.R_factor_R_free 
_refine_ls_shell.R_factor_R_free_error 
_refine_ls_shell.percent_reflns_R_free 
_refine_ls_shell.number_reflns_R_free 
_refine_ls_shell.number_reflns_all 
_refine_ls_shell.R_factor_all 
_refine_ls_shell.number_reflns_obs 
_refine_ls_shell.redundancy_reflns_obs 
_refine_ls_shell.pdbx_refine_id 
. 1.984  2.4993  2548 0.2618 90.00 0.3388 . . 128 . . . . 'X-RAY DIFFRACTION' 
. 2.4993 39.4022 2714 0.1940 93.00 0.2041 . . 118 . . . . 'X-RAY DIFFRACTION' 
# 
_struct.entry_id                  4MLS 
_struct.title                     'Crystal structure of the SpyTag and SpyCatcher-deltaN1 complex' 
_struct.pdbx_model_details        ? 
_struct.pdbx_CASP_flag            ? 
_struct.pdbx_model_type_details   ? 
# 
_struct_keywords.entry_id        4MLS 
_struct_keywords.pdbx_keywords   'PEPTIDE BINDING PROTEIN' 
_struct_keywords.text            'Isopeptide bond, SpyCatcher, Protein engineering, PEPTIDE BINDING PROTEIN' 
# 
loop_
_struct_asym.id 
_struct_asym.pdbx_blank_PDB_chainid_flag 
_struct_asym.pdbx_modified 
_struct_asym.entity_id 
_struct_asym.details 
A N N 1 ? 
B N N 2 ? 
C N N 3 ? 
D N N 3 ? 
# 
loop_
_struct_ref.id 
_struct_ref.db_name 
_struct_ref.db_code 
_struct_ref.pdbx_db_accession 
_struct_ref.entity_id 
_struct_ref.pdbx_seq_one_letter_code 
_struct_ref.pdbx_align_begin 
_struct_ref.pdbx_db_isoform 
1 UNP Q8G9G1_STRPY Q8G9G1 1 
;DSATHIKFSKRDIDGKELAGATMELRDSSGKTISTWISDGQVKDFYLMPGKYTFVETAAPDGYEVATAITFTVNEQGQVT
VNGKATKGDAHI
;
461 ? 
2 PDB 4MLS         4MLS   2 AHIVMVDAYKPTK                                                                                   ?   ? 
# 
loop_
_struct_ref_seq.align_id 
_struct_ref_seq.ref_id 
_struct_ref_seq.pdbx_PDB_id_code 
_struct_ref_seq.pdbx_strand_id 
_struct_ref_seq.seq_align_beg 
_struct_ref_seq.pdbx_seq_align_beg_ins_code 
_struct_ref_seq.seq_align_end 
_struct_ref_seq.pdbx_seq_align_end_ins_code 
_struct_ref_seq.pdbx_db_accession 
_struct_ref_seq.db_align_beg 
_struct_ref_seq.pdbx_db_align_beg_ins_code 
_struct_ref_seq.db_align_end 
_struct_ref_seq.pdbx_db_align_end_ins_code 
_struct_ref_seq.pdbx_auth_seq_align_beg 
_struct_ref_seq.pdbx_auth_seq_align_end 
1 1 4MLS A 4 ? 95 ? Q8G9G1 461 ? 552 ? 22  113 
2 2 4MLS B 1 ? 13 ? 4MLS   111 ? 123 ? 111 123 
# 
loop_
_struct_ref_seq_dif.align_id 
_struct_ref_seq_dif.pdbx_pdb_id_code 
_struct_ref_seq_dif.mon_id 
_struct_ref_seq_dif.pdbx_pdb_strand_id 
_struct_ref_seq_dif.seq_num 
_struct_ref_seq_dif.pdbx_pdb_ins_code 
_struct_ref_seq_dif.pdbx_seq_db_name 
_struct_ref_seq_dif.pdbx_seq_db_accession_code 
_struct_ref_seq_dif.db_mon_id 
_struct_ref_seq_dif.pdbx_seq_db_seq_num 
_struct_ref_seq_dif.details 
_struct_ref_seq_dif.pdbx_auth_seq_num 
_struct_ref_seq_dif.pdbx_ordinal 
1 4MLS GLY A 1  ? UNP Q8G9G1 ?   ?   'expression tag'      19 1 
1 4MLS SER A 2  ? UNP Q8G9G1 ?   ?   'expression tag'      20 2 
1 4MLS GLY A 3  ? UNP Q8G9G1 ?   ?   'expression tag'      21 3 
1 4MLS GLU A 16 ? UNP Q8G9G1 ILE 473 'engineered mutation' 34 4 
1 4MLS TYR A 51 ? UNP Q8G9G1 MET 508 'engineered mutation' 69 5 
# 
_pdbx_struct_assembly.id                   1 
_pdbx_struct_assembly.details              author_and_software_defined_assembly 
_pdbx_struct_assembly.method_details       PISA 
_pdbx_struct_assembly.oligomeric_details   dimeric 
_pdbx_struct_assembly.oligomeric_count     2 
# 
loop_
_pdbx_struct_assembly_prop.biol_id 
_pdbx_struct_assembly_prop.type 
_pdbx_struct_assembly_prop.value 
_pdbx_struct_assembly_prop.details 
1 'ABSA (A^2)' 1690 ? 
1 MORE         -10  ? 
1 'SSA (A^2)'  5400 ? 
# 
_pdbx_struct_assembly_gen.assembly_id       1 
_pdbx_struct_assembly_gen.oper_expression   1 
_pdbx_struct_assembly_gen.asym_id_list      A,B,C,D 
# 
_pdbx_struct_oper_list.id                   1 
_pdbx_struct_oper_list.type                 'identity operation' 
_pdbx_struct_oper_list.name                 1_555 
_pdbx_struct_oper_list.symmetry_operation   x,y,z 
_pdbx_struct_oper_list.matrix[1][1]         1.0000000000 
_pdbx_struct_oper_list.matrix[1][2]         0.0000000000 
_pdbx_struct_oper_list.matrix[1][3]         0.0000000000 
_pdbx_struct_oper_list.vector[1]            0.0000000000 
_pdbx_struct_oper_list.matrix[2][1]         0.0000000000 
_pdbx_struct_oper_list.matrix[2][2]         1.0000000000 
_pdbx_struct_oper_list.matrix[2][3]         0.0000000000 
_pdbx_struct_oper_list.vector[2]            0.0000000000 
_pdbx_struct_oper_list.matrix[3][1]         0.0000000000 
_pdbx_struct_oper_list.matrix[3][2]         0.0000000000 
_pdbx_struct_oper_list.matrix[3][3]         1.0000000000 
_pdbx_struct_oper_list.vector[3]            0.0000000000 
# 
_struct_biol.id        1 
_struct_biol.details   ? 
# 
_struct_conn.id                            covale1 
_struct_conn.conn_type_id                  covale 
_struct_conn.pdbx_leaving_atom_flag        none 
_struct_conn.pdbx_PDB_id                   ? 
_struct_conn.ptnr1_label_asym_id           A 
_struct_conn.ptnr1_label_comp_id           LYS 
_struct_conn.ptnr1_label_seq_id            13 
_struct_conn.ptnr1_label_atom_id           NZ 
_struct_conn.pdbx_ptnr1_label_alt_id       ? 
_struct_conn.pdbx_ptnr1_PDB_ins_code       ? 
_struct_conn.pdbx_ptnr1_standard_comp_id   ? 
_struct_conn.ptnr1_symmetry                1_555 
_struct_conn.ptnr2_label_asym_id           B 
_struct_conn.ptnr2_label_comp_id           ASP 
_struct_conn.ptnr2_label_seq_id            7 
_struct_conn.ptnr2_label_atom_id           CG 
_struct_conn.pdbx_ptnr2_label_alt_id       ? 
_struct_conn.pdbx_ptnr2_PDB_ins_code       ? 
_struct_conn.ptnr1_auth_asym_id            A 
_struct_conn.ptnr1_auth_comp_id            LYS 
_struct_conn.ptnr1_auth_seq_id             31 
_struct_conn.ptnr2_auth_asym_id            B 
_struct_conn.ptnr2_auth_comp_id            ASP 
_struct_conn.ptnr2_auth_seq_id             117 
_struct_conn.ptnr2_symmetry                1_555 
_struct_conn.pdbx_ptnr3_label_atom_id      ? 
_struct_conn.pdbx_ptnr3_label_seq_id       ? 
_struct_conn.pdbx_ptnr3_label_comp_id      ? 
_struct_conn.pdbx_ptnr3_label_asym_id      ? 
_struct_conn.pdbx_ptnr3_label_alt_id       ? 
_struct_conn.pdbx_ptnr3_PDB_ins_code       ? 
_struct_conn.details                       ? 
_struct_conn.pdbx_dist_value               1.339 
_struct_conn.pdbx_value_order              ? 
_struct_conn.pdbx_role                     ? 
# 
_struct_conn_type.id          covale 
_struct_conn_type.criteria    ? 
_struct_conn_type.reference   ? 
# 
_pdbx_modification_feature.ordinal                            1 
_pdbx_modification_feature.label_comp_id                      LYS 
_pdbx_modification_feature.label_asym_id                      A 
_pdbx_modification_feature.label_seq_id                       13 
_pdbx_modification_feature.label_alt_id                       ? 
_pdbx_modification_feature.modified_residue_label_comp_id     ASP 
_pdbx_modification_feature.modified_residue_label_asym_id     B 
_pdbx_modification_feature.modified_residue_label_seq_id      7 
_pdbx_modification_feature.modified_residue_label_alt_id      ? 
_pdbx_modification_feature.auth_comp_id                       LYS 
_pdbx_modification_feature.auth_asym_id                       A 
_pdbx_modification_feature.auth_seq_id                        31 
_pdbx_modification_feature.PDB_ins_code                       ? 
_pdbx_modification_feature.symmetry                           1_555 
_pdbx_modification_feature.modified_residue_auth_comp_id      ASP 
_pdbx_modification_feature.modified_residue_auth_asym_id      B 
_pdbx_modification_feature.modified_residue_auth_seq_id       117 
_pdbx_modification_feature.modified_residue_PDB_ins_code      ? 
_pdbx_modification_feature.modified_residue_symmetry          1_555 
_pdbx_modification_feature.comp_id_linking_atom               NZ 
_pdbx_modification_feature.modified_residue_id_linking_atom   CG 
_pdbx_modification_feature.modified_residue_id                . 
_pdbx_modification_feature.ref_pcm_id                         . 
_pdbx_modification_feature.ref_comp_id                        . 
_pdbx_modification_feature.type                               None 
_pdbx_modification_feature.category                           'Isopeptide bond' 
# 
loop_
_struct_sheet.id 
_struct_sheet.type 
_struct_sheet.number_strands 
_struct_sheet.details 
A ? 3 ? 
B ? 5 ? 
# 
loop_
_struct_sheet_order.sheet_id 
_struct_sheet_order.range_id_1 
_struct_sheet_order.range_id_2 
_struct_sheet_order.offset 
_struct_sheet_order.sense 
A 1 2 ? anti-parallel 
A 2 3 ? parallel      
B 1 2 ? anti-parallel 
B 2 3 ? anti-parallel 
B 3 4 ? anti-parallel 
B 4 5 ? anti-parallel 
# 
loop_
_struct_sheet_range.sheet_id 
_struct_sheet_range.id 
_struct_sheet_range.beg_label_comp_id 
_struct_sheet_range.beg_label_asym_id 
_struct_sheet_range.beg_label_seq_id 
_struct_sheet_range.pdbx_beg_PDB_ins_code 
_struct_sheet_range.end_label_comp_id 
_struct_sheet_range.end_label_asym_id 
_struct_sheet_range.end_label_seq_id 
_struct_sheet_range.pdbx_end_PDB_ins_code 
_struct_sheet_range.beg_auth_comp_id 
_struct_sheet_range.beg_auth_asym_id 
_struct_sheet_range.beg_auth_seq_id 
_struct_sheet_range.end_auth_comp_id 
_struct_sheet_range.end_auth_asym_id 
_struct_sheet_range.end_auth_seq_id 
A 1 LYS A 46 ? LEU A 50 ? LYS A 64  LEU A 68  
A 2 THR A 7  ? ARG A 14 ? THR A 25  ARG A 32  
A 3 HIS B 2  ? VAL B 6  ? HIS B 112 VAL B 116 
B 1 THR A 35 ? ILE A 40 ? THR A 53  ILE A 58  
B 2 THR A 25 ? ASP A 30 ? THR A 43  ASP A 48  
B 3 GLY A 53 ? ALA A 61 ? GLY A 71  ALA A 79  
B 4 ILE A 72 ? VAL A 76 ? ILE A 90  VAL A 94  
B 5 VAL A 82 ? VAL A 84 ? VAL A 100 VAL A 102 
# 
loop_
_pdbx_struct_sheet_hbond.sheet_id 
_pdbx_struct_sheet_hbond.range_id_1 
_pdbx_struct_sheet_hbond.range_id_2 
_pdbx_struct_sheet_hbond.range_1_label_atom_id 
_pdbx_struct_sheet_hbond.range_1_label_comp_id 
_pdbx_struct_sheet_hbond.range_1_label_asym_id 
_pdbx_struct_sheet_hbond.range_1_label_seq_id 
_pdbx_struct_sheet_hbond.range_1_PDB_ins_code 
_pdbx_struct_sheet_hbond.range_1_auth_atom_id 
_pdbx_struct_sheet_hbond.range_1_auth_comp_id 
_pdbx_struct_sheet_hbond.range_1_auth_asym_id 
_pdbx_struct_sheet_hbond.range_1_auth_seq_id 
_pdbx_struct_sheet_hbond.range_2_label_atom_id 
_pdbx_struct_sheet_hbond.range_2_label_comp_id 
_pdbx_struct_sheet_hbond.range_2_label_asym_id 
_pdbx_struct_sheet_hbond.range_2_label_seq_id 
_pdbx_struct_sheet_hbond.range_2_PDB_ins_code 
_pdbx_struct_sheet_hbond.range_2_auth_atom_id 
_pdbx_struct_sheet_hbond.range_2_auth_comp_id 
_pdbx_struct_sheet_hbond.range_2_auth_asym_id 
_pdbx_struct_sheet_hbond.range_2_auth_seq_id 
A 1 2 O PHE A 48 ? O PHE A 66 N ILE A 9  ? N ILE A 27  
A 2 3 N LYS A 10 ? N LYS A 28 O ILE B 3  ? O ILE B 113 
B 1 2 O ILE A 36 ? O ILE A 54 N LEU A 28 ? N LEU A 46  
B 2 3 N GLU A 27 ? N GLU A 45 O VAL A 58 ? O VAL A 76  
B 3 4 N TYR A 55 ? N TYR A 73 O PHE A 74 ? O PHE A 92  
B 4 5 N THR A 75 ? N THR A 93 O THR A 83 ? O THR A 101 
# 
_pdbx_entry_details.entry_id                   4MLS 
_pdbx_entry_details.compound_details           ? 
_pdbx_entry_details.source_details             ? 
_pdbx_entry_details.nonpolymer_details         ? 
_pdbx_entry_details.sequence_details           ? 
_pdbx_entry_details.has_ligand_of_interest     ? 
_pdbx_entry_details.has_protein_modification   Y 
# 
loop_
_pdbx_validate_close_contact.id 
_pdbx_validate_close_contact.PDB_model_num 
_pdbx_validate_close_contact.auth_atom_id_1 
_pdbx_validate_close_contact.auth_asym_id_1 
_pdbx_validate_close_contact.auth_comp_id_1 
_pdbx_validate_close_contact.auth_seq_id_1 
_pdbx_validate_close_contact.PDB_ins_code_1 
_pdbx_validate_close_contact.label_alt_id_1 
_pdbx_validate_close_contact.auth_atom_id_2 
_pdbx_validate_close_contact.auth_asym_id_2 
_pdbx_validate_close_contact.auth_comp_id_2 
_pdbx_validate_close_contact.auth_seq_id_2 
_pdbx_validate_close_contact.PDB_ins_code_2 
_pdbx_validate_close_contact.label_alt_id_2 
_pdbx_validate_close_contact.dist 
1 1 O   B HOH 201 ? ? O B HOH 206 ? ? 1.94 
2 1 OE1 A GLN 99  ? B O A HOH 233 ? ? 2.19 
# 
_pdbx_validate_symm_contact.id                1 
_pdbx_validate_symm_contact.PDB_model_num     1 
_pdbx_validate_symm_contact.auth_atom_id_1    NZ 
_pdbx_validate_symm_contact.auth_asym_id_1    A 
_pdbx_validate_symm_contact.auth_comp_id_1    LYS 
_pdbx_validate_symm_contact.auth_seq_id_1     52 
_pdbx_validate_symm_contact.PDB_ins_code_1    ? 
_pdbx_validate_symm_contact.label_alt_id_1    ? 
_pdbx_validate_symm_contact.site_symmetry_1   1_555 
_pdbx_validate_symm_contact.auth_atom_id_2    OD1 
_pdbx_validate_symm_contact.auth_asym_id_2    A 
_pdbx_validate_symm_contact.auth_comp_id_2    ASP 
_pdbx_validate_symm_contact.auth_seq_id_2     82 
_pdbx_validate_symm_contact.PDB_ins_code_2    ? 
_pdbx_validate_symm_contact.label_alt_id_2    ? 
_pdbx_validate_symm_contact.site_symmetry_2   4_746 
_pdbx_validate_symm_contact.dist              2.17 
# 
_pdbx_struct_special_symmetry.id              1 
_pdbx_struct_special_symmetry.PDB_model_num   1 
_pdbx_struct_special_symmetry.auth_asym_id    A 
_pdbx_struct_special_symmetry.auth_comp_id    HOH 
_pdbx_struct_special_symmetry.auth_seq_id     201 
_pdbx_struct_special_symmetry.PDB_ins_code    ? 
_pdbx_struct_special_symmetry.label_asym_id   C 
_pdbx_struct_special_symmetry.label_comp_id   HOH 
_pdbx_struct_special_symmetry.label_seq_id    . 
# 
loop_
_pdbx_refine_tls.pdbx_refine_id 
_pdbx_refine_tls.id 
_pdbx_refine_tls.details 
_pdbx_refine_tls.method 
_pdbx_refine_tls.origin_x 
_pdbx_refine_tls.origin_y 
_pdbx_refine_tls.origin_z 
_pdbx_refine_tls.T[1][1] 
_pdbx_refine_tls.T[2][2] 
_pdbx_refine_tls.T[3][3] 
_pdbx_refine_tls.T[1][2] 
_pdbx_refine_tls.T[1][3] 
_pdbx_refine_tls.T[2][3] 
_pdbx_refine_tls.L[1][1] 
_pdbx_refine_tls.L[2][2] 
_pdbx_refine_tls.L[3][3] 
_pdbx_refine_tls.L[1][2] 
_pdbx_refine_tls.L[1][3] 
_pdbx_refine_tls.L[2][3] 
_pdbx_refine_tls.S[1][1] 
_pdbx_refine_tls.S[1][2] 
_pdbx_refine_tls.S[1][3] 
_pdbx_refine_tls.S[2][1] 
_pdbx_refine_tls.S[2][2] 
_pdbx_refine_tls.S[2][3] 
_pdbx_refine_tls.S[3][1] 
_pdbx_refine_tls.S[3][2] 
_pdbx_refine_tls.S[3][3] 
'X-RAY DIFFRACTION' 1 ? refined 0.6947  -1.3852 -0.7964 0.1955 0.2119 0.2396 0.0560 -0.0062 0.0735 2.7614 3.7002 7.4336 0.1771 -0.8474 2.3784  0.0450 0.2540  0.1915 -0.1138 -0.0873 -0.0569 -0.2451 -0.2283 0.0489 
'X-RAY DIFFRACTION' 2 ? refined -2.5801 9.0257  4.4948  0.4332 0.2459 0.3700 0.0694 -0.0585 0.0764 3.8199 2.2873 4.6961 1.3766 -0.9483 -1.2549 0.0302 -0.0860 0.5199 0.4784  0.0058  -0.0497 -0.3954 0.1337  0.0127 
# 
loop_
_pdbx_refine_tls_group.pdbx_refine_id 
_pdbx_refine_tls_group.id 
_pdbx_refine_tls_group.refine_tls_id 
_pdbx_refine_tls_group.beg_auth_asym_id 
_pdbx_refine_tls_group.beg_auth_seq_id 
_pdbx_refine_tls_group.beg_label_asym_id 
_pdbx_refine_tls_group.beg_label_seq_id 
_pdbx_refine_tls_group.end_auth_asym_id 
_pdbx_refine_tls_group.end_auth_seq_id 
_pdbx_refine_tls_group.end_label_asym_id 
_pdbx_refine_tls_group.end_label_seq_id 
_pdbx_refine_tls_group.selection 
_pdbx_refine_tls_group.selection_details 
'X-RAY DIFFRACTION' 1 1 ? ? ? ? ? ? ? ? ? 'chain A' 
'X-RAY DIFFRACTION' 2 2 ? ? ? ? ? ? ? ? ? 'chain B' 
# 
loop_
_pdbx_unobs_or_zero_occ_residues.id 
_pdbx_unobs_or_zero_occ_residues.PDB_model_num 
_pdbx_unobs_or_zero_occ_residues.polymer_flag 
_pdbx_unobs_or_zero_occ_residues.occupancy_flag 
_pdbx_unobs_or_zero_occ_residues.auth_asym_id 
_pdbx_unobs_or_zero_occ_residues.auth_comp_id 
_pdbx_unobs_or_zero_occ_residues.auth_seq_id 
_pdbx_unobs_or_zero_occ_residues.PDB_ins_code 
_pdbx_unobs_or_zero_occ_residues.label_asym_id 
_pdbx_unobs_or_zero_occ_residues.label_comp_id 
_pdbx_unobs_or_zero_occ_residues.label_seq_id 
1  1 Y 1 A GLY 19  ? A GLY 1  
2  1 Y 1 A SER 20  ? A SER 2  
3  1 Y 1 A GLY 21  ? A GLY 3  
4  1 Y 1 A ASP 22  ? A ASP 4  
5  1 Y 1 A GLY 104 ? A GLY 86 
6  1 Y 1 A LYS 105 ? A LYS 87 
7  1 Y 1 A ALA 106 ? A ALA 88 
8  1 Y 1 A THR 107 ? A THR 89 
9  1 Y 1 A LYS 108 ? A LYS 90 
10 1 Y 1 A GLY 109 ? A GLY 91 
11 1 Y 1 A ASP 110 ? A ASP 92 
12 1 Y 1 A ALA 111 ? A ALA 93 
13 1 Y 1 A HIS 112 ? A HIS 94 
14 1 Y 1 A ILE 113 ? A ILE 95 
15 1 Y 1 B LYS 123 ? B LYS 13 
# 
loop_
_chem_comp_atom.comp_id 
_chem_comp_atom.atom_id 
_chem_comp_atom.type_symbol 
_chem_comp_atom.pdbx_aromatic_flag 
_chem_comp_atom.pdbx_stereo_config 
_chem_comp_atom.pdbx_ordinal 
ALA N    N N N 1   
ALA CA   C N S 2   
ALA C    C N N 3   
ALA O    O N N 4   
ALA CB   C N N 5   
ALA OXT  O N N 6   
ALA H    H N N 7   
ALA H2   H N N 8   
ALA HA   H N N 9   
ALA HB1  H N N 10  
ALA HB2  H N N 11  
ALA HB3  H N N 12  
ALA HXT  H N N 13  
ARG N    N N N 14  
ARG CA   C N S 15  
ARG C    C N N 16  
ARG O    O N N 17  
ARG CB   C N N 18  
ARG CG   C N N 19  
ARG CD   C N N 20  
ARG NE   N N N 21  
ARG CZ   C N N 22  
ARG NH1  N N N 23  
ARG NH2  N N N 24  
ARG OXT  O N N 25  
ARG H    H N N 26  
ARG H2   H N N 27  
ARG HA   H N N 28  
ARG HB2  H N N 29  
ARG HB3  H N N 30  
ARG HG2  H N N 31  
ARG HG3  H N N 32  
ARG HD2  H N N 33  
ARG HD3  H N N 34  
ARG HE   H N N 35  
ARG HH11 H N N 36  
ARG HH12 H N N 37  
ARG HH21 H N N 38  
ARG HH22 H N N 39  
ARG HXT  H N N 40  
ASN N    N N N 41  
ASN CA   C N S 42  
ASN C    C N N 43  
ASN O    O N N 44  
ASN CB   C N N 45  
ASN CG   C N N 46  
ASN OD1  O N N 47  
ASN ND2  N N N 48  
ASN OXT  O N N 49  
ASN H    H N N 50  
ASN H2   H N N 51  
ASN HA   H N N 52  
ASN HB2  H N N 53  
ASN HB3  H N N 54  
ASN HD21 H N N 55  
ASN HD22 H N N 56  
ASN HXT  H N N 57  
ASP N    N N N 58  
ASP CA   C N S 59  
ASP C    C N N 60  
ASP O    O N N 61  
ASP CB   C N N 62  
ASP CG   C N N 63  
ASP OD1  O N N 64  
ASP OD2  O N N 65  
ASP OXT  O N N 66  
ASP H    H N N 67  
ASP H2   H N N 68  
ASP HA   H N N 69  
ASP HB2  H N N 70  
ASP HB3  H N N 71  
ASP HD2  H N N 72  
ASP HXT  H N N 73  
GLN N    N N N 74  
GLN CA   C N S 75  
GLN C    C N N 76  
GLN O    O N N 77  
GLN CB   C N N 78  
GLN CG   C N N 79  
GLN CD   C N N 80  
GLN OE1  O N N 81  
GLN NE2  N N N 82  
GLN OXT  O N N 83  
GLN H    H N N 84  
GLN H2   H N N 85  
GLN HA   H N N 86  
GLN HB2  H N N 87  
GLN HB3  H N N 88  
GLN HG2  H N N 89  
GLN HG3  H N N 90  
GLN HE21 H N N 91  
GLN HE22 H N N 92  
GLN HXT  H N N 93  
GLU N    N N N 94  
GLU CA   C N S 95  
GLU C    C N N 96  
GLU O    O N N 97  
GLU CB   C N N 98  
GLU CG   C N N 99  
GLU CD   C N N 100 
GLU OE1  O N N 101 
GLU OE2  O N N 102 
GLU OXT  O N N 103 
GLU H    H N N 104 
GLU H2   H N N 105 
GLU HA   H N N 106 
GLU HB2  H N N 107 
GLU HB3  H N N 108 
GLU HG2  H N N 109 
GLU HG3  H N N 110 
GLU HE2  H N N 111 
GLU HXT  H N N 112 
GLY N    N N N 113 
GLY CA   C N N 114 
GLY C    C N N 115 
GLY O    O N N 116 
GLY OXT  O N N 117 
GLY H    H N N 118 
GLY H2   H N N 119 
GLY HA2  H N N 120 
GLY HA3  H N N 121 
GLY HXT  H N N 122 
HIS N    N N N 123 
HIS CA   C N S 124 
HIS C    C N N 125 
HIS O    O N N 126 
HIS CB   C N N 127 
HIS CG   C Y N 128 
HIS ND1  N Y N 129 
HIS CD2  C Y N 130 
HIS CE1  C Y N 131 
HIS NE2  N Y N 132 
HIS OXT  O N N 133 
HIS H    H N N 134 
HIS H2   H N N 135 
HIS HA   H N N 136 
HIS HB2  H N N 137 
HIS HB3  H N N 138 
HIS HD1  H N N 139 
HIS HD2  H N N 140 
HIS HE1  H N N 141 
HIS HE2  H N N 142 
HIS HXT  H N N 143 
HOH O    O N N 144 
HOH H1   H N N 145 
HOH H2   H N N 146 
ILE N    N N N 147 
ILE CA   C N S 148 
ILE C    C N N 149 
ILE O    O N N 150 
ILE CB   C N S 151 
ILE CG1  C N N 152 
ILE CG2  C N N 153 
ILE CD1  C N N 154 
ILE OXT  O N N 155 
ILE H    H N N 156 
ILE H2   H N N 157 
ILE HA   H N N 158 
ILE HB   H N N 159 
ILE HG12 H N N 160 
ILE HG13 H N N 161 
ILE HG21 H N N 162 
ILE HG22 H N N 163 
ILE HG23 H N N 164 
ILE HD11 H N N 165 
ILE HD12 H N N 166 
ILE HD13 H N N 167 
ILE HXT  H N N 168 
LEU N    N N N 169 
LEU CA   C N S 170 
LEU C    C N N 171 
LEU O    O N N 172 
LEU CB   C N N 173 
LEU CG   C N N 174 
LEU CD1  C N N 175 
LEU CD2  C N N 176 
LEU OXT  O N N 177 
LEU H    H N N 178 
LEU H2   H N N 179 
LEU HA   H N N 180 
LEU HB2  H N N 181 
LEU HB3  H N N 182 
LEU HG   H N N 183 
LEU HD11 H N N 184 
LEU HD12 H N N 185 
LEU HD13 H N N 186 
LEU HD21 H N N 187 
LEU HD22 H N N 188 
LEU HD23 H N N 189 
LEU HXT  H N N 190 
LYS N    N N N 191 
LYS CA   C N S 192 
LYS C    C N N 193 
LYS O    O N N 194 
LYS CB   C N N 195 
LYS CG   C N N 196 
LYS CD   C N N 197 
LYS CE   C N N 198 
LYS NZ   N N N 199 
LYS OXT  O N N 200 
LYS H    H N N 201 
LYS H2   H N N 202 
LYS HA   H N N 203 
LYS HB2  H N N 204 
LYS HB3  H N N 205 
LYS HG2  H N N 206 
LYS HG3  H N N 207 
LYS HD2  H N N 208 
LYS HD3  H N N 209 
LYS HE2  H N N 210 
LYS HE3  H N N 211 
LYS HZ1  H N N 212 
LYS HZ2  H N N 213 
LYS HZ3  H N N 214 
LYS HXT  H N N 215 
MET N    N N N 216 
MET CA   C N S 217 
MET C    C N N 218 
MET O    O N N 219 
MET CB   C N N 220 
MET CG   C N N 221 
MET SD   S N N 222 
MET CE   C N N 223 
MET OXT  O N N 224 
MET H    H N N 225 
MET H2   H N N 226 
MET HA   H N N 227 
MET HB2  H N N 228 
MET HB3  H N N 229 
MET HG2  H N N 230 
MET HG3  H N N 231 
MET HE1  H N N 232 
MET HE2  H N N 233 
MET HE3  H N N 234 
MET HXT  H N N 235 
PHE N    N N N 236 
PHE CA   C N S 237 
PHE C    C N N 238 
PHE O    O N N 239 
PHE CB   C N N 240 
PHE CG   C Y N 241 
PHE CD1  C Y N 242 
PHE CD2  C Y N 243 
PHE CE1  C Y N 244 
PHE CE2  C Y N 245 
PHE CZ   C Y N 246 
PHE OXT  O N N 247 
PHE H    H N N 248 
PHE H2   H N N 249 
PHE HA   H N N 250 
PHE HB2  H N N 251 
PHE HB3  H N N 252 
PHE HD1  H N N 253 
PHE HD2  H N N 254 
PHE HE1  H N N 255 
PHE HE2  H N N 256 
PHE HZ   H N N 257 
PHE HXT  H N N 258 
PRO N    N N N 259 
PRO CA   C N S 260 
PRO C    C N N 261 
PRO O    O N N 262 
PRO CB   C N N 263 
PRO CG   C N N 264 
PRO CD   C N N 265 
PRO OXT  O N N 266 
PRO H    H N N 267 
PRO HA   H N N 268 
PRO HB2  H N N 269 
PRO HB3  H N N 270 
PRO HG2  H N N 271 
PRO HG3  H N N 272 
PRO HD2  H N N 273 
PRO HD3  H N N 274 
PRO HXT  H N N 275 
SER N    N N N 276 
SER CA   C N S 277 
SER C    C N N 278 
SER O    O N N 279 
SER CB   C N N 280 
SER OG   O N N 281 
SER OXT  O N N 282 
SER H    H N N 283 
SER H2   H N N 284 
SER HA   H N N 285 
SER HB2  H N N 286 
SER HB3  H N N 287 
SER HG   H N N 288 
SER HXT  H N N 289 
THR N    N N N 290 
THR CA   C N S 291 
THR C    C N N 292 
THR O    O N N 293 
THR CB   C N R 294 
THR OG1  O N N 295 
THR CG2  C N N 296 
THR OXT  O N N 297 
THR H    H N N 298 
THR H2   H N N 299 
THR HA   H N N 300 
THR HB   H N N 301 
THR HG1  H N N 302 
THR HG21 H N N 303 
THR HG22 H N N 304 
THR HG23 H N N 305 
THR HXT  H N N 306 
TRP N    N N N 307 
TRP CA   C N S 308 
TRP C    C N N 309 
TRP O    O N N 310 
TRP CB   C N N 311 
TRP CG   C Y N 312 
TRP CD1  C Y N 313 
TRP CD2  C Y N 314 
TRP NE1  N Y N 315 
TRP CE2  C Y N 316 
TRP CE3  C Y N 317 
TRP CZ2  C Y N 318 
TRP CZ3  C Y N 319 
TRP CH2  C Y N 320 
TRP OXT  O N N 321 
TRP H    H N N 322 
TRP H2   H N N 323 
TRP HA   H N N 324 
TRP HB2  H N N 325 
TRP HB3  H N N 326 
TRP HD1  H N N 327 
TRP HE1  H N N 328 
TRP HE3  H N N 329 
TRP HZ2  H N N 330 
TRP HZ3  H N N 331 
TRP HH2  H N N 332 
TRP HXT  H N N 333 
TYR N    N N N 334 
TYR CA   C N S 335 
TYR C    C N N 336 
TYR O    O N N 337 
TYR CB   C N N 338 
TYR CG   C Y N 339 
TYR CD1  C Y N 340 
TYR CD2  C Y N 341 
TYR CE1  C Y N 342 
TYR CE2  C Y N 343 
TYR CZ   C Y N 344 
TYR OH   O N N 345 
TYR OXT  O N N 346 
TYR H    H N N 347 
TYR H2   H N N 348 
TYR HA   H N N 349 
TYR HB2  H N N 350 
TYR HB3  H N N 351 
TYR HD1  H N N 352 
TYR HD2  H N N 353 
TYR HE1  H N N 354 
TYR HE2  H N N 355 
TYR HH   H N N 356 
TYR HXT  H N N 357 
VAL N    N N N 358 
VAL CA   C N S 359 
VAL C    C N N 360 
VAL O    O N N 361 
VAL CB   C N N 362 
VAL CG1  C N N 363 
VAL CG2  C N N 364 
VAL OXT  O N N 365 
VAL H    H N N 366 
VAL H2   H N N 367 
VAL HA   H N N 368 
VAL HB   H N N 369 
VAL HG11 H N N 370 
VAL HG12 H N N 371 
VAL HG13 H N N 372 
VAL HG21 H N N 373 
VAL HG22 H N N 374 
VAL HG23 H N N 375 
VAL HXT  H N N 376 
# 
loop_
_chem_comp_bond.comp_id 
_chem_comp_bond.atom_id_1 
_chem_comp_bond.atom_id_2 
_chem_comp_bond.value_order 
_chem_comp_bond.pdbx_aromatic_flag 
_chem_comp_bond.pdbx_stereo_config 
_chem_comp_bond.pdbx_ordinal 
ALA N   CA   sing N N 1   
ALA N   H    sing N N 2   
ALA N   H2   sing N N 3   
ALA CA  C    sing N N 4   
ALA CA  CB   sing N N 5   
ALA CA  HA   sing N N 6   
ALA C   O    doub N N 7   
ALA C   OXT  sing N N 8   
ALA CB  HB1  sing N N 9   
ALA CB  HB2  sing N N 10  
ALA CB  HB3  sing N N 11  
ALA OXT HXT  sing N N 12  
ARG N   CA   sing N N 13  
ARG N   H    sing N N 14  
ARG N   H2   sing N N 15  
ARG CA  C    sing N N 16  
ARG CA  CB   sing N N 17  
ARG CA  HA   sing N N 18  
ARG C   O    doub N N 19  
ARG C   OXT  sing N N 20  
ARG CB  CG   sing N N 21  
ARG CB  HB2  sing N N 22  
ARG CB  HB3  sing N N 23  
ARG CG  CD   sing N N 24  
ARG CG  HG2  sing N N 25  
ARG CG  HG3  sing N N 26  
ARG CD  NE   sing N N 27  
ARG CD  HD2  sing N N 28  
ARG CD  HD3  sing N N 29  
ARG NE  CZ   sing N N 30  
ARG NE  HE   sing N N 31  
ARG CZ  NH1  sing N N 32  
ARG CZ  NH2  doub N N 33  
ARG NH1 HH11 sing N N 34  
ARG NH1 HH12 sing N N 35  
ARG NH2 HH21 sing N N 36  
ARG NH2 HH22 sing N N 37  
ARG OXT HXT  sing N N 38  
ASN N   CA   sing N N 39  
ASN N   H    sing N N 40  
ASN N   H2   sing N N 41  
ASN CA  C    sing N N 42  
ASN CA  CB   sing N N 43  
ASN CA  HA   sing N N 44  
ASN C   O    doub N N 45  
ASN C   OXT  sing N N 46  
ASN CB  CG   sing N N 47  
ASN CB  HB2  sing N N 48  
ASN CB  HB3  sing N N 49  
ASN CG  OD1  doub N N 50  
ASN CG  ND2  sing N N 51  
ASN ND2 HD21 sing N N 52  
ASN ND2 HD22 sing N N 53  
ASN OXT HXT  sing N N 54  
ASP N   CA   sing N N 55  
ASP N   H    sing N N 56  
ASP N   H2   sing N N 57  
ASP CA  C    sing N N 58  
ASP CA  CB   sing N N 59  
ASP CA  HA   sing N N 60  
ASP C   O    doub N N 61  
ASP C   OXT  sing N N 62  
ASP CB  CG   sing N N 63  
ASP CB  HB2  sing N N 64  
ASP CB  HB3  sing N N 65  
ASP CG  OD1  doub N N 66  
ASP CG  OD2  sing N N 67  
ASP OD2 HD2  sing N N 68  
ASP OXT HXT  sing N N 69  
GLN N   CA   sing N N 70  
GLN N   H    sing N N 71  
GLN N   H2   sing N N 72  
GLN CA  C    sing N N 73  
GLN CA  CB   sing N N 74  
GLN CA  HA   sing N N 75  
GLN C   O    doub N N 76  
GLN C   OXT  sing N N 77  
GLN CB  CG   sing N N 78  
GLN CB  HB2  sing N N 79  
GLN CB  HB3  sing N N 80  
GLN CG  CD   sing N N 81  
GLN CG  HG2  sing N N 82  
GLN CG  HG3  sing N N 83  
GLN CD  OE1  doub N N 84  
GLN CD  NE2  sing N N 85  
GLN NE2 HE21 sing N N 86  
GLN NE2 HE22 sing N N 87  
GLN OXT HXT  sing N N 88  
GLU N   CA   sing N N 89  
GLU N   H    sing N N 90  
GLU N   H2   sing N N 91  
GLU CA  C    sing N N 92  
GLU CA  CB   sing N N 93  
GLU CA  HA   sing N N 94  
GLU C   O    doub N N 95  
GLU C   OXT  sing N N 96  
GLU CB  CG   sing N N 97  
GLU CB  HB2  sing N N 98  
GLU CB  HB3  sing N N 99  
GLU CG  CD   sing N N 100 
GLU CG  HG2  sing N N 101 
GLU CG  HG3  sing N N 102 
GLU CD  OE1  doub N N 103 
GLU CD  OE2  sing N N 104 
GLU OE2 HE2  sing N N 105 
GLU OXT HXT  sing N N 106 
GLY N   CA   sing N N 107 
GLY N   H    sing N N 108 
GLY N   H2   sing N N 109 
GLY CA  C    sing N N 110 
GLY CA  HA2  sing N N 111 
GLY CA  HA3  sing N N 112 
GLY C   O    doub N N 113 
GLY C   OXT  sing N N 114 
GLY OXT HXT  sing N N 115 
HIS N   CA   sing N N 116 
HIS N   H    sing N N 117 
HIS N   H2   sing N N 118 
HIS CA  C    sing N N 119 
HIS CA  CB   sing N N 120 
HIS CA  HA   sing N N 121 
HIS C   O    doub N N 122 
HIS C   OXT  sing N N 123 
HIS CB  CG   sing N N 124 
HIS CB  HB2  sing N N 125 
HIS CB  HB3  sing N N 126 
HIS CG  ND1  sing Y N 127 
HIS CG  CD2  doub Y N 128 
HIS ND1 CE1  doub Y N 129 
HIS ND1 HD1  sing N N 130 
HIS CD2 NE2  sing Y N 131 
HIS CD2 HD2  sing N N 132 
HIS CE1 NE2  sing Y N 133 
HIS CE1 HE1  sing N N 134 
HIS NE2 HE2  sing N N 135 
HIS OXT HXT  sing N N 136 
HOH O   H1   sing N N 137 
HOH O   H2   sing N N 138 
ILE N   CA   sing N N 139 
ILE N   H    sing N N 140 
ILE N   H2   sing N N 141 
ILE CA  C    sing N N 142 
ILE CA  CB   sing N N 143 
ILE CA  HA   sing N N 144 
ILE C   O    doub N N 145 
ILE C   OXT  sing N N 146 
ILE CB  CG1  sing N N 147 
ILE CB  CG2  sing N N 148 
ILE CB  HB   sing N N 149 
ILE CG1 CD1  sing N N 150 
ILE CG1 HG12 sing N N 151 
ILE CG1 HG13 sing N N 152 
ILE CG2 HG21 sing N N 153 
ILE CG2 HG22 sing N N 154 
ILE CG2 HG23 sing N N 155 
ILE CD1 HD11 sing N N 156 
ILE CD1 HD12 sing N N 157 
ILE CD1 HD13 sing N N 158 
ILE OXT HXT  sing N N 159 
LEU N   CA   sing N N 160 
LEU N   H    sing N N 161 
LEU N   H2   sing N N 162 
LEU CA  C    sing N N 163 
LEU CA  CB   sing N N 164 
LEU CA  HA   sing N N 165 
LEU C   O    doub N N 166 
LEU C   OXT  sing N N 167 
LEU CB  CG   sing N N 168 
LEU CB  HB2  sing N N 169 
LEU CB  HB3  sing N N 170 
LEU CG  CD1  sing N N 171 
LEU CG  CD2  sing N N 172 
LEU CG  HG   sing N N 173 
LEU CD1 HD11 sing N N 174 
LEU CD1 HD12 sing N N 175 
LEU CD1 HD13 sing N N 176 
LEU CD2 HD21 sing N N 177 
LEU CD2 HD22 sing N N 178 
LEU CD2 HD23 sing N N 179 
LEU OXT HXT  sing N N 180 
LYS N   CA   sing N N 181 
LYS N   H    sing N N 182 
LYS N   H2   sing N N 183 
LYS CA  C    sing N N 184 
LYS CA  CB   sing N N 185 
LYS CA  HA   sing N N 186 
LYS C   O    doub N N 187 
LYS C   OXT  sing N N 188 
LYS CB  CG   sing N N 189 
LYS CB  HB2  sing N N 190 
LYS CB  HB3  sing N N 191 
LYS CG  CD   sing N N 192 
LYS CG  HG2  sing N N 193 
LYS CG  HG3  sing N N 194 
LYS CD  CE   sing N N 195 
LYS CD  HD2  sing N N 196 
LYS CD  HD3  sing N N 197 
LYS CE  NZ   sing N N 198 
LYS CE  HE2  sing N N 199 
LYS CE  HE3  sing N N 200 
LYS NZ  HZ1  sing N N 201 
LYS NZ  HZ2  sing N N 202 
LYS NZ  HZ3  sing N N 203 
LYS OXT HXT  sing N N 204 
MET N   CA   sing N N 205 
MET N   H    sing N N 206 
MET N   H2   sing N N 207 
MET CA  C    sing N N 208 
MET CA  CB   sing N N 209 
MET CA  HA   sing N N 210 
MET C   O    doub N N 211 
MET C   OXT  sing N N 212 
MET CB  CG   sing N N 213 
MET CB  HB2  sing N N 214 
MET CB  HB3  sing N N 215 
MET CG  SD   sing N N 216 
MET CG  HG2  sing N N 217 
MET CG  HG3  sing N N 218 
MET SD  CE   sing N N 219 
MET CE  HE1  sing N N 220 
MET CE  HE2  sing N N 221 
MET CE  HE3  sing N N 222 
MET OXT HXT  sing N N 223 
PHE N   CA   sing N N 224 
PHE N   H    sing N N 225 
PHE N   H2   sing N N 226 
PHE CA  C    sing N N 227 
PHE CA  CB   sing N N 228 
PHE CA  HA   sing N N 229 
PHE C   O    doub N N 230 
PHE C   OXT  sing N N 231 
PHE CB  CG   sing N N 232 
PHE CB  HB2  sing N N 233 
PHE CB  HB3  sing N N 234 
PHE CG  CD1  doub Y N 235 
PHE CG  CD2  sing Y N 236 
PHE CD1 CE1  sing Y N 237 
PHE CD1 HD1  sing N N 238 
PHE CD2 CE2  doub Y N 239 
PHE CD2 HD2  sing N N 240 
PHE CE1 CZ   doub Y N 241 
PHE CE1 HE1  sing N N 242 
PHE CE2 CZ   sing Y N 243 
PHE CE2 HE2  sing N N 244 
PHE CZ  HZ   sing N N 245 
PHE OXT HXT  sing N N 246 
PRO N   CA   sing N N 247 
PRO N   CD   sing N N 248 
PRO N   H    sing N N 249 
PRO CA  C    sing N N 250 
PRO CA  CB   sing N N 251 
PRO CA  HA   sing N N 252 
PRO C   O    doub N N 253 
PRO C   OXT  sing N N 254 
PRO CB  CG   sing N N 255 
PRO CB  HB2  sing N N 256 
PRO CB  HB3  sing N N 257 
PRO CG  CD   sing N N 258 
PRO CG  HG2  sing N N 259 
PRO CG  HG3  sing N N 260 
PRO CD  HD2  sing N N 261 
PRO CD  HD3  sing N N 262 
PRO OXT HXT  sing N N 263 
SER N   CA   sing N N 264 
SER N   H    sing N N 265 
SER N   H2   sing N N 266 
SER CA  C    sing N N 267 
SER CA  CB   sing N N 268 
SER CA  HA   sing N N 269 
SER C   O    doub N N 270 
SER C   OXT  sing N N 271 
SER CB  OG   sing N N 272 
SER CB  HB2  sing N N 273 
SER CB  HB3  sing N N 274 
SER OG  HG   sing N N 275 
SER OXT HXT  sing N N 276 
THR N   CA   sing N N 277 
THR N   H    sing N N 278 
THR N   H2   sing N N 279 
THR CA  C    sing N N 280 
THR CA  CB   sing N N 281 
THR CA  HA   sing N N 282 
THR C   O    doub N N 283 
THR C   OXT  sing N N 284 
THR CB  OG1  sing N N 285 
THR CB  CG2  sing N N 286 
THR CB  HB   sing N N 287 
THR OG1 HG1  sing N N 288 
THR CG2 HG21 sing N N 289 
THR CG2 HG22 sing N N 290 
THR CG2 HG23 sing N N 291 
THR OXT HXT  sing N N 292 
TRP N   CA   sing N N 293 
TRP N   H    sing N N 294 
TRP N   H2   sing N N 295 
TRP CA  C    sing N N 296 
TRP CA  CB   sing N N 297 
TRP CA  HA   sing N N 298 
TRP C   O    doub N N 299 
TRP C   OXT  sing N N 300 
TRP CB  CG   sing N N 301 
TRP CB  HB2  sing N N 302 
TRP CB  HB3  sing N N 303 
TRP CG  CD1  doub Y N 304 
TRP CG  CD2  sing Y N 305 
TRP CD1 NE1  sing Y N 306 
TRP CD1 HD1  sing N N 307 
TRP CD2 CE2  doub Y N 308 
TRP CD2 CE3  sing Y N 309 
TRP NE1 CE2  sing Y N 310 
TRP NE1 HE1  sing N N 311 
TRP CE2 CZ2  sing Y N 312 
TRP CE3 CZ3  doub Y N 313 
TRP CE3 HE3  sing N N 314 
TRP CZ2 CH2  doub Y N 315 
TRP CZ2 HZ2  sing N N 316 
TRP CZ3 CH2  sing Y N 317 
TRP CZ3 HZ3  sing N N 318 
TRP CH2 HH2  sing N N 319 
TRP OXT HXT  sing N N 320 
TYR N   CA   sing N N 321 
TYR N   H    sing N N 322 
TYR N   H2   sing N N 323 
TYR CA  C    sing N N 324 
TYR CA  CB   sing N N 325 
TYR CA  HA   sing N N 326 
TYR C   O    doub N N 327 
TYR C   OXT  sing N N 328 
TYR CB  CG   sing N N 329 
TYR CB  HB2  sing N N 330 
TYR CB  HB3  sing N N 331 
TYR CG  CD1  doub Y N 332 
TYR CG  CD2  sing Y N 333 
TYR CD1 CE1  sing Y N 334 
TYR CD1 HD1  sing N N 335 
TYR CD2 CE2  doub Y N 336 
TYR CD2 HD2  sing N N 337 
TYR CE1 CZ   doub Y N 338 
TYR CE1 HE1  sing N N 339 
TYR CE2 CZ   sing Y N 340 
TYR CE2 HE2  sing N N 341 
TYR CZ  OH   sing N N 342 
TYR OH  HH   sing N N 343 
TYR OXT HXT  sing N N 344 
VAL N   CA   sing N N 345 
VAL N   H    sing N N 346 
VAL N   H2   sing N N 347 
VAL CA  C    sing N N 348 
VAL CA  CB   sing N N 349 
VAL CA  HA   sing N N 350 
VAL C   O    doub N N 351 
VAL C   OXT  sing N N 352 
VAL CB  CG1  sing N N 353 
VAL CB  CG2  sing N N 354 
VAL CB  HB   sing N N 355 
VAL CG1 HG11 sing N N 356 
VAL CG1 HG12 sing N N 357 
VAL CG1 HG13 sing N N 358 
VAL CG2 HG21 sing N N 359 
VAL CG2 HG22 sing N N 360 
VAL CG2 HG23 sing N N 361 
VAL OXT HXT  sing N N 362 
# 
_pdbx_initial_refinement_model.id               1 
_pdbx_initial_refinement_model.entity_id_list   ? 
_pdbx_initial_refinement_model.type             'experimental model' 
_pdbx_initial_refinement_model.source_name      PDB 
_pdbx_initial_refinement_model.accession_code   2X5P 
_pdbx_initial_refinement_model.details          'PDB ENTRY 2X5P' 
# 
_atom_sites.entry_id                    4MLS 
_atom_sites.fract_transf_matrix[1][1]   0.00661267 
_atom_sites.fract_transf_matrix[1][2]   0.00327613 
_atom_sites.fract_transf_matrix[1][3]   0.01216878 
_atom_sites.fract_transf_matrix[2][1]   -0.02882525 
_atom_sites.fract_transf_matrix[2][2]   -0.00006672 
_atom_sites.fract_transf_matrix[2][3]   0.01568198 
_atom_sites.fract_transf_matrix[3][1]   0.00463378 
_atom_sites.fract_transf_matrix[3][2]   -0.02349515 
_atom_sites.fract_transf_matrix[3][3]   0.00841745 
_atom_sites.fract_transf_vector[1]      1.184925 
_atom_sites.fract_transf_vector[2]      1.670697 
_atom_sites.fract_transf_vector[3]      0.279902 
# 
loop_
_atom_type.symbol 
C 
N 
O 
S 
# 
loop_
_atom_site.group_PDB 
_atom_site.id 
_atom_site.type_symbol 
_atom_site.label_atom_id 
_atom_site.label_alt_id 
_atom_site.label_comp_id 
_atom_site.label_asym_id 
_atom_site.label_entity_id 
_atom_site.label_seq_id 
_atom_site.pdbx_PDB_ins_code 
_atom_site.Cartn_x 
_atom_site.Cartn_y 
_atom_site.Cartn_z 
_atom_site.occupancy 
_atom_site.B_iso_or_equiv 
_atom_site.pdbx_formal_charge 
_atom_site.auth_seq_id 
_atom_site.auth_comp_id 
_atom_site.auth_asym_id 
_atom_site.auth_atom_id 
_atom_site.pdbx_PDB_model_num 
ATOM   1   N N   . SER A 1 5  ? 9.672   -11.542 -15.002 1.00 48.33 ? 23  SER A N   1 
ATOM   2   C CA  . SER A 1 5  ? 8.640   -10.579 -15.381 1.00 46.59 ? 23  SER A CA  1 
ATOM   3   C C   . SER A 1 5  ? 7.971   -9.947  -14.158 1.00 42.67 ? 23  SER A C   1 
ATOM   4   O O   . SER A 1 5  ? 6.814   -9.529  -14.222 1.00 41.62 ? 23  SER A O   1 
ATOM   5   C CB  . SER A 1 5  ? 7.585   -11.238 -16.278 1.00 47.97 ? 23  SER A CB  1 
ATOM   6   O OG  . SER A 1 5  ? 6.686   -10.273 -16.802 1.00 48.08 ? 23  SER A OG  1 
ATOM   7   N N   . ALA A 1 6  ? 8.701   -9.883  -13.047 1.00 40.75 ? 24  ALA A N   1 
ATOM   8   C CA  . ALA A 1 6  ? 8.190   -9.266  -11.830 1.00 37.24 ? 24  ALA A CA  1 
ATOM   9   C C   . ALA A 1 6  ? 8.412   -7.767  -11.866 1.00 36.08 ? 24  ALA A C   1 
ATOM   10  O O   . ALA A 1 6  ? 9.509   -7.293  -12.160 1.00 37.45 ? 24  ALA A O   1 
ATOM   11  C CB  . ALA A 1 6  ? 8.849   -9.852  -10.621 1.00 37.06 ? 24  ALA A CB  1 
ATOM   12  N N   . THR A 1 7  ? 7.352   -7.032  -11.555 1.00 33.69 ? 25  THR A N   1 
ATOM   13  C CA  . THR A 1 7  ? 7.363   -5.578  -11.624 1.00 32.60 ? 25  THR A CA  1 
ATOM   14  C C   . THR A 1 7  ? 7.629   -4.971  -10.252 1.00 30.14 ? 25  THR A C   1 
ATOM   15  O O   . THR A 1 7  ? 7.047   -5.382  -9.255  1.00 27.74 ? 25  THR A O   1 
ATOM   16  C CB  . THR A 1 7  ? 6.040   -5.065  -12.197 1.00 32.47 ? 25  THR A CB  1 
ATOM   17  O OG1 . THR A 1 7  ? 5.894   -5.570  -13.532 1.00 34.08 ? 25  THR A OG1 1 
ATOM   18  C CG2 . THR A 1 7  ? 6.004   -3.535  -12.209 1.00 33.21 ? 25  THR A CG2 1 
ATOM   19  N N   . HIS A 1 8  ? 8.539   -4.010  -10.207 1.00 31.01 ? 26  HIS A N   1 
ATOM   20  C CA  . HIS A 1 8  ? 8.894   -3.369  -8.955  1.00 30.65 ? 26  HIS A CA  1 
ATOM   21  C C   . HIS A 1 8  ? 7.790   -2.404  -8.535  1.00 30.34 ? 26  HIS A C   1 
ATOM   22  O O   . HIS A 1 8  ? 7.390   -1.531  -9.304  1.00 31.09 ? 26  HIS A O   1 
ATOM   23  C CB  . HIS A 1 8  ? 10.219  -2.628  -9.118  1.00 32.68 ? 26  HIS A CB  1 
ATOM   24  C CG  . HIS A 1 8  ? 10.707  -1.974  -7.863  1.00 32.57 ? 26  HIS A CG  1 
ATOM   25  N ND1 . HIS A 1 8  ? 11.697  -1.020  -7.860  1.00 34.78 ? 26  HIS A ND1 1 
ATOM   26  C CD2 . HIS A 1 8  ? 10.336  -2.144  -6.572  1.00 30.82 ? 26  HIS A CD2 1 
ATOM   27  C CE1 . HIS A 1 8  ? 11.918  -0.624  -6.616  1.00 34.34 ? 26  HIS A CE1 1 
ATOM   28  N NE2 . HIS A 1 8  ? 11.103  -1.286  -5.820  1.00 32.02 ? 26  HIS A NE2 1 
ATOM   29  N N   . ILE A 1 9  ? 7.278   -2.572  -7.321  1.00 29.45 ? 27  ILE A N   1 
ATOM   30  C CA  . ILE A 1 9  ? 6.264   -1.666  -6.797  1.00 28.92 ? 27  ILE A CA  1 
ATOM   31  C C   . ILE A 1 9  ? 6.733   -0.991  -5.506  1.00 28.51 ? 27  ILE A C   1 
ATOM   32  O O   . ILE A 1 9  ? 7.137   -1.655  -4.555  1.00 28.05 ? 27  ILE A O   1 
ATOM   33  C CB  . ILE A 1 9  ? 4.904   -2.368  -6.580  1.00 28.25 ? 27  ILE A CB  1 
ATOM   34  C CG1 . ILE A 1 9  ? 4.073   -2.330  -7.863  1.00 29.99 ? 27  ILE A CG1 1 
ATOM   35  C CG2 . ILE A 1 9  ? 4.106   -1.679  -5.502  1.00 27.57 ? 27  ILE A CG2 1 
ATOM   36  C CD1 . ILE A 1 9  ? 4.540   -3.276  -8.928  1.00 31.17 ? 27  ILE A CD1 1 
ATOM   37  N N   . LYS A 1 10 ? 6.667   0.336   -5.486  1.00 28.61 ? 28  LYS A N   1 
ATOM   38  C CA  . LYS A 1 10 ? 7.075   1.110   -4.321  1.00 28.73 ? 28  LYS A CA  1 
ATOM   39  C C   . LYS A 1 10 ? 5.854   1.576   -3.560  1.00 27.25 ? 28  LYS A C   1 
ATOM   40  O O   . LYS A 1 10 ? 5.002   2.244   -4.116  1.00 27.77 ? 28  LYS A O   1 
ATOM   41  C CB  . LYS A 1 10 ? 7.887   2.325   -4.760  1.00 31.96 ? 28  LYS A CB  1 
ATOM   42  C CG  . LYS A 1 10 ? 9.239   1.973   -5.353  1.00 34.50 ? 28  LYS A CG  1 
ATOM   43  C CD  . LYS A 1 10 ? 9.602   2.956   -6.444  1.00 38.31 ? 28  LYS A CD  1 
ATOM   44  C CE  . LYS A 1 10 ? 11.097  3.030   -6.691  1.00 41.66 ? 28  LYS A CE  1 
ATOM   45  N NZ  . LYS A 1 10 ? 11.384  4.197   -7.585  1.00 45.45 ? 28  LYS A NZ  1 
ATOM   46  N N   . PHE A 1 11 ? 5.768   1.220   -2.288  1.00 25.89 ? 29  PHE A N   1 
ATOM   47  C CA  . PHE A 1 11 ? 4.610   1.578   -1.485  1.00 24.58 ? 29  PHE A CA  1 
ATOM   48  C C   . PHE A 1 11 ? 5.005   2.583   -0.410  1.00 24.06 ? 29  PHE A C   1 
ATOM   49  O O   . PHE A 1 11 ? 5.900   2.330   0.386   1.00 23.08 ? 29  PHE A O   1 
ATOM   50  C CB  . PHE A 1 11 ? 3.977   0.330   -0.842  1.00 23.71 ? 29  PHE A CB  1 
ATOM   51  C CG  . PHE A 1 11 ? 2.855   0.654   0.100   1.00 24.06 ? 29  PHE A CG  1 
ATOM   52  C CD1 . PHE A 1 11 ? 1.584   0.909   -0.379  1.00 24.85 ? 29  PHE A CD1 1 
ATOM   53  C CD2 . PHE A 1 11 ? 3.080   0.743   1.460   1.00 24.48 ? 29  PHE A CD2 1 
ATOM   54  C CE1 . PHE A 1 11 ? 0.547   1.243   0.486   1.00 25.43 ? 29  PHE A CE1 1 
ATOM   55  C CE2 . PHE A 1 11 ? 2.051   1.077   2.328   1.00 25.21 ? 29  PHE A CE2 1 
ATOM   56  C CZ  . PHE A 1 11 ? 0.781   1.327   1.840   1.00 25.30 ? 29  PHE A CZ  1 
ATOM   57  N N   . SER A 1 12 ? 4.331   3.728   -0.407  1.00 25.83 ? 30  SER A N   1 
ATOM   58  C CA  . SER A 1 12 ? 4.561   4.768   0.589   1.00 27.26 ? 30  SER A CA  1 
ATOM   59  C C   . SER A 1 12 ? 3.335   4.934   1.457   1.00 27.10 ? 30  SER A C   1 
ATOM   60  O O   . SER A 1 12 ? 2.237   5.088   0.945   1.00 28.59 ? 30  SER A O   1 
ATOM   61  C CB  . SER A 1 12 ? 4.839   6.101   -0.094  1.00 29.66 ? 30  SER A CB  1 
ATOM   62  O OG  . SER A 1 12 ? 6.139   6.130   -0.647  1.00 31.23 ? 30  SER A OG  1 
ATOM   63  N N   . LYS A 1 13 ? 3.512   4.893   2.772   1.00 25.66 ? 31  LYS A N   1 
ATOM   64  C CA  . LYS A 1 13 ? 2.420   5.224   3.681   1.00 24.51 ? 31  LYS A CA  1 
ATOM   65  C C   . LYS A 1 13 ? 2.753   6.554   4.319   1.00 25.70 ? 31  LYS A C   1 
ATOM   66  O O   . LYS A 1 13 ? 3.785   6.699   4.965   1.00 25.88 ? 31  LYS A O   1 
ATOM   67  C CB  . LYS A 1 13 ? 2.207   4.155   4.758   1.00 22.37 ? 31  LYS A CB  1 
ATOM   68  C CG  . LYS A 1 13 ? 1.051   4.472   5.719   1.00 22.50 ? 31  LYS A CG  1 
ATOM   69  C CD  . LYS A 1 13 ? -0.330  4.105   5.144   1.00 22.42 ? 31  LYS A CD  1 
ATOM   70  C CE  . LYS A 1 13 ? -1.458  4.312   6.172   1.00 23.36 ? 31  LYS A CE  1 
ATOM   71  N NZ  . LYS A 1 13 ? -1.864  5.715   6.353   1.00 26.11 ? 31  LYS A NZ  1 
ATOM   72  N N   . ARG A 1 14 ? 1.869   7.520   4.138   1.00 27.63 ? 32  ARG A N   1 
ATOM   73  C CA  . ARG A 1 14 ? 2.218   8.906   4.440   1.00 31.23 ? 32  ARG A CA  1 
ATOM   74  C C   . ARG A 1 14 ? 1.187   9.590   5.312   1.00 32.53 ? 32  ARG A C   1 
ATOM   75  O O   . ARG A 1 14 ? 0.081   9.084   5.504   1.00 31.67 ? 32  ARG A O   1 
ATOM   76  C CB  . ARG A 1 14 ? 2.347   9.700   3.145   1.00 34.06 ? 32  ARG A CB  1 
ATOM   77  C CG  . ARG A 1 14 ? 3.145   9.020   2.083   1.00 34.42 ? 32  ARG A CG  1 
ATOM   78  C CD  . ARG A 1 14 ? 4.463   9.715   1.823   1.00 37.80 ? 32  ARG A CD  1 
ATOM   79  N NE  . ARG A 1 14 ? 4.887   9.443   0.459   1.00 39.23 ? 32  ARG A NE  1 
ATOM   80  C CZ  . ARG A 1 14 ? 4.508   10.166  -0.589  1.00 42.27 ? 32  ARG A CZ  1 
ATOM   81  N NH1 . ARG A 1 14 ? 3.718   11.225  -0.418  1.00 44.96 ? 32  ARG A NH1 1 
ATOM   82  N NH2 . ARG A 1 14 ? 4.923   9.845   -1.804  1.00 42.81 ? 32  ARG A NH2 1 
ATOM   83  N N   . ASP A 1 15 ? 1.551   10.750  5.846   1.00 34.98 ? 33  ASP A N   1 
ATOM   84  C CA  . ASP A 1 15 ? 0.556   11.584  6.467   1.00 36.93 ? 33  ASP A CA  1 
ATOM   85  C C   . ASP A 1 15 ? 0.162   12.636  5.443   1.00 39.35 ? 33  ASP A C   1 
ATOM   86  O O   . ASP A 1 15 ? 0.610   12.584  4.303   1.00 39.15 ? 33  ASP A O   1 
ATOM   87  C CB  . ASP A 1 15 ? 1.078   12.189  7.772   1.00 39.74 ? 33  ASP A CB  1 
ATOM   88  C CG  . ASP A 1 15 ? 2.292   13.091  7.576   1.00 43.65 ? 33  ASP A CG  1 
ATOM   89  O OD1 . ASP A 1 15 ? 2.541   13.581  6.452   1.00 45.05 ? 33  ASP A OD1 1 
ATOM   90  O OD2 . ASP A 1 15 ? 2.999   13.337  8.574   1.00 45.52 ? 33  ASP A OD2 1 
ATOM   91  N N   . GLU A 1 16 ? -0.652  13.599  5.850   1.00 42.08 ? 34  GLU A N   1 
ATOM   92  C CA  . GLU A 1 16 ? -1.157  14.609  4.920   1.00 45.57 ? 34  GLU A CA  1 
ATOM   93  C C   . GLU A 1 16 ? -0.126  15.645  4.479   1.00 49.24 ? 34  GLU A C   1 
ATOM   94  O O   . GLU A 1 16 ? -0.296  16.293  3.452   1.00 51.75 ? 34  GLU A O   1 
ATOM   95  C CB  . GLU A 1 16 ? -2.399  15.278  5.499   1.00 47.11 ? 34  GLU A CB  1 
ATOM   96  C CG  . GLU A 1 16 ? -3.502  14.282  5.758   1.00 44.47 ? 34  GLU A CG  1 
ATOM   97  C CD  . GLU A 1 16 ? -4.789  14.933  6.156   1.00 47.14 ? 34  GLU A CD  1 
ATOM   98  O OE1 . GLU A 1 16 ? -5.425  14.449  7.110   1.00 45.85 ? 34  GLU A OE1 1 
ATOM   99  O OE2 . GLU A 1 16 ? -5.174  15.936  5.516   1.00 51.21 ? 34  GLU A OE2 1 
ATOM   100 N N   . ASP A 1 17 ? 0.949   15.786  5.244   1.00 50.51 ? 35  ASP A N   1 
ATOM   101 C CA  . ASP A 1 17 ? 2.039   16.671  4.855   1.00 54.83 ? 35  ASP A CA  1 
ATOM   102 C C   . ASP A 1 17 ? 2.950   15.980  3.856   1.00 54.34 ? 35  ASP A C   1 
ATOM   103 O O   . ASP A 1 17 ? 3.908   16.575  3.363   1.00 57.46 ? 35  ASP A O   1 
ATOM   104 C CB  . ASP A 1 17 ? 2.839   17.095  6.079   1.00 56.25 ? 35  ASP A CB  1 
ATOM   105 C CG  . ASP A 1 17 ? 1.958   17.570  7.191   1.00 57.94 ? 35  ASP A CG  1 
ATOM   106 O OD1 . ASP A 1 17 ? 1.043   18.365  6.900   1.00 60.89 ? 35  ASP A OD1 1 
ATOM   107 O OD2 . ASP A 1 17 ? 2.165   17.137  8.343   1.00 56.65 ? 35  ASP A OD2 1 
ATOM   108 N N   . GLY A 1 18 ? 2.654   14.716  3.568   1.00 51.14 ? 36  GLY A N   1 
ATOM   109 C CA  . GLY A 1 18 ? 3.391   13.979  2.563   1.00 49.79 ? 36  GLY A CA  1 
ATOM   110 C C   . GLY A 1 18 ? 4.675   13.399  3.110   1.00 48.85 ? 36  GLY A C   1 
ATOM   111 O O   . GLY A 1 18 ? 5.594   13.102  2.354   1.00 49.62 ? 36  GLY A O   1 
ATOM   112 N N   . LYS A 1 19 ? 4.743   13.232  4.424   1.00 47.46 ? 37  LYS A N   1 
ATOM   113 C CA  . LYS A 1 19 ? 5.896   12.572  5.016   1.00 45.83 ? 37  LYS A CA  1 
ATOM   114 C C   . LYS A 1 19 ? 5.567   11.128  5.405   1.00 42.02 ? 37  LYS A C   1 
ATOM   115 O O   . LYS A 1 19 ? 4.445   10.817  5.805   1.00 40.04 ? 37  LYS A O   1 
ATOM   116 C CB  . LYS A 1 19 ? 6.429   13.379  6.200   1.00 47.77 ? 37  LYS A CB  1 
ATOM   117 C CG  . LYS A 1 19 ? 6.626   14.879  5.887   1.00 51.73 ? 37  LYS A CG  1 
ATOM   118 C CD  . LYS A 1 19 ? 7.551   15.141  4.680   1.00 53.37 ? 37  LYS A CD  1 
ATOM   119 C CE  . LYS A 1 19 ? 7.528   16.617  4.220   1.00 57.61 ? 37  LYS A CE  1 
ATOM   120 N NZ  . LYS A 1 19 ? 8.402   17.575  4.987   1.00 60.93 ? 37  LYS A NZ  1 
ATOM   121 N N   . GLU A 1 20 ? 6.555   10.255  5.261   1.00 41.29 ? 38  GLU A N   1 
ATOM   122 C CA  . GLU A 1 20 ? 6.390   8.835   5.551   1.00 38.95 ? 38  GLU A CA  1 
ATOM   123 C C   . GLU A 1 20 ? 5.935   8.610   6.986   1.00 36.51 ? 38  GLU A C   1 
ATOM   124 O O   . GLU A 1 20 ? 6.485   9.186   7.929   1.00 37.68 ? 38  GLU A O   1 
ATOM   125 C CB  . GLU A 1 20 ? 7.691   8.095   5.271   1.00 41.10 ? 38  GLU A CB  1 
ATOM   126 C CG  . GLU A 1 20 ? 8.044   8.015   3.795   1.00 43.33 ? 38  GLU A CG  1 
ATOM   127 C CD  . GLU A 1 20 ? 7.215   6.966   3.054   1.00 42.76 ? 38  GLU A CD  1 
ATOM   128 O OE1 . GLU A 1 20 ? 6.778   5.972   3.690   1.00 41.51 ? 38  GLU A OE1 1 
ATOM   129 O OE2 . GLU A 1 20 ? 7.009   7.134   1.832   1.00 43.64 ? 38  GLU A OE2 1 
ATOM   130 N N   . LEU A 1 21 ? 4.914   7.776   7.138   1.00 32.55 ? 39  LEU A N   1 
ATOM   131 C CA  . LEU A 1 21 ? 4.248   7.628   8.421   1.00 31.54 ? 39  LEU A CA  1 
ATOM   132 C C   . LEU A 1 21 ? 4.493   6.254   9.016   1.00 29.09 ? 39  LEU A C   1 
ATOM   133 O O   . LEU A 1 21 ? 4.171   5.245   8.383   1.00 27.19 ? 39  LEU A O   1 
ATOM   134 C CB  . LEU A 1 21 ? 2.744   7.837   8.265   1.00 31.43 ? 39  LEU A CB  1 
ATOM   135 C CG  . LEU A 1 21 ? 1.948   7.708   9.562   1.00 31.75 ? 39  LEU A CG  1 
ATOM   136 C CD1 . LEU A 1 21 ? 2.391   8.772   10.544  1.00 33.48 ? 39  LEU A CD1 1 
ATOM   137 C CD2 . LEU A 1 21 ? 0.463   7.829   9.298   1.00 32.11 ? 39  LEU A CD2 1 
ATOM   138 N N   . ALA A 1 22 ? 5.037   6.214   10.231  1.00 29.36 ? 40  ALA A N   1 
ATOM   139 C CA  . ALA A 1 22 ? 5.309   4.937   10.896  1.00 29.06 ? 40  ALA A CA  1 
ATOM   140 C C   . ALA A 1 22 ? 4.143   4.518   11.780  1.00 28.77 ? 40  ALA A C   1 
ATOM   141 O O   . ALA A 1 22 ? 3.404   5.364   12.274  1.00 29.22 ? 40  ALA A O   1 
ATOM   142 C CB  . ALA A 1 22 ? 6.601   5.008   11.712  1.00 30.60 ? 40  ALA A CB  1 
ATOM   143 N N   . GLY A 1 23 ? 3.965   3.211   11.949  1.00 28.03 ? 41  GLY A N   1 
ATOM   144 C CA  . GLY A 1 23 ? 3.009   2.691   12.907  1.00 28.47 ? 41  GLY A CA  1 
ATOM   145 C C   . GLY A 1 23 ? 1.731   2.094   12.354  1.00 27.56 ? 41  GLY A C   1 
ATOM   146 O O   . GLY A 1 23 ? 0.864   1.687   13.130  1.00 28.58 ? 41  GLY A O   1 
ATOM   147 N N   . ALA A 1 24 ? 1.607   2.031   11.030  1.00 25.96 ? 42  ALA A N   1 
ATOM   148 C CA  . ALA A 1 24 ? 0.407   1.485   10.407  1.00 25.10 ? 42  ALA A CA  1 
ATOM   149 C C   . ALA A 1 24 ? 0.565   0.014   10.090  1.00 24.77 ? 42  ALA A C   1 
ATOM   150 O O   . ALA A 1 24 ? 1.515   -0.366  9.418   1.00 25.32 ? 42  ALA A O   1 
ATOM   151 C CB  . ALA A 1 24 ? 0.092   2.229   9.145   1.00 24.35 ? 42  ALA A CB  1 
ATOM   152 N N   . THR A 1 25 ? -0.363  -0.816  10.550  1.00 24.51 ? 43  THR A N   1 
ATOM   153 C CA  . THR A 1 25 ? -0.314  -2.226  10.171  1.00 24.11 ? 43  THR A CA  1 
ATOM   154 C C   . THR A 1 25 ? -0.928  -2.374  8.776   1.00 22.67 ? 43  THR A C   1 
ATOM   155 O O   . THR A 1 25 ? -2.020  -1.852  8.501   1.00 23.20 ? 43  THR A O   1 
ATOM   156 C CB  . THR A 1 25 ? -1.008  -3.167  11.200  1.00 23.80 ? 43  THR A CB  1 
ATOM   157 O OG1 . THR A 1 25 ? -0.509  -2.903  12.521  1.00 24.58 ? 43  THR A OG1 1 
ATOM   158 C CG2 . THR A 1 25 ? -0.750  -4.623  10.844  1.00 23.59 ? 43  THR A CG2 1 
ATOM   159 N N   . MET A 1 26 ? -0.194  -3.050  7.897   1.00 21.20 ? 44  MET A N   1 
ATOM   160 C CA  . MET A 1 26 ? -0.529  -3.134  6.477   1.00 20.99 ? 44  MET A CA  1 
ATOM   161 C C   . MET A 1 26 ? -0.492  -4.573  6.008   1.00 22.05 ? 44  MET A C   1 
ATOM   162 O O   . MET A 1 26 ? 0.370   -5.335  6.440   1.00 22.34 ? 44  MET A O   1 
ATOM   163 C CB  . MET A 1 26 ? 0.503   -2.366  5.649   1.00 20.62 ? 44  MET A CB  1 
ATOM   164 C CG  . MET A 1 26 ? 0.507   -0.861  5.879   1.00 21.29 ? 44  MET A CG  1 
ATOM   165 S SD  . MET A 1 26 ? -1.030  -0.143  5.286   1.00 28.60 ? 44  MET A SD  1 
ATOM   166 C CE  . MET A 1 26 ? -1.255  -1.007  3.720   1.00 19.56 ? 44  MET A CE  1 
ATOM   167 N N   . GLU A 1 27 ? -1.407  -4.932  5.111   1.00 22.53 ? 45  GLU A N   1 
ATOM   168 C CA  . GLU A 1 27 ? -1.320  -6.224  4.428   1.00 23.58 ? 45  GLU A CA  1 
ATOM   169 C C   . GLU A 1 27 ? -1.358  -5.994  2.935   1.00 22.74 ? 45  GLU A C   1 
ATOM   170 O O   . GLU A 1 27 ? -2.053  -5.083  2.455   1.00 22.69 ? 45  GLU A O   1 
ATOM   171 C CB  . GLU A 1 27 ? -2.495  -7.124  4.800   1.00 25.31 ? 45  GLU A CB  1 
ATOM   172 C CG  . GLU A 1 27 ? -2.705  -7.352  6.286   1.00 26.80 ? 45  GLU A CG  1 
ATOM   173 C CD  . GLU A 1 27 ? -4.012  -8.072  6.564   1.00 29.50 ? 45  GLU A CD  1 
ATOM   174 O OE1 . GLU A 1 27 ? -4.781  -8.280  5.602   1.00 30.47 ? 45  GLU A OE1 1 
ATOM   175 O OE2 . GLU A 1 27 ? -4.281  -8.423  7.734   1.00 30.82 ? 45  GLU A OE2 1 
ATOM   176 N N   . LEU A 1 28 ? -0.613  -6.807  2.197   1.00 21.63 ? 46  LEU A N   1 
ATOM   177 C CA  . LEU A 1 28 ? -0.787  -6.859  0.758   1.00 21.84 ? 46  LEU A CA  1 
ATOM   178 C C   . LEU A 1 28 ? -1.452  -8.178  0.413   1.00 23.24 ? 46  LEU A C   1 
ATOM   179 O O   . LEU A 1 28 ? -0.991  -9.252  0.836   1.00 24.19 ? 46  LEU A O   1 
ATOM   180 C CB  . LEU A 1 28 ? 0.548   -6.706  0.032   1.00 22.00 ? 46  LEU A CB  1 
ATOM   181 C CG  . LEU A 1 28 ? 0.635   -7.084  -1.450  1.00 22.17 ? 46  LEU A CG  1 
ATOM   182 C CD1 . LEU A 1 28 ? -0.164  -6.151  -2.346  1.00 21.99 ? 46  LEU A CD1 1 
ATOM   183 C CD2 . LEU A 1 28 ? 2.095   -7.134  -1.886  1.00 22.17 ? 46  LEU A CD2 1 
ATOM   184 N N   . ARG A 1 29 ? -2.538  -8.103  -0.345  1.00 24.10 ? 47  ARG A N   1 
ATOM   185 C CA  . ARG A 1 29 ? -3.317  -9.289  -0.677  1.00 26.94 ? 47  ARG A CA  1 
ATOM   186 C C   . ARG A 1 29 ? -3.401  -9.500  -2.178  1.00 27.00 ? 47  ARG A C   1 
ATOM   187 O O   . ARG A 1 29 ? -3.443  -8.539  -2.932  1.00 25.95 ? 47  ARG A O   1 
ATOM   188 C CB  . ARG A 1 29 ? -4.727  -9.175  -0.095  1.00 29.78 ? 47  ARG A CB  1 
ATOM   189 C CG  . ARG A 1 29 ? -4.783  -9.264  1.414   1.00 31.76 ? 47  ARG A CG  1 
ATOM   190 C CD  . ARG A 1 29 ? -6.195  -9.049  1.926   1.00 34.95 ? 47  ARG A CD  1 
ATOM   191 N NE  . ARG A 1 29 ? -6.287  -9.282  3.365   1.00 36.97 ? 47  ARG A NE  1 
ATOM   192 C CZ  . ARG A 1 29 ? -6.796  -10.381 3.916   1.00 40.34 ? 47  ARG A CZ  1 
ATOM   193 N NH1 . ARG A 1 29 ? -7.278  -11.353 3.150   1.00 42.31 ? 47  ARG A NH1 1 
ATOM   194 N NH2 . ARG A 1 29 ? -6.837  -10.508 5.240   1.00 41.61 ? 47  ARG A NH2 1 
ATOM   195 N N   . ASP A 1 30 ? -3.417  -10.751 -2.631  1.00 28.73 ? 48  ASP A N   1 
ATOM   196 C CA  . ASP A 1 30 ? -3.669  -10.962 -4.050  1.00 29.83 ? 48  ASP A CA  1 
ATOM   197 C C   . ASP A 1 30 ? -5.158  -11.122 -4.292  1.00 30.83 ? 48  ASP A C   1 
ATOM   198 O O   . ASP A 1 30 ? -5.933  -11.098 -3.342  1.00 30.97 ? 48  ASP A O   1 
ATOM   199 C CB  . ASP A 1 30 ? -2.818  -12.090 -4.651  1.00 32.48 ? 48  ASP A CB  1 
ATOM   200 C CG  . ASP A 1 30 ? -3.169  -13.478 -4.118  1.00 36.32 ? 48  ASP A CG  1 
ATOM   201 O OD1 . ASP A 1 30 ? -4.192  -13.641 -3.411  1.00 37.74 ? 48  ASP A OD1 1 
ATOM   202 O OD2 . ASP A 1 30 ? -2.397  -14.411 -4.446  1.00 38.25 ? 48  ASP A OD2 1 
ATOM   203 N N   . SER A 1 31 ? -5.555  -11.280 -5.550  1.00 32.30 ? 49  SER A N   1 
ATOM   204 C CA  . SER A 1 31 ? -6.973  -11.318 -5.884  1.00 35.12 ? 49  SER A CA  1 
ATOM   205 C C   . SER A 1 31 ? -7.730  -12.467 -5.236  1.00 37.73 ? 49  SER A C   1 
ATOM   206 O O   . SER A 1 31 ? -8.937  -12.352 -4.994  1.00 40.04 ? 49  SER A O   1 
ATOM   207 C CB  . SER A 1 31 ? -7.187  -11.322 -7.392  1.00 36.43 ? 49  SER A CB  1 
ATOM   208 O OG  . SER A 1 31 ? -6.413  -12.322 -8.011  1.00 36.66 ? 49  SER A OG  1 
ATOM   209 N N   . SER A 1 32 ? -7.037  -13.567 -4.945  1.00 37.88 ? 50  SER A N   1 
ATOM   210 C CA  . SER A 1 32 ? -7.681  -14.704 -4.287  1.00 39.93 ? 50  SER A CA  1 
ATOM   211 C C   . SER A 1 32 ? -8.088  -14.353 -2.861  1.00 39.71 ? 50  SER A C   1 
ATOM   212 O O   . SER A 1 32 ? -9.085  -14.843 -2.353  1.00 42.75 ? 50  SER A O   1 
ATOM   213 C CB  . SER A 1 32 ? -6.776  -15.941 -4.290  1.00 40.39 ? 50  SER A CB  1 
ATOM   214 O OG  . SER A 1 32 ? -5.690  -15.772 -3.399  1.00 38.05 ? 50  SER A OG  1 
ATOM   215 N N   . GLY A 1 33 ? -7.318  -13.485 -2.220  1.00 37.04 ? 51  GLY A N   1 
ATOM   216 C CA  . GLY A 1 33 ? -7.584  -13.103 -0.847  1.00 36.71 ? 51  GLY A CA  1 
ATOM   217 C C   . GLY A 1 33 ? -6.380  -13.435 0.001   1.00 35.19 ? 51  GLY A C   1 
ATOM   218 O O   . GLY A 1 33 ? -6.305  -13.076 1.183   1.00 34.59 ? 51  GLY A O   1 
ATOM   219 N N   . LYS A 1 34 ? -5.429  -14.125 -0.622  1.00 34.94 ? 52  LYS A N   1 
ATOM   220 C CA  . LYS A 1 34 ? -4.225  -14.551 0.070   1.00 35.13 ? 52  LYS A CA  1 
ATOM   221 C C   . LYS A 1 34 ? -3.388  -13.362 0.488   1.00 31.49 ? 52  LYS A C   1 
ATOM   222 O O   . LYS A 1 34 ? -2.985  -12.549 -0.342  1.00 30.47 ? 52  LYS A O   1 
ATOM   223 C CB  . LYS A 1 34 ? -3.375  -15.482 -0.791  1.00 37.27 ? 52  LYS A CB  1 
ATOM   224 C CG  . LYS A 1 34 ? -2.006  -15.769 -0.179  1.00 38.04 ? 52  LYS A CG  1 
ATOM   225 C CD  . LYS A 1 34 ? -1.165  -16.654 -1.077  1.00 40.02 ? 52  LYS A CD  1 
ATOM   226 C CE  . LYS A 1 34 ? -1.584  -18.101 -0.934  1.00 44.29 ? 52  LYS A CE  1 
ATOM   227 N NZ  . LYS A 1 34 ? -0.801  -19.016 -1.817  1.00 46.45 ? 52  LYS A NZ  1 
ATOM   228 N N   . THR A 1 35 ? -3.136  -13.279 1.786   1.00 30.40 ? 53  THR A N   1 
ATOM   229 C CA  . THR A 1 35 ? -2.242  -12.280 2.351   1.00 27.93 ? 53  THR A CA  1 
ATOM   230 C C   . THR A 1 35 ? -0.818  -12.625 1.944   1.00 27.87 ? 53  THR A C   1 
ATOM   231 O O   . THR A 1 35 ? -0.279  -13.653 2.379   1.00 29.66 ? 53  THR A O   1 
ATOM   232 C CB  . THR A 1 35 ? -2.359  -12.296 3.866   1.00 28.80 ? 53  THR A CB  1 
ATOM   233 O OG1 . THR A 1 35 ? -3.723  -12.071 4.225   1.00 30.24 ? 53  THR A OG1 1 
ATOM   234 C CG2 . THR A 1 35 ? -1.499  -11.228 4.482   1.00 26.94 ? 53  THR A CG2 1 
ATOM   235 N N   . ILE A 1 36 ? -0.231  -11.790 1.085   1.00 26.37 ? 54  ILE A N   1 
ATOM   236 C CA  . ILE A 1 36 ? 1.124   -11.995 0.577   1.00 26.50 ? 54  ILE A CA  1 
ATOM   237 C C   . ILE A 1 36 ? 2.179   -11.533 1.588   1.00 26.14 ? 54  ILE A C   1 
ATOM   238 O O   . ILE A 1 36 ? 3.283   -12.096 1.692   1.00 26.89 ? 54  ILE A O   1 
ATOM   239 C CB  . ILE A 1 36 ? 1.314   -11.267 -0.753  1.00 25.83 ? 54  ILE A CB  1 
ATOM   240 C CG1 . ILE A 1 36 ? 0.342   -11.845 -1.782  1.00 27.55 ? 54  ILE A CG1 1 
ATOM   241 C CG2 . ILE A 1 36 ? 2.748   -11.399 -1.235  1.00 26.15 ? 54  ILE A CG2 1 
ATOM   242 C CD1 . ILE A 1 36 ? 0.815   -11.715 -3.193  1.00 28.13 ? 54  ILE A CD1 1 
ATOM   243 N N   . SER A 1 37 ? 1.814   -10.532 2.370   1.00 24.89 ? 55  SER A N   1 
ATOM   244 C CA  . SER A 1 37 ? 2.752   -9.964  3.330   1.00 25.09 ? 55  SER A CA  1 
ATOM   245 C C   . SER A 1 37 ? 2.018   -9.085  4.325   1.00 23.19 ? 55  SER A C   1 
ATOM   246 O O   . SER A 1 37 ? 1.043   -8.438  3.966   1.00 21.26 ? 55  SER A O   1 
ATOM   247 C CB  . SER A 1 37 ? 3.790   -9.118  2.586   1.00 25.50 ? 55  SER A CB  1 
ATOM   248 O OG  . SER A 1 37 ? 4.887   -8.810  3.429   1.00 27.34 ? 55  SER A OG  1 
ATOM   249 N N   . THR A 1 38 ? 2.502   -9.058  5.563   1.00 24.24 ? 56  THR A N   1 
ATOM   250 C CA  . THR A 1 38 ? 1.966   -8.161  6.581   1.00 25.17 ? 56  THR A CA  1 
ATOM   251 C C   . THR A 1 38 ? 3.141   -7.473  7.266   1.00 25.73 ? 56  THR A C   1 
ATOM   252 O O   . THR A 1 38 ? 4.131   -8.110  7.634   1.00 27.06 ? 56  THR A O   1 
ATOM   253 C CB  . THR A 1 38 ? 1.128   -8.907  7.635   1.00 27.43 ? 56  THR A CB  1 
ATOM   254 O OG1 . THR A 1 38 ? 0.130   -9.691  6.973   1.00 28.75 ? 56  THR A OG1 1 
ATOM   255 C CG2 . THR A 1 38 ? 0.448   -7.923  8.568   1.00 27.04 ? 56  THR A CG2 1 
ATOM   256 N N   . TRP A 1 39 ? 3.047   -6.163  7.408   1.00 24.95 ? 57  TRP A N   1 
ATOM   257 C CA  . TRP A 1 39 ? 4.128   -5.422  8.029   1.00 25.00 ? 57  TRP A CA  1 
ATOM   258 C C   . TRP A 1 39 ? 3.571   -4.217  8.755   1.00 23.45 ? 57  TRP A C   1 
ATOM   259 O O   . TRP A 1 39 ? 2.410   -3.862  8.594   1.00 22.45 ? 57  TRP A O   1 
ATOM   260 C CB  . TRP A 1 39 ? 5.158   -5.001  6.983   1.00 25.09 ? 57  TRP A CB  1 
ATOM   261 C CG  . TRP A 1 39 ? 4.667   -3.945  6.014   1.00 24.31 ? 57  TRP A CG  1 
ATOM   262 C CD1 . TRP A 1 39 ? 4.963   -2.600  6.029   1.00 23.86 ? 57  TRP A CD1 1 
ATOM   263 C CD2 . TRP A 1 39 ? 3.817   -4.155  4.876   1.00 24.07 ? 57  TRP A CD2 1 
ATOM   264 N NE1 . TRP A 1 39 ? 4.340   -1.973  4.976   1.00 23.06 ? 57  TRP A NE1 1 
ATOM   265 C CE2 . TRP A 1 39 ? 3.631   -2.900  4.255   1.00 23.47 ? 57  TRP A CE2 1 
ATOM   266 C CE3 . TRP A 1 39 ? 3.194   -5.283  4.322   1.00 24.47 ? 57  TRP A CE3 1 
ATOM   267 C CZ2 . TRP A 1 39 ? 2.844   -2.745  3.110   1.00 23.32 ? 57  TRP A CZ2 1 
ATOM   268 C CZ3 . TRP A 1 39 ? 2.416   -5.127  3.189   1.00 23.97 ? 57  TRP A CZ3 1 
ATOM   269 C CH2 . TRP A 1 39 ? 2.247   -3.860  2.594   1.00 23.58 ? 57  TRP A CH2 1 
ATOM   270 N N   . ILE A 1 40 ? 4.402   -3.601  9.582   1.00 24.07 ? 58  ILE A N   1 
ATOM   271 C CA  . ILE A 1 40 ? 4.046   -2.331  10.176  1.00 23.26 ? 58  ILE A CA  1 
ATOM   272 C C   . ILE A 1 40 ? 4.911   -1.250  9.528   1.00 23.28 ? 58  ILE A C   1 
ATOM   273 O O   . ILE A 1 40 ? 6.124   -1.412  9.383   1.00 23.84 ? 58  ILE A O   1 
ATOM   274 C CB  . ILE A 1 40 ? 4.207   -2.379  11.702  1.00 24.30 ? 58  ILE A CB  1 
ATOM   275 C CG1 . ILE A 1 40 ? 3.749   -1.061  12.324  1.00 24.25 ? 58  ILE A CG1 1 
ATOM   276 C CG2 . ILE A 1 40 ? 5.639   -2.736  12.084  1.00 25.59 ? 58  ILE A CG2 1 
ATOM   277 C CD1 . ILE A 1 40 ? 3.935   -0.995  13.809  1.00 25.99 ? 58  ILE A CD1 1 
ATOM   278 N N   . SER A 1 41 ? 4.294   -0.154  9.092   1.00 23.17 ? 59  SER A N   1 
ATOM   279 C CA  . SER A 1 41 ? 5.069   0.890   8.423   1.00 23.79 ? 59  SER A CA  1 
ATOM   280 C C   . SER A 1 41 ? 6.158   1.425   9.346   1.00 25.20 ? 59  SER A C   1 
ATOM   281 O O   . SER A 1 41 ? 5.974   1.467   10.556  1.00 25.76 ? 59  SER A O   1 
ATOM   282 C CB  . SER A 1 41 ? 4.175   2.032   7.897   1.00 24.19 ? 59  SER A CB  1 
ATOM   283 O OG  . SER A 1 41 ? 3.335   2.551   8.908   1.00 24.77 ? 59  SER A OG  1 
ATOM   284 N N   . ASP A 1 42 ? 7.300   1.806   8.780   1.00 26.28 ? 60  ASP A N   1 
ATOM   285 C CA  . ASP A 1 42 ? 8.421   2.246   9.607   1.00 29.50 ? 60  ASP A CA  1 
ATOM   286 C C   . ASP A 1 42 ? 9.106   3.514   9.110   1.00 29.87 ? 60  ASP A C   1 
ATOM   287 O O   . ASP A 1 42 ? 10.268  3.749   9.412   1.00 31.80 ? 60  ASP A O   1 
ATOM   288 C CB  . ASP A 1 42 ? 9.453   1.117   9.773   1.00 32.98 ? 60  ASP A CB  1 
ATOM   289 C CG  . ASP A 1 42 ? 10.104  0.701   8.452   1.00 35.13 ? 60  ASP A CG  1 
ATOM   290 O OD1 . ASP A 1 42 ? 9.768   1.276   7.396   1.00 35.06 ? 60  ASP A OD1 1 
ATOM   291 O OD2 . ASP A 1 42 ? 10.945  -0.227  8.475   1.00 37.46 ? 60  ASP A OD2 1 
ATOM   292 N N   . GLY A 1 43 ? 8.392   4.324   8.339   1.00 28.74 ? 61  GLY A N   1 
ATOM   293 C CA  . GLY A 1 43 ? 8.929   5.602   7.908   1.00 30.05 ? 61  GLY A CA  1 
ATOM   294 C C   . GLY A 1 43 ? 9.779   5.548   6.653   1.00 30.33 ? 61  GLY A C   1 
ATOM   295 O O   . GLY A 1 43 ? 10.493  6.501   6.363   1.00 32.54 ? 61  GLY A O   1 
ATOM   296 N N   . GLN A 1 44 ? 9.722   4.451   5.900   1.00 28.15 ? 62  GLN A N   1 
ATOM   297 C CA  . GLN A 1 44 ? 10.402  4.431   4.596   1.00 29.30 ? 62  GLN A CA  1 
ATOM   298 C C   . GLN A 1 44 ? 9.551   3.759   3.527   1.00 25.92 ? 62  GLN A C   1 
ATOM   299 O O   . GLN A 1 44 ? 8.490   3.223   3.836   1.00 23.93 ? 62  GLN A O   1 
ATOM   300 C CB  . GLN A 1 44 ? 11.788  3.792   4.684   1.00 31.80 ? 62  GLN A CB  1 
ATOM   301 C CG  . GLN A 1 44 ? 11.849  2.684   5.684   1.00 32.02 ? 62  GLN A CG  1 
ATOM   302 C CD  . GLN A 1 44 ? 13.130  1.887   5.629   1.00 34.86 ? 62  GLN A CD  1 
ATOM   303 O OE1 . GLN A 1 44 ? 14.096  2.263   4.963   1.00 37.28 ? 62  GLN A OE1 1 
ATOM   304 N NE2 . GLN A 1 44 ? 13.140  0.760   6.333   1.00 35.13 ? 62  GLN A NE2 1 
ATOM   305 N N   . VAL A 1 45 ? 9.998   3.840   2.273   1.00 26.71 ? 63  VAL A N   1 
ATOM   306 C CA  . VAL A 1 45 ? 9.306   3.183   1.173   1.00 25.14 ? 63  VAL A CA  1 
ATOM   307 C C   . VAL A 1 45 ? 9.430   1.672   1.355   1.00 29.95 ? 63  VAL A C   1 
ATOM   308 O O   . VAL A 1 45 ? 10.449  1.184   1.830   1.00 30.55 ? 63  VAL A O   1 
ATOM   309 C CB  . VAL A 1 45 ? 9.908   3.561   -0.186  1.00 26.79 ? 63  VAL A CB  1 
ATOM   310 C CG1 . VAL A 1 45 ? 9.135   2.909   -1.319  1.00 25.40 ? 63  VAL A CG1 1 
ATOM   311 C CG2 . VAL A 1 45 ? 9.907   5.055   -0.356  1.00 33.94 ? 63  VAL A CG2 1 
ATOM   312 N N   . LYS A 1 46 ? 8.372   0.954   0.993   1.00 28.57 ? 64  LYS A N   1 
ATOM   313 C CA  . LYS A 1 46 ? 8.321   -0.499  1.042   1.00 27.74 ? 64  LYS A CA  1 
ATOM   314 C C   . LYS A 1 46 ? 8.322   -1.010  -0.403  1.00 28.13 ? 64  LYS A C   1 
ATOM   315 O O   . LYS A 1 46 ? 7.499   -0.586  -1.225  1.00 27.47 ? 64  LYS A O   1 
ATOM   316 C CB  . LYS A 1 46 ? 7.050   -0.927  1.776   1.00 25.74 ? 64  LYS A CB  1 
ATOM   317 C CG  . LYS A 1 46 ? 6.898   -2.400  2.007   1.00 25.46 ? 64  LYS A CG  1 
ATOM   318 C CD  . LYS A 1 46 ? 7.961   -2.962  2.948   1.00 26.21 ? 64  LYS A CD  1 
ATOM   319 C CE  . LYS A 1 46 ? 7.633   -4.377  3.403   1.00 25.09 ? 64  LYS A CE  1 
ATOM   320 N NZ  . LYS A 1 46 ? 8.606   -4.754  4.450   1.00 25.83 ? 64  LYS A NZ  1 
ATOM   321 N N   . ASP A 1 47 ? 9.273   -1.890  -0.715  1.00 28.97 ? 65  ASP A N   1 
ATOM   322 C CA  . ASP A 1 47 ? 9.434   -2.411  -2.073  1.00 29.18 ? 65  ASP A CA  1 
ATOM   323 C C   . ASP A 1 47 ? 8.910   -3.845  -2.203  1.00 27.15 ? 65  ASP A C   1 
ATOM   324 O O   . ASP A 1 47 ? 9.213   -4.709  -1.380  1.00 26.47 ? 65  ASP A O   1 
ATOM   325 C CB  . ASP A 1 47 ? 10.904  -2.371  -2.515  1.00 32.38 ? 65  ASP A CB  1 
ATOM   326 C CG  . ASP A 1 47 ? 11.506  -0.976  -2.451  1.00 35.25 ? 65  ASP A CG  1 
ATOM   327 O OD1 . ASP A 1 47 ? 11.307  -0.204  -3.411  1.00 36.29 ? 65  ASP A OD1 1 
ATOM   328 O OD2 . ASP A 1 47 ? 12.186  -0.656  -1.449  1.00 36.64 ? 65  ASP A OD2 1 
ATOM   329 N N   . PHE A 1 48 ? 8.121   -4.077  -3.242  1.00 26.44 ? 66  PHE A N   1 
ATOM   330 C CA  . PHE A 1 48 ? 7.671   -5.421  -3.589  1.00 26.04 ? 66  PHE A CA  1 
ATOM   331 C C   . PHE A 1 48 ? 7.953   -5.677  -5.069  1.00 26.49 ? 66  PHE A C   1 
ATOM   332 O O   . PHE A 1 48 ? 8.074   -4.729  -5.865  1.00 26.71 ? 66  PHE A O   1 
ATOM   333 C CB  . PHE A 1 48 ? 6.172   -5.573  -3.337  1.00 25.41 ? 66  PHE A CB  1 
ATOM   334 C CG  . PHE A 1 48 ? 5.763   -5.462  -1.883  1.00 25.56 ? 66  PHE A CG  1 
ATOM   335 C CD1 . PHE A 1 48 ? 5.905   -6.529  -1.026  1.00 25.73 ? 66  PHE A CD1 1 
ATOM   336 C CD2 . PHE A 1 48 ? 5.180   -4.303  -1.392  1.00 25.66 ? 66  PHE A CD2 1 
ATOM   337 C CE1 . PHE A 1 48 ? 5.514   -6.438  0.298   1.00 25.62 ? 66  PHE A CE1 1 
ATOM   338 C CE2 . PHE A 1 48 ? 4.779   -4.219  -0.051  1.00 25.27 ? 66  PHE A CE2 1 
ATOM   339 C CZ  . PHE A 1 48 ? 4.954   -5.292  0.783   1.00 25.22 ? 66  PHE A CZ  1 
ATOM   340 N N   . TYR A 1 49 ? 8.049   -6.957  -5.435  1.00 26.95 ? 67  TYR A N   1 
ATOM   341 C CA  . TYR A 1 49 ? 8.182   -7.351  -6.835  1.00 26.91 ? 67  TYR A CA  1 
ATOM   342 C C   . TYR A 1 49 ? 7.056   -8.312  -7.181  1.00 26.55 ? 67  TYR A C   1 
ATOM   343 O O   . TYR A 1 49 ? 6.985   -9.402  -6.620  1.00 26.99 ? 67  TYR A O   1 
ATOM   344 C CB  . TYR A 1 49 ? 9.562   -7.956  -7.099  1.00 28.39 ? 67  TYR A CB  1 
ATOM   345 C CG  . TYR A 1 49 ? 10.650  -6.942  -6.906  1.00 30.00 ? 67  TYR A CG  1 
ATOM   346 C CD1 . TYR A 1 49 ? 11.133  -6.642  -5.638  1.00 30.14 ? 67  TYR A CD1 1 
ATOM   347 C CD2 . TYR A 1 49 ? 11.154  -6.232  -7.984  1.00 31.71 ? 67  TYR A CD2 1 
ATOM   348 C CE1 . TYR A 1 49 ? 12.112  -5.685  -5.459  1.00 31.85 ? 67  TYR A CE1 1 
ATOM   349 C CE2 . TYR A 1 49 ? 12.122  -5.275  -7.815  1.00 33.55 ? 67  TYR A CE2 1 
ATOM   350 C CZ  . TYR A 1 49 ? 12.599  -5.002  -6.554  1.00 33.64 ? 67  TYR A CZ  1 
ATOM   351 O OH  . TYR A 1 49 ? 13.571  -4.042  -6.406  1.00 35.74 ? 67  TYR A OH  1 
ATOM   352 N N   . LEU A 1 50 ? 6.159   -7.898  -8.075  1.00 25.56 ? 68  LEU A N   1 
ATOM   353 C CA  . LEU A 1 50 ? 4.947   -8.670  -8.324  1.00 24.94 ? 68  LEU A CA  1 
ATOM   354 C C   . LEU A 1 50 ? 4.724   -9.032  -9.780  1.00 26.15 ? 68  LEU A C   1 
ATOM   355 O O   . LEU A 1 50 ? 4.942   -8.228  -10.681 1.00 24.39 ? 68  LEU A O   1 
ATOM   356 C CB  . LEU A 1 50 ? 3.717   -7.927  -7.817  1.00 23.85 ? 68  LEU A CB  1 
ATOM   357 C CG  . LEU A 1 50 ? 3.685   -7.486  -6.353  1.00 22.65 ? 68  LEU A CG  1 
ATOM   358 C CD1 . LEU A 1 50 ? 2.448   -6.660  -6.122  1.00 21.92 ? 68  LEU A CD1 1 
ATOM   359 C CD2 . LEU A 1 50 ? 3.683   -8.670  -5.418  1.00 22.33 ? 68  LEU A CD2 1 
ATOM   360 N N   . TYR A 1 51 ? 4.263   -10.262 -9.983  1.00 26.65 ? 69  TYR A N   1 
ATOM   361 C CA  . TYR A 1 51 ? 3.874   -10.752 -11.290 1.00 27.83 ? 69  TYR A CA  1 
ATOM   362 C C   . TYR A 1 51 ? 2.509   -10.182 -11.661 1.00 25.75 ? 69  TYR A C   1 
ATOM   363 O O   . TYR A 1 51 ? 1.816   -9.654  -10.791 1.00 24.51 ? 69  TYR A O   1 
ATOM   364 C CB  . TYR A 1 51 ? 3.850   -12.285 -11.246 1.00 29.36 ? 69  TYR A CB  1 
ATOM   365 C CG  . TYR A 1 51 ? 5.239   -12.880 -11.138 1.00 30.37 ? 69  TYR A CG  1 
ATOM   366 C CD1 . TYR A 1 51 ? 6.059   -12.952 -12.250 1.00 32.15 ? 69  TYR A CD1 1 
ATOM   367 C CD2 . TYR A 1 51 ? 5.736   -13.346 -9.924  1.00 30.17 ? 69  TYR A CD2 1 
ATOM   368 C CE1 . TYR A 1 51 ? 7.331   -13.492 -12.171 1.00 33.99 ? 69  TYR A CE1 1 
ATOM   369 C CE2 . TYR A 1 51 ? 7.021   -13.887 -9.838  1.00 31.92 ? 69  TYR A CE2 1 
ATOM   370 C CZ  . TYR A 1 51 ? 7.806   -13.949 -10.970 1.00 33.75 ? 69  TYR A CZ  1 
ATOM   371 O OH  . TYR A 1 51 ? 9.070   -14.463 -10.932 1.00 36.24 ? 69  TYR A OH  1 
ATOM   372 N N   . PRO A 1 52 ? 2.126   -10.265 -12.952 1.00 27.32 ? 70  PRO A N   1 
ATOM   373 C CA  . PRO A 1 52 ? 0.777   -9.898  -13.387 1.00 27.89 ? 70  PRO A CA  1 
ATOM   374 C C   . PRO A 1 52 ? -0.277  -10.483 -12.468 1.00 29.96 ? 70  PRO A C   1 
ATOM   375 O O   . PRO A 1 52 ? -0.150  -11.614 -11.982 1.00 30.19 ? 70  PRO A O   1 
ATOM   376 C CB  . PRO A 1 52 ? 0.672   -10.553 -14.762 1.00 30.26 ? 70  PRO A CB  1 
ATOM   377 C CG  . PRO A 1 52 ? 2.046   -10.508 -15.280 1.00 30.61 ? 70  PRO A CG  1 
ATOM   378 C CD  . PRO A 1 52 ? 2.957   -10.689 -14.095 1.00 29.06 ? 70  PRO A CD  1 
ATOM   379 N N   . GLY A 1 53 ? -1.316  -9.707  -12.227 1.00 29.39 ? 71  GLY A N   1 
ATOM   380 C CA  . GLY A 1 53 ? -2.332  -10.092 -11.277 1.00 29.31 ? 71  GLY A CA  1 
ATOM   381 C C   . GLY A 1 53 ? -2.916  -8.832  -10.685 1.00 28.86 ? 71  GLY A C   1 
ATOM   382 O O   . GLY A 1 53 ? -2.420  -7.728  -10.939 1.00 28.27 ? 71  GLY A O   1 
ATOM   383 N N   . LYS A 1 54 ? -3.977  -9.003  -9.909  1.00 29.09 ? 72  LYS A N   1 
ATOM   384 C CA  . LYS A 1 54 ? -4.663  -7.909  -9.252  1.00 29.25 ? 72  LYS A CA  1 
ATOM   385 C C   . LYS A 1 54 ? -4.378  -8.058  -7.766  1.00 27.84 ? 72  LYS A C   1 
ATOM   386 O O   . LYS A 1 54 ? -4.471  -9.165  -7.219  1.00 28.56 ? 72  LYS A O   1 
ATOM   387 C CB  . LYS A 1 54 ? -6.157  -8.027  -9.529  1.00 32.14 ? 72  LYS A CB  1 
ATOM   388 C CG  . LYS A 1 54 ? -6.978  -6.812  -9.203  1.00 33.83 ? 72  LYS A CG  1 
ATOM   389 C CD  . LYS A 1 54 ? -8.424  -7.019  -9.628  1.00 38.02 ? 72  LYS A CD  1 
ATOM   390 C CE  . LYS A 1 54 ? -9.281  -5.798  -9.312  1.00 40.16 ? 72  LYS A CE  1 
ATOM   391 N NZ  . LYS A 1 54 ? -10.708 -5.939  -9.752  1.00 44.23 ? 72  LYS A NZ  1 
ATOM   392 N N   . TYR A 1 55 ? -3.991  -6.967  -7.120  1.00 25.67 ? 73  TYR A N   1 
ATOM   393 C CA  . TYR A 1 55 ? -3.644  -7.003  -5.702  1.00 24.38 ? 73  TYR A CA  1 
ATOM   394 C C   . TYR A 1 55 ? -4.339  -5.876  -4.939  1.00 24.41 ? 73  TYR A C   1 
ATOM   395 O O   . TYR A 1 55 ? -4.929  -4.981  -5.539  1.00 24.55 ? 73  TYR A O   1 
ATOM   396 C CB  . TYR A 1 55 ? -2.125  -6.905  -5.475  1.00 23.06 ? 73  TYR A CB  1 
ATOM   397 C CG  . TYR A 1 55 ? -1.271  -7.823  -6.317  1.00 23.63 ? 73  TYR A CG  1 
ATOM   398 C CD1 . TYR A 1 55 ? -0.986  -7.523  -7.647  1.00 24.71 ? 73  TYR A CD1 1 
ATOM   399 C CD2 . TYR A 1 55 ? -0.719  -8.962  -5.780  1.00 23.87 ? 73  TYR A CD2 1 
ATOM   400 C CE1 . TYR A 1 55 ? -0.193  -8.353  -8.423  1.00 25.43 ? 73  TYR A CE1 1 
ATOM   401 C CE2 . TYR A 1 55 ? 0.068   -9.804  -6.546  1.00 25.01 ? 73  TYR A CE2 1 
ATOM   402 C CZ  . TYR A 1 55 ? 0.330   -9.496  -7.866  1.00 25.76 ? 73  TYR A CZ  1 
ATOM   403 O OH  . TYR A 1 55 ? 1.121   -10.331 -8.623  1.00 27.15 ? 73  TYR A OH  1 
ATOM   404 N N   . THR A 1 56 ? -4.252  -5.932  -3.613  1.00 24.40 ? 74  THR A N   1 
ATOM   405 C CA  . THR A 1 56 ? -4.871  -4.934  -2.740  1.00 25.06 ? 74  THR A CA  1 
ATOM   406 C C   . THR A 1 56 ? -3.951  -4.645  -1.538  1.00 24.22 ? 74  THR A C   1 
ATOM   407 O O   . THR A 1 56 ? -3.518  -5.563  -0.829  1.00 23.92 ? 74  THR A O   1 
ATOM   408 C CB  . THR A 1 56 ? -6.276  -5.424  -2.274  1.00 23.68 ? 74  THR A CB  1 
ATOM   409 O OG1 . THR A 1 56 ? -7.093  -5.720  -3.418  1.00 25.80 ? 74  THR A OG1 1 
ATOM   410 C CG2 . THR A 1 56 ? -6.985  -4.388  -1.423  1.00 23.91 ? 74  THR A CG2 1 
ATOM   411 N N   . PHE A 1 57 ? -3.621  -3.374  -1.333  1.00 24.02 ? 75  PHE A N   1 
ATOM   412 C CA  . PHE A 1 57 ? -2.942  -2.935  -0.118  1.00 23.33 ? 75  PHE A CA  1 
ATOM   413 C C   . PHE A 1 57 ? -4.009  -2.606  0.907   1.00 23.50 ? 75  PHE A C   1 
ATOM   414 O O   . PHE A 1 57 ? -4.862  -1.746  0.663   1.00 24.93 ? 75  PHE A O   1 
ATOM   415 C CB  . PHE A 1 57 ? -2.146  -1.668  -0.386  1.00 24.44 ? 75  PHE A CB  1 
ATOM   416 C CG  . PHE A 1 57 ? -0.828  -1.905  -1.037  1.00 25.01 ? 75  PHE A CG  1 
ATOM   417 C CD1 . PHE A 1 57 ? 0.180   -2.561  -0.358  1.00 24.81 ? 75  PHE A CD1 1 
ATOM   418 C CD2 . PHE A 1 57 ? -0.578  -1.432  -2.317  1.00 26.34 ? 75  PHE A CD2 1 
ATOM   419 C CE1 . PHE A 1 57 ? 1.425   -2.767  -0.957  1.00 25.26 ? 75  PHE A CE1 1 
ATOM   420 C CE2 . PHE A 1 57 ? 0.662   -1.627  -2.925  1.00 26.51 ? 75  PHE A CE2 1 
ATOM   421 C CZ  . PHE A 1 57 ? 1.663   -2.302  -2.246  1.00 25.84 ? 75  PHE A CZ  1 
ATOM   422 N N   . VAL A 1 58 ? -3.995  -3.278  2.048   1.00 22.58 ? 76  VAL A N   1 
ATOM   423 C CA  . VAL A 1 58 ? -5.030  -3.030  3.040   1.00 22.89 ? 76  VAL A CA  1 
ATOM   424 C C   . VAL A 1 58 ? -4.419  -2.526  4.339   1.00 22.25 ? 76  VAL A C   1 
ATOM   425 O O   . VAL A 1 58 ? -3.472  -3.106  4.824   1.00 21.29 ? 76  VAL A O   1 
ATOM   426 C CB  . VAL A 1 58 ? -5.872  -4.286  3.303   1.00 23.00 ? 76  VAL A CB  1 
ATOM   427 C CG1 . VAL A 1 58 ? -6.932  -3.993  4.357   1.00 24.11 ? 76  VAL A CG1 1 
ATOM   428 C CG2 . VAL A 1 58 ? -6.526  -4.751  2.016   1.00 23.39 ? 76  VAL A CG2 1 
ATOM   429 N N   . GLU A 1 59 ? -4.949  -1.426  4.875   1.00 23.39 ? 77  GLU A N   1 
ATOM   430 C CA  . GLU A 1 59 ? -4.526  -0.931  6.189   1.00 20.04 ? 77  GLU A CA  1 
ATOM   431 C C   . GLU A 1 59 ? -5.405  -1.580  7.245   1.00 21.26 ? 77  GLU A C   1 
ATOM   432 O O   . GLU A 1 59 ? -6.616  -1.355  7.267   1.00 25.63 ? 77  GLU A O   1 
ATOM   433 C CB  . GLU A 1 59 ? -4.641  0.601   6.284   1.00 23.37 ? 77  GLU A CB  1 
ATOM   434 C CG  . GLU A 1 59 ? -4.412  1.113   7.715   1.00 23.52 ? 77  GLU A CG  1 
ATOM   435 C CD  . GLU A 1 59 ? -4.074  2.599   7.816   1.00 24.31 ? 77  GLU A CD  1 
ATOM   436 O OE1 . GLU A 1 59 ? -4.691  3.415   7.087   1.00 26.15 ? 77  GLU A OE1 1 
ATOM   437 O OE2 . GLU A 1 59 ? -3.206  2.944   8.655   1.00 23.24 ? 77  GLU A OE2 1 
ATOM   438 N N   . THR A 1 60 ? -4.809  -2.392  8.112   1.00 21.10 ? 78  THR A N   1 
ATOM   439 C CA  . THR A 1 60 ? -5.587  -3.115  9.126   1.00 22.62 ? 78  THR A CA  1 
ATOM   440 C C   . THR A 1 60 ? -5.579  -2.413  10.489  1.00 23.45 ? 78  THR A C   1 
ATOM   441 O O   . THR A 1 60 ? -6.443  -2.659  11.328  1.00 27.74 ? 78  THR A O   1 
ATOM   442 C CB  . THR A 1 60 ? -5.120  -4.579  9.264   1.00 22.74 ? 78  THR A CB  1 
ATOM   443 O OG1 . THR A 1 60 ? -3.740  -4.609  9.641   1.00 23.33 ? 78  THR A OG1 1 
ATOM   444 C CG2 . THR A 1 60 ? -5.290  -5.309  7.928   1.00 22.38 ? 78  THR A CG2 1 
ATOM   445 N N   . ALA A 1 61 ? -4.604  -1.542  10.705  1.00 23.45 ? 79  ALA A N   1 
ATOM   446 C CA  . ALA A 1 61 ? -4.616  -0.679  11.885  1.00 24.58 ? 79  ALA A CA  1 
ATOM   447 C C   . ALA A 1 61 ? -3.864  0.621   11.593  1.00 24.28 ? 79  ALA A C   1 
ATOM   448 O O   . ALA A 1 61 ? -2.826  0.602   10.915  1.00 21.53 ? 79  ALA A O   1 
ATOM   449 C CB  . ALA A 1 61 ? -4.028  -1.404  13.095  1.00 25.37 ? 79  ALA A CB  1 
ATOM   450 N N   . ALA A 1 62 ? -4.407  1.747   12.067  1.00 25.23 ? 80  ALA A N   1 
ATOM   451 C CA  . ALA A 1 62 ? -3.725  3.025   11.941  1.00 24.93 ? 80  ALA A CA  1 
ATOM   452 C C   . ALA A 1 62 ? -3.121  3.427   13.271  1.00 26.15 ? 80  ALA A C   1 
ATOM   453 O O   . ALA A 1 62 ? -3.627  3.056   14.331  1.00 26.12 ? 80  ALA A O   1 
ATOM   454 C CB  . ALA A 1 62 ? -4.676  4.093   11.459  1.00 26.77 ? 80  ALA A CB  1 
ATOM   455 N N   . PRO A 1 63 ? -2.017  4.179   13.222  1.00 26.13 ? 81  PRO A N   1 
ATOM   456 C CA  . PRO A 1 63 ? -1.449  4.710   14.458  1.00 28.13 ? 81  PRO A CA  1 
ATOM   457 C C   . PRO A 1 63 ? -2.390  5.709   15.094  1.00 31.06 ? 81  PRO A C   1 
ATOM   458 O O   . PRO A 1 63 ? -3.178  6.379   14.401  1.00 32.26 ? 81  PRO A O   1 
ATOM   459 C CB  . PRO A 1 63 ? -0.160  5.409   13.998  1.00 27.82 ? 81  PRO A CB  1 
ATOM   460 C CG  . PRO A 1 63 ? -0.239  5.497   12.520  1.00 26.26 ? 81  PRO A CG  1 
ATOM   461 C CD  . PRO A 1 63 ? -1.131  4.382   12.067  1.00 24.83 ? 81  PRO A CD  1 
ATOM   462 N N   . ASP A 1 64 ? -2.316  5.797   16.412  1.00 32.40 ? 82  ASP A N   1 
ATOM   463 C CA  . ASP A 1 64 ? -3.186  6.686   17.147  1.00 34.77 ? 82  ASP A CA  1 
ATOM   464 C C   . ASP A 1 64 ? -3.100  8.101   16.593  1.00 35.46 ? 82  ASP A C   1 
ATOM   465 O O   . ASP A 1 64 ? -2.022  8.579   16.243  1.00 35.51 ? 82  ASP A O   1 
ATOM   466 C CB  . ASP A 1 64 ? -2.840  6.678   18.630  1.00 36.88 ? 82  ASP A CB  1 
ATOM   467 C CG  . ASP A 1 64 ? -3.838  7.460   19.449  1.00 39.99 ? 82  ASP A CG  1 
ATOM   468 O OD1 . ASP A 1 64 ? -5.012  7.044   19.472  1.00 41.18 ? 82  ASP A OD1 1 
ATOM   469 O OD2 . ASP A 1 64 ? -3.459  8.482   20.058  1.00 41.81 ? 82  ASP A OD2 1 
ATOM   470 N N   . GLY A 1 65 ? -4.253  8.750   16.488  1.00 36.20 ? 83  GLY A N   1 
ATOM   471 C CA  . GLY A 1 65 ? -4.335  10.075  15.910  1.00 37.44 ? 83  GLY A CA  1 
ATOM   472 C C   . GLY A 1 65 ? -4.589  10.047  14.418  1.00 36.26 ? 83  GLY A C   1 
ATOM   473 O O   . GLY A 1 65 ? -4.787  11.110  13.806  1.00 36.61 ? 83  GLY A O   1 
ATOM   474 N N   . TYR A 1 66 ? -4.586  8.848   13.831  1.00 32.55 ? 84  TYR A N   1 
ATOM   475 C CA  . TYR A 1 66 ? -4.738  8.707   12.384  1.00 31.55 ? 84  TYR A CA  1 
ATOM   476 C C   . TYR A 1 66 ? -5.892  7.805   11.994  1.00 35.45 ? 84  TYR A C   1 
ATOM   477 O O   . TYR A 1 66 ? -6.250  6.889   12.722  1.00 35.29 ? 84  TYR A O   1 
ATOM   478 C CB  . TYR A 1 66 ? -3.443  8.217   11.725  1.00 29.31 ? 84  TYR A CB  1 
ATOM   479 C CG  . TYR A 1 66 ? -2.281  9.178   11.884  1.00 30.53 ? 84  TYR A CG  1 
ATOM   480 C CD1 . TYR A 1 66 ? -1.586  9.261   13.081  1.00 31.52 ? 84  TYR A CD1 1 
ATOM   481 C CD2 . TYR A 1 66 ? -1.879  10.000  10.839  1.00 31.46 ? 84  TYR A CD2 1 
ATOM   482 C CE1 . TYR A 1 66 ? -0.523  10.150  13.244  1.00 33.36 ? 84  TYR A CE1 1 
ATOM   483 C CE2 . TYR A 1 66 ? -0.810  10.901  10.991  1.00 33.30 ? 84  TYR A CE2 1 
ATOM   484 C CZ  . TYR A 1 66 ? -0.138  10.968  12.198  1.00 34.07 ? 84  TYR A CZ  1 
ATOM   485 O OH  . TYR A 1 66 ? 0.921   11.835  12.366  1.00 35.89 ? 84  TYR A OH  1 
ATOM   486 N N   . GLU A 1 67 ? -6.458  8.082   10.828  1.00 36.08 ? 85  GLU A N   1 
ATOM   487 C CA  . GLU A 1 67 ? -7.635  7.393   10.329  1.00 37.00 ? 85  GLU A CA  1 
ATOM   488 C C   . GLU A 1 67 ? -7.209  6.305   9.388   1.00 33.48 ? 85  GLU A C   1 
ATOM   489 O O   . GLU A 1 67 ? -6.236  6.462   8.652   1.00 31.53 ? 85  GLU A O   1 
ATOM   490 C CB  . GLU A 1 67 ? -8.528  8.367   9.565   1.00 41.51 ? 85  GLU A CB  1 
ATOM   491 C CG  . GLU A 1 67 ? -9.199  9.388   10.450  1.00 46.47 ? 85  GLU A CG  1 
ATOM   492 C CD  . GLU A 1 67 ? -10.410 8.814   11.157  1.00 49.75 ? 85  GLU A CD  1 
ATOM   493 O OE1 . GLU A 1 67 ? -11.023 7.874   10.597  1.00 50.18 ? 85  GLU A OE1 1 
ATOM   494 O OE2 . GLU A 1 67 ? -10.749 9.297   12.263  1.00 52.21 ? 85  GLU A OE2 1 
ATOM   495 N N   . VAL A 1 68 ? -7.943  5.201   9.403   1.00 32.79 ? 86  VAL A N   1 
ATOM   496 C CA  . VAL A 1 68 ? -7.627  4.107   8.504   1.00 30.50 ? 86  VAL A CA  1 
ATOM   497 C C   . VAL A 1 68 ? -7.982  4.473   7.073   1.00 30.03 ? 86  VAL A C   1 
ATOM   498 O O   . VAL A 1 68 ? -9.100  4.880   6.777   1.00 32.36 ? 86  VAL A O   1 
ATOM   499 C CB  . VAL A 1 68 ? -8.295  2.783   8.933   1.00 30.89 ? 86  VAL A CB  1 
ATOM   500 C CG1 . VAL A 1 68 ? -8.182  1.749   7.840   1.00 26.47 ? 86  VAL A CG1 1 
ATOM   501 C CG2 . VAL A 1 68 ? -7.650  2.268   10.202  1.00 26.97 ? 86  VAL A CG2 1 
ATOM   502 N N   . ALA A 1 69 ? -6.997  4.339   6.198   1.00 27.92 ? 87  ALA A N   1 
ATOM   503 C CA  . ALA A 1 69 ? -7.144  4.669   4.793   1.00 28.97 ? 87  ALA A CA  1 
ATOM   504 C C   . ALA A 1 69 ? -7.960  3.611   4.065   1.00 29.52 ? 87  ALA A C   1 
ATOM   505 O O   . ALA A 1 69 ? -7.927  2.437   4.430   1.00 28.30 ? 87  ALA A O   1 
ATOM   506 C CB  . ALA A 1 69 ? -5.774  4.773   4.160   1.00 27.27 ? 87  ALA A CB  1 
ATOM   507 N N   . THR A 1 70 ? -8.680  4.030   3.030   1.00 31.80 ? 88  THR A N   1 
ATOM   508 C CA  . THR A 1 70 ? -9.396  3.102   2.168   1.00 33.25 ? 88  THR A CA  1 
ATOM   509 C C   . THR A 1 70 ? -8.400  2.269   1.396   1.00 31.77 ? 88  THR A C   1 
ATOM   510 O O   . THR A 1 70 ? -7.420  2.799   0.873   1.00 31.46 ? 88  THR A O   1 
ATOM   511 C CB  . THR A 1 70 ? -10.278 3.842   1.177   1.00 36.90 ? 88  THR A CB  1 
ATOM   512 O OG1 . THR A 1 70 ? -11.317 4.505   1.897   1.00 40.04 ? 88  THR A OG1 1 
ATOM   513 C CG2 . THR A 1 70 ? -10.908 2.872   0.189   1.00 37.83 ? 88  THR A CG2 1 
ATOM   514 N N   . ALA A 1 71 ? -8.652  0.960   1.336   1.00 31.09 ? 89  ALA A N   1 
ATOM   515 C CA  . ALA A 1 71 ? -7.748  0.016   0.681   1.00 28.39 ? 89  ALA A CA  1 
ATOM   516 C C   . ALA A 1 71 ? -7.531  0.392   -0.775  1.00 28.54 ? 89  ALA A C   1 
ATOM   517 O O   . ALA A 1 71 ? -8.420  0.975   -1.415  1.00 30.77 ? 89  ALA A O   1 
ATOM   518 C CB  . ALA A 1 71 ? -8.293  -1.390  0.783   1.00 28.82 ? 89  ALA A CB  1 
ATOM   519 N N   . ILE A 1 72 ? -6.343  0.085   -1.288  1.00 26.42 ? 90  ILE A N   1 
ATOM   520 C CA  . ILE A 1 72 ? -6.011  0.432   -2.662  1.00 27.74 ? 90  ILE A CA  1 
ATOM   521 C C   . ILE A 1 72 ? -5.868  -0.816  -3.515  1.00 27.21 ? 90  ILE A C   1 
ATOM   522 O O   . ILE A 1 72 ? -4.969  -1.611  -3.299  1.00 22.04 ? 90  ILE A O   1 
ATOM   523 C CB  . ILE A 1 72 ? -4.688  1.204   -2.771  1.00 27.28 ? 90  ILE A CB  1 
ATOM   524 C CG1 . ILE A 1 72 ? -4.750  2.520   -2.000  1.00 29.26 ? 90  ILE A CG1 1 
ATOM   525 C CG2 . ILE A 1 72 ? -4.378  1.490   -4.223  1.00 24.38 ? 90  ILE A CG2 1 
ATOM   526 C CD1 . ILE A 1 72 ? -3.379  3.092   -1.732  1.00 28.79 ? 90  ILE A CD1 1 
ATOM   527 N N   . THR A 1 73 ? -6.740  -0.949  -4.503  1.00 29.55 ? 91  THR A N   1 
ATOM   528 C CA  . THR A 1 73 ? -6.702  -2.060  -5.432  1.00 30.32 ? 91  THR A CA  1 
ATOM   529 C C   . THR A 1 73 ? -5.972  -1.665  -6.704  1.00 30.33 ? 91  THR A C   1 
ATOM   530 O O   . THR A 1 73 ? -6.270  -0.634  -7.302  1.00 31.92 ? 91  THR A O   1 
ATOM   531 C CB  . THR A 1 73 ? -8.123  -2.508  -5.778  1.00 34.17 ? 91  THR A CB  1 
ATOM   532 O OG1 . THR A 1 73 ? -8.720  -3.102  -4.620  1.00 34.65 ? 91  THR A OG1 1 
ATOM   533 C CG2 . THR A 1 73 ? -8.105  -3.531  -6.900  1.00 35.35 ? 91  THR A CG2 1 
ATOM   534 N N   . PHE A 1 74 ? -5.001  -2.483  -7.098  1.00 28.60 ? 92  PHE A N   1 
ATOM   535 C CA  . PHE A 1 74 ? -4.239  -2.232  -8.313  1.00 29.25 ? 92  PHE A CA  1 
ATOM   536 C C   . PHE A 1 74 ? -3.963  -3.484  -9.132  1.00 28.62 ? 92  PHE A C   1 
ATOM   537 O O   . PHE A 1 74 ? -4.027  -4.607  -8.628  1.00 27.49 ? 92  PHE A O   1 
ATOM   538 C CB  . PHE A 1 74 ? -2.919  -1.529  -8.000  1.00 28.25 ? 92  PHE A CB  1 
ATOM   539 C CG  . PHE A 1 74 ? -1.927  -2.379  -7.274  1.00 26.17 ? 92  PHE A CG  1 
ATOM   540 C CD1 . PHE A 1 74 ? -2.026  -2.564  -5.906  1.00 25.14 ? 92  PHE A CD1 1 
ATOM   541 C CD2 . PHE A 1 74 ? -0.870  -2.967  -7.951  1.00 25.88 ? 92  PHE A CD2 1 
ATOM   542 C CE1 . PHE A 1 74 ? -1.108  -3.330  -5.224  1.00 23.74 ? 92  PHE A CE1 1 
ATOM   543 C CE2 . PHE A 1 74 ? 0.065   -3.742  -7.274  1.00 24.80 ? 92  PHE A CE2 1 
ATOM   544 C CZ  . PHE A 1 74 ? -0.055  -3.924  -5.907  1.00 23.86 ? 92  PHE A CZ  1 
ATOM   545 N N   . THR A 1 75 ? -3.644  -3.262  -10.398 1.00 29.37 ? 93  THR A N   1 
ATOM   546 C CA  . THR A 1 75 ? -3.380  -4.329  -11.341 1.00 29.71 ? 93  THR A CA  1 
ATOM   547 C C   . THR A 1 75 ? -2.018  -4.127  -11.976 1.00 29.75 ? 93  THR A C   1 
ATOM   548 O O   . THR A 1 75 ? -1.687  -3.018  -12.426 1.00 30.23 ? 93  THR A O   1 
ATOM   549 C CB  . THR A 1 75 ? -4.445  -4.342  -12.449 1.00 32.34 ? 93  THR A CB  1 
ATOM   550 O OG1 . THR A 1 75 ? -5.630  -4.976  -11.958 1.00 33.23 ? 93  THR A OG1 1 
ATOM   551 C CG2 . THR A 1 75 ? -3.964  -5.101  -13.653 1.00 33.73 ? 93  THR A CG2 1 
ATOM   552 N N   . VAL A 1 76 ? -1.225  -5.197  -11.996 1.00 29.05 ? 94  VAL A N   1 
ATOM   553 C CA  . VAL A 1 76 ? -0.031  -5.244  -12.820 1.00 29.87 ? 94  VAL A CA  1 
ATOM   554 C C   . VAL A 1 76 ? -0.371  -6.095  -14.024 1.00 31.70 ? 94  VAL A C   1 
ATOM   555 O O   . VAL A 1 76 ? -0.888  -7.204  -13.870 1.00 31.71 ? 94  VAL A O   1 
ATOM   556 C CB  . VAL A 1 76 ? 1.126   -5.905  -12.092 1.00 29.19 ? 94  VAL A CB  1 
ATOM   557 C CG1 . VAL A 1 76 ? 2.368   -5.886  -12.972 1.00 30.66 ? 94  VAL A CG1 1 
ATOM   558 C CG2 . VAL A 1 76 ? 1.377   -5.211  -10.769 1.00 27.78 ? 94  VAL A CG2 1 
ATOM   559 N N   . ASN A 1 77 ? -0.095  -5.586  -15.220 1.00 33.66 ? 95  ASN A N   1 
ATOM   560 C CA  . ASN A 1 77 ? -0.476  -6.283  -16.443 1.00 36.23 ? 95  ASN A CA  1 
ATOM   561 C C   . ASN A 1 77 ? 0.680   -7.069  -17.046 1.00 36.98 ? 95  ASN A C   1 
ATOM   562 O O   . ASN A 1 77 ? 1.801   -7.036  -16.540 1.00 35.37 ? 95  ASN A O   1 
ATOM   563 C CB  . ASN A 1 77 ? -1.025  -5.309  -17.484 1.00 39.19 ? 95  ASN A CB  1 
ATOM   564 C CG  . ASN A 1 77 ? 0.075   -4.547  -18.211 1.00 40.98 ? 95  ASN A CG  1 
ATOM   565 O OD1 . ASN A 1 77 ? 1.151   -4.312  -17.665 1.00 40.05 ? 95  ASN A OD1 1 
ATOM   566 N ND2 . ASN A 1 77 ? -0.198  -4.153  -19.448 1.00 44.38 ? 95  ASN A ND2 1 
ATOM   567 N N   . GLU A 1 78 ? 0.406   -7.743  -18.156 1.00 39.91 ? 96  GLU A N   1 
ATOM   568 C CA  . GLU A 1 78 ? 1.388   -8.627  -18.784 1.00 42.33 ? 96  GLU A CA  1 
ATOM   569 C C   . GLU A 1 78 ? 2.521   -7.880  -19.504 1.00 44.32 ? 96  GLU A C   1 
ATOM   570 O O   . GLU A 1 78 ? 3.490   -8.489  -19.972 1.00 45.13 ? 96  GLU A O   1 
ATOM   571 C CB  . GLU A 1 78 ? 0.679   -9.609  -19.722 1.00 45.36 ? 96  GLU A CB  1 
ATOM   572 C CG  . GLU A 1 78 ? -0.227  -10.623 -18.995 1.00 45.61 ? 96  GLU A CG  1 
ATOM   573 C CD  . GLU A 1 78 ? -1.643  -10.112 -18.701 1.00 46.72 ? 96  GLU A CD  1 
ATOM   574 O OE1 . GLU A 1 78 ? -1.892  -8.882  -18.785 1.00 46.79 ? 96  GLU A OE1 1 
ATOM   575 O OE2 . GLU A 1 78 ? -2.511  -10.962 -18.388 1.00 47.76 ? 96  GLU A OE2 1 
ATOM   576 N N   . GLN A 1 79 ? 2.394   -6.557  -19.573 1.00 45.44 ? 97  GLN A N   1 
ATOM   577 C CA  . GLN A 1 79 ? 3.413   -5.693  -20.165 1.00 47.60 ? 97  GLN A CA  1 
ATOM   578 C C   . GLN A 1 79 ? 4.277   -5.033  -19.097 1.00 45.80 ? 97  GLN A C   1 
ATOM   579 O O   . GLN A 1 79 ? 5.216   -4.302  -19.403 1.00 47.07 ? 97  GLN A O   1 
ATOM   580 C CB  . GLN A 1 79 ? 2.761   -4.616  -21.027 1.00 50.66 ? 97  GLN A CB  1 
ATOM   581 C CG  . GLN A 1 79 ? 2.649   -4.979  -22.492 1.00 54.75 ? 97  GLN A CG  1 
ATOM   582 C CD  . GLN A 1 79 ? 2.220   -3.794  -23.328 1.00 58.85 ? 97  GLN A CD  1 
ATOM   583 O OE1 . GLN A 1 79 ? 1.264   -3.091  -22.982 1.00 59.38 ? 97  GLN A OE1 1 
ATOM   584 N NE2 . GLN A 1 79 ? 2.931   -3.552  -24.430 1.00 62.10 ? 97  GLN A NE2 1 
ATOM   585 N N   . GLY A 1 80 ? 3.949   -5.286  -17.840 1.00 43.47 ? 98  GLY A N   1 
ATOM   586 C CA  . GLY A 1 80 ? 4.746   -4.787  -16.740 1.00 42.09 ? 98  GLY A CA  1 
ATOM   587 C C   . GLY A 1 80 ? 4.309   -3.430  -16.239 1.00 41.88 ? 98  GLY A C   1 
ATOM   588 O O   . GLY A 1 80 ? 4.954   -2.864  -15.358 1.00 41.64 ? 98  GLY A O   1 
ATOM   589 N N   . GLN A 1 81 ? 3.226   -2.892  -16.790 1.00 42.45 ? 99  GLN A N   1 
ATOM   590 C CA  A GLN A 1 81 ? 2.734   -1.588  -16.352 0.65 42.20 ? 99  GLN A CA  1 
ATOM   591 C CA  B GLN A 1 81 ? 2.732   -1.591  -16.352 0.35 42.19 ? 99  GLN A CA  1 
ATOM   592 C C   . GLN A 1 81 ? 1.655   -1.747  -15.280 1.00 40.13 ? 99  GLN A C   1 
ATOM   593 O O   . GLN A 1 81 ? 0.967   -2.768  -15.223 1.00 39.57 ? 99  GLN A O   1 
ATOM   594 C CB  A GLN A 1 81 ? 2.264   -0.729  -17.539 0.65 45.57 ? 99  GLN A CB  1 
ATOM   595 C CB  B GLN A 1 81 ? 2.234   -0.767  -17.543 0.35 45.52 ? 99  GLN A CB  1 
ATOM   596 C CG  A GLN A 1 81 ? 1.232   -1.376  -18.452 0.65 46.73 ? 99  GLN A CG  1 
ATOM   597 C CG  B GLN A 1 81 ? 3.321   -0.428  -18.564 0.35 47.77 ? 99  GLN A CG  1 
ATOM   598 C CD  A GLN A 1 81 ? 1.216   -0.764  -19.839 0.65 50.14 ? 99  GLN A CD  1 
ATOM   599 C CD  B GLN A 1 81 ? 4.475   0.363   -17.968 0.35 47.50 ? 99  GLN A CD  1 
ATOM   600 O OE1 A GLN A 1 81 ? 1.978   0.156   -20.124 0.65 51.94 ? 99  GLN A OE1 1 
ATOM   601 O OE1 B GLN A 1 81 ? 4.335   1.010   -16.931 0.35 46.11 ? 99  GLN A OE1 1 
ATOM   602 N NE2 A GLN A 1 81 ? 0.355   -1.277  -20.712 0.65 51.62 ? 99  GLN A NE2 1 
ATOM   603 N NE2 B GLN A 1 81 ? 5.626   0.312   -18.628 0.35 49.10 ? 99  GLN A NE2 1 
ATOM   604 N N   . VAL A 1 82 ? 1.530   -0.745  -14.416 1.00 38.28 ? 100 VAL A N   1 
ATOM   605 C CA  . VAL A 1 82 ? 0.633   -0.827  -13.269 1.00 35.53 ? 100 VAL A CA  1 
ATOM   606 C C   . VAL A 1 82 ? -0.511  0.172   -13.361 1.00 37.28 ? 100 VAL A C   1 
ATOM   607 O O   . VAL A 1 82 ? -0.327  1.311   -13.791 1.00 38.53 ? 100 VAL A O   1 
ATOM   608 C CB  . VAL A 1 82 ? 1.405   -0.593  -11.962 1.00 32.92 ? 100 VAL A CB  1 
ATOM   609 C CG1 . VAL A 1 82 ? 0.469   -0.617  -10.769 1.00 31.40 ? 100 VAL A CG1 1 
ATOM   610 C CG2 . VAL A 1 82 ? 2.513   -1.630  -11.805 1.00 31.33 ? 100 VAL A CG2 1 
ATOM   611 N N   . THR A 1 83 ? -1.694  -0.260  -12.953 1.00 37.45 ? 101 THR A N   1 
ATOM   612 C CA  . THR A 1 83 ? -2.868  0.583   -13.036 1.00 40.77 ? 101 THR A CA  1 
ATOM   613 C C   . THR A 1 83 ? -3.656  0.489   -11.737 1.00 40.25 ? 101 THR A C   1 
ATOM   614 O O   . THR A 1 83 ? -3.679  -0.567  -11.104 1.00 38.30 ? 101 THR A O   1 
ATOM   615 C CB  . THR A 1 83 ? -3.757  0.136   -14.206 1.00 43.71 ? 101 THR A CB  1 
ATOM   616 O OG1 . THR A 1 83 ? -2.965  0.008   -15.397 1.00 45.11 ? 101 THR A OG1 1 
ATOM   617 C CG2 . THR A 1 83 ? -4.894  1.128   -14.435 1.00 46.93 ? 101 THR A CG2 1 
ATOM   618 N N   . VAL A 1 84 ? -4.290  1.587   -11.336 1.00 42.66 ? 102 VAL A N   1 
ATOM   619 C CA  . VAL A 1 84 ? -5.134  1.579   -10.144 1.00 43.29 ? 102 VAL A CA  1 
ATOM   620 C C   . VAL A 1 84 ? -6.611  1.434   -10.494 1.00 47.62 ? 102 VAL A C   1 
ATOM   621 O O   . VAL A 1 84 ? -7.143  2.153   -11.340 1.00 50.37 ? 102 VAL A O   1 
ATOM   622 C CB  . VAL A 1 84 ? -4.928  2.821   -9.270  1.00 43.16 ? 102 VAL A CB  1 
ATOM   623 C CG1 . VAL A 1 84 ? -6.029  2.920   -8.228  1.00 43.20 ? 102 VAL A CG1 1 
ATOM   624 C CG2 . VAL A 1 84 ? -3.575  2.763   -8.601  1.00 40.37 ? 102 VAL A CG2 1 
ATOM   625 N N   . ASN A 1 85 ? -7.256  0.483   -9.819  1.00 48.56 ? 103 ASN A N   1 
ATOM   626 C CA  . ASN A 1 85 ? -8.638  0.104   -10.091 1.00 52.42 ? 103 ASN A CA  1 
ATOM   627 C C   . ASN A 1 85 ? -9.655  0.790   -9.171  1.00 54.53 ? 103 ASN A C   1 
ATOM   628 O O   . ASN A 1 85 ? -9.636  0.605   -7.948  1.00 53.10 ? 103 ASN A O   1 
ATOM   629 C CB  . ASN A 1 85 ? -8.771  -1.417  -9.987  1.00 51.76 ? 103 ASN A CB  1 
ATOM   630 C CG  . ASN A 1 85 ? -7.681  -2.147  -10.751 1.00 50.72 ? 103 ASN A CG  1 
ATOM   631 O OD1 . ASN A 1 85 ? -6.912  -2.910  -10.174 1.00 48.50 ? 103 ASN A OD1 1 
ATOM   632 N ND2 . ASN A 1 85 ? -7.604  -1.908  -12.055 1.00 52.95 ? 103 ASN A ND2 1 
ATOM   633 N N   . ALA B 2 1  ? 6.847   1.158   -9.979  1.00 48.10 ? 111 ALA B N   1 
ATOM   634 C CA  . ALA B 2 1  ? 5.613   1.918   -9.871  1.00 46.07 ? 111 ALA B CA  1 
ATOM   635 C C   . ALA B 2 1  ? 5.392   2.388   -8.438  1.00 43.80 ? 111 ALA B C   1 
ATOM   636 O O   . ALA B 2 1  ? 5.856   1.746   -7.495  1.00 43.87 ? 111 ALA B O   1 
ATOM   637 C CB  . ALA B 2 1  ? 4.445   1.076   -10.345 1.00 46.10 ? 111 ALA B CB  1 
ATOM   638 N N   . HIS B 2 2  ? 4.682   3.505   -8.277  1.00 42.08 ? 112 HIS B N   1 
ATOM   639 C CA  . HIS B 2 2  ? 4.432   4.078   -6.954  1.00 40.57 ? 112 HIS B CA  1 
ATOM   640 C C   . HIS B 2 2  ? 3.002   3.871   -6.521  1.00 38.01 ? 112 HIS B C   1 
ATOM   641 O O   . HIS B 2 2  ? 2.062   4.155   -7.271  1.00 38.79 ? 112 HIS B O   1 
ATOM   642 C CB  . HIS B 2 2  ? 4.764   5.552   -6.949  1.00 41.81 ? 112 HIS B CB  1 
ATOM   643 C CG  . HIS B 2 2  ? 6.228   5.828   -6.819  1.00 44.04 ? 112 HIS B CG  1 
ATOM   644 N ND1 . HIS B 2 2  ? 6.844   6.028   -5.599  1.00 44.45 ? 112 HIS B ND1 1 
ATOM   645 C CD2 . HIS B 2 2  ? 7.204   5.944   -7.752  1.00 45.96 ? 112 HIS B CD2 1 
ATOM   646 C CE1 . HIS B 2 2  ? 8.130   6.265   -5.788  1.00 46.38 ? 112 HIS B CE1 1 
ATOM   647 N NE2 . HIS B 2 2  ? 8.376   6.218   -7.086  1.00 47.30 ? 112 HIS B NE2 1 
ATOM   648 N N   . ILE B 2 3  ? 2.832   3.339   -5.324  1.00 34.99 ? 113 ILE B N   1 
ATOM   649 C CA  . ILE B 2 3  ? 1.524   3.385   -4.704  1.00 31.92 ? 113 ILE B CA  1 
ATOM   650 C C   . ILE B 2 3  ? 1.688   4.242   -3.461  1.00 29.70 ? 113 ILE B C   1 
ATOM   651 O O   . ILE B 2 3  ? 2.606   4.024   -2.671  1.00 29.94 ? 113 ILE B O   1 
ATOM   652 C CB  . ILE B 2 3  ? 0.981   1.959   -4.321  1.00 34.14 ? 113 ILE B CB  1 
ATOM   653 C CG1 . ILE B 2 3  ? 0.833   1.075   -5.564  1.00 34.97 ? 113 ILE B CG1 1 
ATOM   654 C CG2 . ILE B 2 3  ? -0.371  2.065   -3.594  1.00 32.92 ? 113 ILE B CG2 1 
ATOM   655 C CD1 . ILE B 2 3  ? -0.285  1.502   -6.526  1.00 34.89 ? 113 ILE B CD1 1 
ATOM   656 N N   . VAL B 2 4  ? 0.828   5.234   -3.303  1.00 27.61 ? 114 VAL B N   1 
ATOM   657 C CA  A VAL B 2 4  ? 0.871   6.113   -2.146  0.72 27.04 ? 114 VAL B CA  1 
ATOM   658 C CA  B VAL B 2 4  ? 0.887   6.080   -2.124  0.28 27.14 ? 114 VAL B CA  1 
ATOM   659 C C   . VAL B 2 4  ? -0.451  6.049   -1.406  1.00 26.38 ? 114 VAL B C   1 
ATOM   660 O O   . VAL B 2 4  ? -1.508  6.276   -2.003  1.00 26.79 ? 114 VAL B O   1 
ATOM   661 C CB  A VAL B 2 4  ? 1.125   7.568   -2.542  0.72 27.20 ? 114 VAL B CB  1 
ATOM   662 C CB  B VAL B 2 4  ? 1.299   7.528   -2.459  0.28 26.69 ? 114 VAL B CB  1 
ATOM   663 C CG1 A VAL B 2 4  ? 1.126   8.434   -1.296  0.72 27.25 ? 114 VAL B CG1 1 
ATOM   664 C CG1 B VAL B 2 4  ? 0.737   7.944   -3.812  0.28 27.39 ? 114 VAL B CG1 1 
ATOM   665 C CG2 A VAL B 2 4  ? 2.453   7.682   -3.295  0.72 27.57 ? 114 VAL B CG2 1 
ATOM   666 C CG2 B VAL B 2 4  ? 0.864   8.468   -1.355  0.28 27.21 ? 114 VAL B CG2 1 
ATOM   667 N N   . MET B 2 5  ? -0.385  5.719   -0.123  1.00 26.14 ? 115 MET B N   1 
ATOM   668 C CA  . MET B 2 5  ? -1.554  5.631   0.732   1.00 25.90 ? 115 MET B CA  1 
ATOM   669 C C   . MET B 2 5  ? -1.387  6.666   1.831   1.00 27.04 ? 115 MET B C   1 
ATOM   670 O O   . MET B 2 5  ? -0.394  6.627   2.567   1.00 25.95 ? 115 MET B O   1 
ATOM   671 C CB  . MET B 2 5  ? -1.665  4.222   1.352   1.00 25.79 ? 115 MET B CB  1 
ATOM   672 C CG  . MET B 2 5  ? -2.886  4.049   2.256   1.00 25.51 ? 115 MET B CG  1 
ATOM   673 S SD  . MET B 2 5  ? -3.089  2.387   2.913   1.00 28.21 ? 115 MET B SD  1 
ATOM   674 C CE  . MET B 2 5  ? -3.839  1.551   1.512   1.00 24.71 ? 115 MET B CE  1 
ATOM   675 N N   . VAL B 2 6  ? -2.332  7.602   1.945   1.00 28.18 ? 116 VAL B N   1 
ATOM   676 C CA  . VAL B 2 6  ? -2.286  8.556   3.061   1.00 29.59 ? 116 VAL B CA  1 
ATOM   677 C C   . VAL B 2 6  ? -3.244  8.216   4.196   1.00 29.95 ? 116 VAL B C   1 
ATOM   678 O O   . VAL B 2 6  ? -4.393  7.826   3.978   1.00 30.03 ? 116 VAL B O   1 
ATOM   679 C CB  . VAL B 2 6  ? -2.525  10.022  2.641   1.00 31.33 ? 116 VAL B CB  1 
ATOM   680 C CG1 . VAL B 2 6  ? -1.321  10.573  1.891   1.00 31.88 ? 116 VAL B CG1 1 
ATOM   681 C CG2 . VAL B 2 6  ? -3.809  10.148  1.856   1.00 31.91 ? 116 VAL B CG2 1 
ATOM   682 N N   . ASP B 2 7  ? -2.736  8.348   5.414   1.00 30.46 ? 117 ASP B N   1 
ATOM   683 C CA  . ASP B 2 7  ? -3.540  8.242   6.614   1.00 30.89 ? 117 ASP B CA  1 
ATOM   684 C C   . ASP B 2 7  ? -3.930  9.665   7.015   1.00 32.35 ? 117 ASP B C   1 
ATOM   685 O O   . ASP B 2 7  ? -3.072  10.436  7.445   1.00 33.76 ? 117 ASP B O   1 
ATOM   686 C CB  . ASP B 2 7  ? -2.713  7.629   7.740   1.00 31.46 ? 117 ASP B CB  1 
ATOM   687 C CG  . ASP B 2 7  ? -2.374  6.158   7.510   1.00 30.62 ? 117 ASP B CG  1 
ATOM   688 O OD1 . ASP B 2 7  ? -2.563  5.400   8.445   1.00 30.60 ? 117 ASP B OD1 1 
ATOM   689 N N   . ALA B 2 8  ? -5.207  10.012  6.878   1.00 32.15 ? 118 ALA B N   1 
ATOM   690 C CA  . ALA B 2 8  ? -5.675  11.341  7.277   1.00 34.04 ? 118 ALA B CA  1 
ATOM   691 C C   . ALA B 2 8  ? -5.562  11.516  8.795   1.00 35.64 ? 118 ALA B C   1 
ATOM   692 O O   . ALA B 2 8  ? -5.486  10.525  9.539   1.00 32.90 ? 118 ALA B O   1 
ATOM   693 C CB  . ALA B 2 8  ? -7.102  11.553  6.821   1.00 32.24 ? 118 ALA B CB  1 
ATOM   694 N N   . TYR B 2 9  ? -5.529  12.765  9.252   1.00 37.61 ? 119 TYR B N   1 
ATOM   695 C CA  . TYR B 2 9  ? -5.542  13.057  10.684  1.00 39.60 ? 119 TYR B CA  1 
ATOM   696 C C   . TYR B 2 9  ? -6.953  12.882  11.235  1.00 41.22 ? 119 TYR B C   1 
ATOM   697 O O   . TYR B 2 9  ? -7.931  13.122  10.537  1.00 41.36 ? 119 TYR B O   1 
ATOM   698 C CB  . TYR B 2 9  ? -5.076  14.489  10.964  1.00 41.85 ? 119 TYR B CB  1 
ATOM   699 C CG  . TYR B 2 9  ? -3.619  14.773  10.673  1.00 41.63 ? 119 TYR B CG  1 
ATOM   700 C CD1 . TYR B 2 9  ? -2.604  14.123  11.367  1.00 41.60 ? 119 TYR B CD1 1 
ATOM   701 C CD2 . TYR B 2 9  ? -3.256  15.721  9.718   1.00 41.98 ? 119 TYR B CD2 1 
ATOM   702 C CE1 . TYR B 2 9  ? -1.261  14.393  11.099  1.00 42.06 ? 119 TYR B CE1 1 
ATOM   703 C CE2 . TYR B 2 9  ? -1.923  16.008  9.448   1.00 42.24 ? 119 TYR B CE2 1 
ATOM   704 C CZ  . TYR B 2 9  ? -0.927  15.345  10.137  1.00 42.40 ? 119 TYR B CZ  1 
ATOM   705 O OH  . TYR B 2 9  ? 0.396   15.628  9.860   1.00 42.73 ? 119 TYR B OH  1 
ATOM   706 N N   . LYS B 2 10 ? -7.062  12.443  12.483  1.00 42.91 ? 120 LYS B N   1 
ATOM   707 C CA  . LYS B 2 10 ? -8.336  12.494  13.183  1.00 45.17 ? 120 LYS B CA  1 
ATOM   708 C C   . LYS B 2 10 ? -8.579  13.947  13.560  1.00 48.58 ? 120 LYS B C   1 
ATOM   709 O O   . LYS B 2 10 ? -7.632  14.714  13.700  1.00 49.88 ? 120 LYS B O   1 
ATOM   710 C CB  . LYS B 2 10 ? -8.301  11.645  14.455  1.00 46.07 ? 120 LYS B CB  1 
ATOM   711 C CG  . LYS B 2 10 ? -8.481  10.141  14.256  1.00 44.43 ? 120 LYS B CG  1 
ATOM   712 C CD  . LYS B 2 10 ? -9.015  9.496   15.529  1.00 46.23 ? 120 LYS B CD  1 
ATOM   713 C CE  . LYS B 2 10 ? -8.244  9.977   16.762  1.00 49.15 ? 120 LYS B CE  1 
ATOM   714 N NZ  . LYS B 2 10 ? -8.623  9.258   18.023  1.00 50.76 ? 120 LYS B NZ  1 
ATOM   715 N N   . PRO B 2 11 ? -9.846  14.336  13.728  1.00 50.57 ? 121 PRO B N   1 
ATOM   716 C CA  . PRO B 2 11 ? -10.150 15.692  14.213  1.00 54.48 ? 121 PRO B CA  1 
ATOM   717 C C   . PRO B 2 11 ? -9.891  15.825  15.708  1.00 57.48 ? 121 PRO B C   1 
ATOM   718 O O   . PRO B 2 11 ? -9.335  14.898  16.311  1.00 56.21 ? 121 PRO B O   1 
ATOM   719 C CB  . PRO B 2 11 ? -11.647 15.837  13.933  1.00 55.27 ? 121 PRO B CB  1 
ATOM   720 C CG  . PRO B 2 11 ? -11.974 14.732  12.989  1.00 51.79 ? 121 PRO B CG  1 
ATOM   721 C CD  . PRO B 2 11 ? -11.051 13.621  13.289  1.00 49.36 ? 121 PRO B CD  1 
ATOM   722 N N   . THR B 2 12 ? -10.288 16.961  16.288  1.00 62.06 ? 122 THR B N   1 
ATOM   723 C CA  . THR B 2 12 ? -10.249 17.167  17.739  1.00 65.62 ? 122 THR B CA  1 
ATOM   724 C C   . THR B 2 12 ? -11.439 17.992  18.224  1.00 70.02 ? 122 THR B C   1 
ATOM   725 O O   . THR B 2 12 ? -12.145 18.612  17.429  1.00 71.15 ? 122 THR B O   1 
ATOM   726 C CB  . THR B 2 12 ? -8.946  17.853  18.206  1.00 67.57 ? 122 THR B CB  1 
ATOM   727 O OG1 . THR B 2 12 ? -7.829  16.983  17.979  1.00 64.79 ? 122 THR B OG1 1 
ATOM   728 C CG2 . THR B 2 12 ? -9.026  18.192  19.691  1.00 71.22 ? 122 THR B CG2 1 
HETATM 729 O O   . HOH C 3 .  ? -0.914  -13.509 -11.054 0.93 35.42 ? 201 HOH A O   1 
HETATM 730 O O   . HOH C 3 .  ? -2.183  -10.484 8.170   1.00 22.16 ? 202 HOH A O   1 
HETATM 731 O O   . HOH C 3 .  ? 14.563  -1.417  -0.750  1.00 33.10 ? 203 HOH A O   1 
HETATM 732 O O   . HOH C 3 .  ? 5.008   0.734   4.777   1.00 25.93 ? 204 HOH A O   1 
HETATM 733 O O   . HOH C 3 .  ? -3.090  -7.209  9.890   1.00 23.59 ? 205 HOH A O   1 
HETATM 734 O O   . HOH C 3 .  ? 7.202   -5.255  9.921   1.00 27.10 ? 206 HOH A O   1 
HETATM 735 O O   . HOH C 3 .  ? 3.661   -11.940 -7.671  1.00 23.00 ? 207 HOH A O   1 
HETATM 736 O O   . HOH C 3 .  ? -0.949  -0.500  13.890  1.00 30.72 ? 208 HOH A O   1 
HETATM 737 O O   . HOH C 3 .  ? 7.582   1.356   5.908   1.00 32.03 ? 209 HOH A O   1 
HETATM 738 O O   . HOH C 3 .  ? -7.620  -0.363  4.282   1.00 29.65 ? 210 HOH A O   1 
HETATM 739 O O   . HOH C 3 .  ? 9.700   -0.644  5.437   1.00 33.98 ? 211 HOH A O   1 
HETATM 740 O O   . HOH C 3 .  ? -3.903  -12.621 6.903   1.00 36.16 ? 212 HOH A O   1 
HETATM 741 O O   . HOH C 3 .  ? 14.348  -2.715  -4.333  1.00 41.18 ? 213 HOH A O   1 
HETATM 742 O O   . HOH C 3 .  ? -0.441  -4.880  14.241  1.00 32.72 ? 214 HOH A O   1 
HETATM 743 O O   . HOH C 3 .  ? -5.314  -11.506 -10.405 1.00 28.57 ? 215 HOH A O   1 
HETATM 744 O O   . HOH C 3 .  ? -7.095  5.018   0.266   1.00 30.25 ? 216 HOH A O   1 
HETATM 745 O O   . HOH C 3 .  ? 6.841   -12.103 -5.632  1.00 31.95 ? 217 HOH A O   1 
HETATM 746 O O   . HOH C 3 .  ? 6.354   4.396   6.285   1.00 38.92 ? 218 HOH A O   1 
HETATM 747 O O   . HOH C 3 .  ? 3.944   -15.150 1.829   1.00 29.30 ? 219 HOH A O   1 
HETATM 748 O O   . HOH C 3 .  ? -2.492  -17.356 -4.775  1.00 52.74 ? 220 HOH A O   1 
HETATM 749 O O   . HOH C 3 .  ? -8.982  0.885   -5.114  1.00 45.30 ? 221 HOH A O   1 
HETATM 750 O O   . HOH C 3 .  ? 9.800   -15.789 -9.187  1.00 38.02 ? 222 HOH A O   1 
HETATM 751 O O   . HOH C 3 .  ? 14.755  2.567   -8.175  1.00 42.84 ? 223 HOH A O   1 
HETATM 752 O O   . HOH C 3 .  ? -8.166  -10.425 7.224   1.00 40.36 ? 224 HOH A O   1 
HETATM 753 O O   . HOH C 3 .  ? 1.723   12.610  -0.405  1.00 48.13 ? 225 HOH A O   1 
HETATM 754 O O   . HOH C 3 .  ? 9.654   11.366  4.831   1.00 40.90 ? 226 HOH A O   1 
HETATM 755 O O   . HOH C 3 .  ? 7.484   1.450   12.792  1.00 38.63 ? 227 HOH A O   1 
HETATM 756 O O   . HOH C 3 .  ? 6.187   2.891   2.958   1.00 37.90 ? 228 HOH A O   1 
HETATM 757 O O   . HOH C 3 .  ? 2.046   13.457  10.908  1.00 43.31 ? 229 HOH A O   1 
HETATM 758 O O   . HOH C 3 .  ? -10.095 5.136   11.600  1.00 34.99 ? 230 HOH A O   1 
HETATM 759 O O   . HOH C 3 .  ? -8.792  6.783   2.324   1.00 47.71 ? 231 HOH A O   1 
HETATM 760 O O   . HOH C 3 .  ? -11.346 -0.575  2.458   1.00 45.04 ? 232 HOH A O   1 
HETATM 761 O O   . HOH C 3 .  ? 3.575   1.290   -14.893 1.00 50.69 ? 233 HOH A O   1 
HETATM 762 O O   . HOH C 3 .  ? -4.036  3.944   -13.193 1.00 40.78 ? 234 HOH A O   1 
HETATM 763 O O   . HOH C 3 .  ? 11.279  0.479   -11.612 1.00 50.13 ? 235 HOH A O   1 
HETATM 764 O O   . HOH C 3 .  ? 9.429   -3.098  -12.830 1.00 57.86 ? 236 HOH A O   1 
HETATM 765 O O   . HOH C 3 .  ? 4.897   -7.917  -14.364 1.00 41.46 ? 237 HOH A O   1 
HETATM 766 O O   . HOH C 3 .  ? -0.350  -13.033 -8.727  1.00 41.86 ? 238 HOH A O   1 
HETATM 767 O O   . HOH C 3 .  ? -9.928  7.467   5.475   1.00 46.86 ? 239 HOH A O   1 
HETATM 768 O O   . HOH C 3 .  ? 7.876   -3.943  -15.212 1.00 54.48 ? 240 HOH A O   1 
HETATM 769 O O   . HOH C 3 .  ? -3.687  1.360   16.683  1.00 48.68 ? 241 HOH A O   1 
HETATM 770 O O   . HOH C 3 .  ? -1.206  0.031   16.149  1.00 48.72 ? 242 HOH A O   1 
HETATM 771 O O   . HOH C 3 .  ? 12.299  5.439   1.942   1.00 58.55 ? 243 HOH A O   1 
HETATM 772 O O   . HOH C 3 .  ? -3.548  -18.901 -3.425  1.00 55.47 ? 244 HOH A O   1 
HETATM 773 O O   . HOH C 3 .  ? -7.958  -7.536  4.978   1.00 40.55 ? 245 HOH A O   1 
HETATM 774 O O   . HOH C 3 .  ? -9.730  -6.014  4.076   1.00 43.99 ? 246 HOH A O   1 
HETATM 775 O O   . HOH C 3 .  ? -6.537  6.931   16.320  1.00 36.62 ? 247 HOH A O   1 
HETATM 776 O O   . HOH C 3 .  ? 8.674   -2.401  9.860   1.00 58.05 ? 248 HOH A O   1 
HETATM 777 O O   . HOH C 3 .  ? -9.367  3.274   -3.111  1.00 43.69 ? 249 HOH A O   1 
HETATM 778 O O   . HOH C 3 .  ? 4.642   -11.629 6.228   1.00 47.57 ? 250 HOH A O   1 
HETATM 779 O O   . HOH C 3 .  ? -3.566  -8.935  -14.700 1.00 49.25 ? 251 HOH A O   1 
HETATM 780 O O   . HOH D 3 .  ? -0.926  5.879   -5.595  1.00 29.37 ? 201 HOH B O   1 
HETATM 781 O O   . HOH D 3 .  ? 8.948   3.366   -9.852  1.00 36.80 ? 202 HOH B O   1 
HETATM 782 O O   . HOH D 3 .  ? -2.103  12.738  8.399   1.00 35.41 ? 203 HOH B O   1 
HETATM 783 O O   . HOH D 3 .  ? -4.823  7.109   -0.027  1.00 28.18 ? 204 HOH B O   1 
HETATM 784 O O   . HOH D 3 .  ? -7.293  7.972   6.018   1.00 29.39 ? 205 HOH B O   1 
HETATM 785 O O   . HOH D 3 .  ? -2.731  5.609   -4.927  1.00 29.30 ? 206 HOH B O   1 
HETATM 786 O O   . HOH D 3 .  ? -8.293  10.590  3.493   1.00 53.02 ? 207 HOH B O   1 
HETATM 787 O O   . HOH D 3 .  ? 6.542   -0.251  -13.226 1.00 49.17 ? 208 HOH B O   1 
HETATM 788 O O   . HOH D 3 .  ? 4.399   5.612   -10.179 1.00 43.73 ? 209 HOH B O   1 
HETATM 789 O O   . HOH D 3 .  ? 6.283   5.905   -3.355  1.00 32.24 ? 210 HOH B O   1 
# 
loop_
_atom_site_anisotrop.id 
_atom_site_anisotrop.type_symbol 
_atom_site_anisotrop.pdbx_label_atom_id 
_atom_site_anisotrop.pdbx_label_alt_id 
_atom_site_anisotrop.pdbx_label_comp_id 
_atom_site_anisotrop.pdbx_label_asym_id 
_atom_site_anisotrop.pdbx_label_seq_id 
_atom_site_anisotrop.pdbx_PDB_ins_code 
_atom_site_anisotrop.U[1][1] 
_atom_site_anisotrop.U[2][2] 
_atom_site_anisotrop.U[3][3] 
_atom_site_anisotrop.U[1][2] 
_atom_site_anisotrop.U[1][3] 
_atom_site_anisotrop.U[2][3] 
_atom_site_anisotrop.pdbx_auth_seq_id 
_atom_site_anisotrop.pdbx_auth_comp_id 
_atom_site_anisotrop.pdbx_auth_asym_id 
_atom_site_anisotrop.pdbx_auth_atom_id 
1   N N   . SER A 5  ? 0.5794 0.7170 0.5396 0.0776  0.1377  -0.0653 23  SER A N   
2   C CA  . SER A 5  ? 0.5691 0.6993 0.5018 0.0560  0.1307  -0.0451 23  SER A CA  
3   C C   . SER A 5  ? 0.5186 0.6357 0.4669 0.0546  0.1110  -0.0258 23  SER A C   
4   O O   . SER A 5  ? 0.5170 0.6206 0.4439 0.0453  0.0987  -0.0136 23  SER A O   
5   C CB  . SER A 5  ? 0.6085 0.7170 0.4972 0.0489  0.1272  -0.0527 23  SER A CB  
6   O OG  . SER A 5  ? 0.6186 0.7291 0.4792 0.0343  0.1190  -0.0350 23  SER A OG  
7   N N   . ALA A 6  ? 0.4788 0.6047 0.4647 0.0656  0.1073  -0.0254 24  ALA A N   
8   C CA  . ALA A 6  ? 0.4334 0.5481 0.4335 0.0642  0.0907  -0.0094 24  ALA A CA  
9   C C   . ALA A 6  ? 0.4112 0.5423 0.4173 0.0492  0.0949  0.0066  24  ALA A C   
10  O O   . ALA A 6  ? 0.4136 0.5732 0.4364 0.0433  0.1102  0.0021  24  ALA A O   
11  C CB  . ALA A 6  ? 0.4218 0.5350 0.4511 0.0828  0.0830  -0.0160 24  ALA A CB  
12  N N   . THR A 7  ? 0.3922 0.5040 0.3837 0.0423  0.0825  0.0233  25  THR A N   
13  C CA  . THR A 7  ? 0.3817 0.4912 0.3658 0.0298  0.0856  0.0403  25  THR A CA  
14  C C   . THR A 7  ? 0.3407 0.4496 0.3546 0.0300  0.0777  0.0458  25  THR A C   
15  O O   . THR A 7  ? 0.3104 0.4089 0.3348 0.0393  0.0628  0.0456  25  THR A O   
16  C CB  . THR A 7  ? 0.3998 0.4884 0.3456 0.0285  0.0757  0.0542  25  THR A CB  
17  O OG1 . THR A 7  ? 0.4294 0.5222 0.3435 0.0266  0.0828  0.0478  25  THR A OG1 
18  C CG2 . THR A 7  ? 0.4210 0.4910 0.3497 0.0208  0.0778  0.0737  25  THR A CG2 
19  N N   . HIS A 8  ? 0.3446 0.4645 0.3695 0.0167  0.0898  0.0485  26  HIS A N   
20  C CA  . HIS A 8  ? 0.3301 0.4525 0.3820 0.0132  0.0834  0.0503  26  HIS A CA  
21  C C   . HIS A 8  ? 0.3461 0.4313 0.3753 0.0115  0.0726  0.0681  26  HIS A C   
22  O O   . HIS A 8  ? 0.3754 0.4357 0.3699 0.0039  0.0787  0.0814  26  HIS A O   
23  C CB  . HIS A 8  ? 0.3406 0.4901 0.4110 -0.0067 0.1023  0.0436  26  HIS A CB  
24  C CG  . HIS A 8  ? 0.3264 0.4854 0.4259 -0.0139 0.0961  0.0407  26  HIS A CG  
25  N ND1 . HIS A 8  ? 0.3439 0.5211 0.4565 -0.0401 0.1125  0.0350  26  HIS A ND1 
26  C CD2 . HIS A 8  ? 0.3012 0.4539 0.4160 -0.0012 0.0762  0.0410  26  HIS A CD2 
27  C CE1 . HIS A 8  ? 0.3279 0.5121 0.4647 -0.0424 0.1011  0.0307  26  HIS A CE1 
28  N NE2 . HIS A 8  ? 0.3038 0.4725 0.4407 -0.0175 0.0787  0.0352  26  HIS A NE2 
29  N N   . ILE A 9  ? 0.3320 0.4108 0.3763 0.0211  0.0566  0.0680  27  ILE A N   
30  C CA  . ILE A 9  ? 0.3403 0.3899 0.3688 0.0224  0.0472  0.0807  27  ILE A CA  
31  C C   . ILE A 9  ? 0.3288 0.3761 0.3783 0.0163  0.0438  0.0788  27  ILE A C   
32  O O   . ILE A 9  ? 0.3087 0.3739 0.3833 0.0218  0.0362  0.0689  27  ILE A O   
33  C CB  . ILE A 9  ? 0.3361 0.3804 0.3569 0.0365  0.0326  0.0810  27  ILE A CB  
34  C CG1 . ILE A 9  ? 0.3700 0.4098 0.3598 0.0403  0.0325  0.0869  27  ILE A CG1 
35  C CG2 . ILE A 9  ? 0.3320 0.3609 0.3548 0.0407  0.0225  0.0861  27  ILE A CG2 
36  C CD1 . ILE A 9  ? 0.3820 0.4373 0.3652 0.0379  0.0410  0.0783  27  ILE A CD1 
37  N N   . LYS A 10 ? 0.3450 0.3645 0.3773 0.0058  0.0493  0.0883  28  LYS A N   
38  C CA  . LYS A 10 ? 0.3442 0.3567 0.3906 -0.0037 0.0476  0.0847  28  LYS A CA  
39  C C   . LYS A 10 ? 0.3399 0.3229 0.3728 0.0090  0.0354  0.0915  28  LYS A C   
40  O O   . LYS A 10 ? 0.3667 0.3187 0.3698 0.0166  0.0354  0.1032  28  LYS A O   
41  C CB  . LYS A 10 ? 0.3965 0.3895 0.4285 -0.0288 0.0658  0.0874  28  LYS A CB  
42  C CG  . LYS A 10 ? 0.4075 0.4419 0.4613 -0.0467 0.0815  0.0752  28  LYS A CG  
43  C CD  . LYS A 10 ? 0.4781 0.4814 0.4957 -0.0708 0.1047  0.0841  28  LYS A CD  
44  C CE  . LYS A 10 ? 0.4969 0.5443 0.5418 -0.1005 0.1257  0.0668  28  LYS A CE  
45  N NZ  . LYS A 10 ? 0.5760 0.5766 0.5744 -0.1318 0.1520  0.0772  28  LYS A NZ  
46  N N   . PHE A 11 ? 0.3123 0.3065 0.3650 0.0136  0.0247  0.0834  29  PHE A N   
47  C CA  . PHE A 11 ? 0.3055 0.2795 0.3489 0.0249  0.0155  0.0861  29  PHE A CA  
48  C C   . PHE A 11 ? 0.3044 0.2604 0.3495 0.0143  0.0163  0.0815  29  PHE A C   
49  O O   . PHE A 11 ? 0.2783 0.2551 0.3435 0.0050  0.0135  0.0709  29  PHE A O   
50  C CB  . PHE A 11 ? 0.2843 0.2779 0.3384 0.0360  0.0052  0.0802  29  PHE A CB  
51  C CG  . PHE A 11 ? 0.2946 0.2766 0.3430 0.0435  -0.0008 0.0790  29  PHE A CG  
52  C CD1 . PHE A 11 ? 0.3093 0.2884 0.3467 0.0557  -0.0025 0.0827  29  PHE A CD1 
53  C CD2 . PHE A 11 ? 0.2989 0.2780 0.3532 0.0397  -0.0048 0.0722  29  PHE A CD2 
54  C CE1 . PHE A 11 ? 0.3173 0.2947 0.3544 0.0637  -0.0060 0.0778  29  PHE A CE1 
55  C CE2 . PHE A 11 ? 0.3134 0.2835 0.3610 0.0454  -0.0071 0.0690  29  PHE A CE2 
56  C CZ  . PHE A 11 ? 0.3162 0.2874 0.3576 0.0575  -0.0065 0.0710  29  PHE A CZ  
57  N N   . SER A 12 ? 0.3479 0.2642 0.3692 0.0181  0.0190  0.0880  30  SER A N   
58  C CA  . SER A 12 ? 0.3769 0.2660 0.3928 0.0081  0.0211  0.0820  30  SER A CA  
59  C C   . SER A 12 ? 0.3806 0.2584 0.3908 0.0268  0.0129  0.0796  30  SER A C   
60  O O   . SER A 12 ? 0.4074 0.2749 0.4040 0.0470  0.0104  0.0867  30  SER A O   
61  C CB  . SER A 12 ? 0.4354 0.2724 0.4193 -0.0034 0.0348  0.0900  30  SER A CB  
62  O OG  . SER A 12 ? 0.4486 0.2982 0.4397 -0.0304 0.0472  0.0869  30  SER A OG  
63  N N   . LYS A 13 ? 0.3563 0.2417 0.3770 0.0209  0.0084  0.0679  31  LYS A N   
64  C CA  . LYS A 13 ? 0.3485 0.2215 0.3613 0.0350  0.0049  0.0626  31  LYS A CA  
65  C C   . LYS A 13 ? 0.3834 0.2137 0.3791 0.0250  0.0109  0.0560  31  LYS A C   
66  O O   . LYS A 13 ? 0.3819 0.2169 0.3843 0.0034  0.0113  0.0463  31  LYS A O   
67  C CB  . LYS A 13 ? 0.3062 0.2114 0.3323 0.0356  -0.0027 0.0542  31  LYS A CB  
68  C CG  . LYS A 13 ? 0.3130 0.2111 0.3308 0.0468  -0.0023 0.0461  31  LYS A CG  
69  C CD  . LYS A 13 ? 0.3048 0.2208 0.3261 0.0658  -0.0019 0.0486  31  LYS A CD  
70  C CE  . LYS A 13 ? 0.3150 0.2379 0.3347 0.0750  0.0011  0.0360  31  LYS A CE  
71  N NZ  . LYS A 13 ? 0.3647 0.2552 0.3721 0.0899  0.0047  0.0313  31  LYS A NZ  
72  N N   . ARG A 14 ? 0.4292 0.2188 0.4019 0.0422  0.0147  0.0592  32  ARG A N   
73  C CA  . ARG A 14 ? 0.5038 0.2337 0.4493 0.0324  0.0238  0.0550  32  ARG A CA  
74  C C   . ARG A 14 ? 0.5336 0.2375 0.4651 0.0532  0.0235  0.0455  32  ARG A C   
75  O O   . ARG A 14 ? 0.5081 0.2433 0.4519 0.0775  0.0175  0.0433  32  ARG A O   
76  C CB  . ARG A 14 ? 0.5672 0.2461 0.4809 0.0344  0.0326  0.0707  32  ARG A CB  
77  C CG  . ARG A 14 ? 0.5589 0.2657 0.4832 0.0189  0.0353  0.0806  32  ARG A CG  
78  C CD  . ARG A 14 ? 0.6161 0.2930 0.5272 -0.0180 0.0506  0.0785  32  ARG A CD  
79  N NE  . ARG A 14 ? 0.6357 0.3164 0.5383 -0.0248 0.0581  0.0922  32  ARG A NE  
80  C CZ  . ARG A 14 ? 0.7099 0.3309 0.5654 -0.0150 0.0660  0.1098  32  ARG A CZ  
81  N NH1 . ARG A 14 ? 0.7754 0.3374 0.5953 0.0048  0.0641  0.1130  32  ARG A NH1 
82  N NH2 . ARG A 14 ? 0.7179 0.3458 0.5628 -0.0231 0.0735  0.1214  32  ARG A NH2 
83  N N   . ASP A 15 ? 0.5917 0.2397 0.4977 0.0417  0.0318  0.0368  33  ASP A N   
84  C CA  . ASP A 15 ? 0.6358 0.2461 0.5214 0.0665  0.0341  0.0278  33  ASP A CA  
85  C C   . ASP A 15 ? 0.7036 0.2425 0.5488 0.0885  0.0397  0.0418  33  ASP A C   
86  O O   . ASP A 15 ? 0.7055 0.2392 0.5429 0.0804  0.0408  0.0580  33  ASP A O   
87  C CB  . ASP A 15 ? 0.6824 0.2693 0.5583 0.0440  0.0394  0.0072  33  ASP A CB  
88  C CG  . ASP A 15 ? 0.7585 0.2904 0.6099 0.0085  0.0503  0.0049  33  ASP A CG  
89  O OD1 . ASP A 15 ? 0.7989 0.2861 0.6267 0.0061  0.0582  0.0204  33  ASP A OD1 
90  O OD2 . ASP A 15 ? 0.7815 0.3142 0.6338 -0.0198 0.0521  -0.0140 33  ASP A OD2 
91  N N   . GLU A 16 ? 0.7546 0.2624 0.5820 0.1116  0.0405  0.0331  34  GLU A N   
92  C CA  . GLU A 16 ? 0.8202 0.2916 0.6197 0.1324  0.0394  0.0441  34  GLU A CA  
93  C C   . GLU A 16 ? 0.9029 0.3051 0.6629 0.1029  0.0516  0.0502  34  GLU A C   
94  O O   . GLU A 16 ? 0.9558 0.3244 0.6861 0.1141  0.0519  0.0644  34  GLU A O   
95  C CB  . GLU A 16 ? 0.8426 0.3087 0.6387 0.1693  0.0362  0.0317  34  GLU A CB  
96  C CG  . GLU A 16 ? 0.7699 0.3136 0.6063 0.1968  0.0265  0.0244  34  GLU A CG  
97  C CD  . GLU A 16 ? 0.8007 0.3512 0.6391 0.2343  0.0238  0.0112  34  GLU A CD  
98  O OE1 . GLU A 16 ? 0.7604 0.3562 0.6255 0.2441  0.0254  -0.0072 34  GLU A OE1 
99  O OE2 . GLU A 16 ? 0.8748 0.3852 0.6855 0.2549  0.0213  0.0184  34  GLU A OE2 
100 N N   . ASP A 17 ? 0.9258 0.3090 0.6841 0.0631  0.0619  0.0380  35  ASP A N   
101 C CA  . ASP A 17 ? 1.0089 0.3387 0.7356 0.0264  0.0761  0.0399  35  ASP A CA  
102 C C   . ASP A 17 ? 0.9899 0.3470 0.7277 0.0004  0.0796  0.0532  35  ASP A C   
103 O O   . ASP A 17 ? 1.0476 0.3727 0.7631 -0.0330 0.0934  0.0550  35  ASP A O   
104 C CB  . ASP A 17 ? 1.0330 0.3454 0.7588 -0.0099 0.0850  0.0165  35  ASP A CB  
105 C CG  . ASP A 17 ? 1.0619 0.3578 0.7818 0.0148  0.0819  0.0002  35  ASP A CG  
106 O OD1 . ASP A 17 ? 1.1202 0.3785 0.8148 0.0493  0.0810  0.0059  35  ASP A OD1 
107 O OD2 . ASP A 17 ? 1.0305 0.3527 0.7694 0.0007  0.0802  -0.0195 35  ASP A OD2 
108 N N   . GLY A 18 ? 0.9178 0.3357 0.6895 0.0147  0.0689  0.0608  36  GLY A N   
109 C CA  . GLY A 18 ? 0.8872 0.3345 0.6701 -0.0041 0.0719  0.0736  36  GLY A CA  
110 C C   . GLY A 18 ? 0.8558 0.3338 0.6665 -0.0488 0.0796  0.0607  36  GLY A C   
111 O O   . GLY A 18 ? 0.8572 0.3534 0.6748 -0.0761 0.0886  0.0655  36  GLY A O   
112 N N   . LYS A 19 ? 0.8235 0.3238 0.6559 -0.0560 0.0742  0.0410  37  LYS A N   
113 C CA  . LYS A 19 ? 0.7652 0.3357 0.6406 -0.0903 0.0708  0.0241  37  LYS A CA  
114 C C   . LYS A 19 ? 0.6734 0.3294 0.5938 -0.0686 0.0514  0.0239  37  LYS A C   
115 O O   . LYS A 19 ? 0.6466 0.3077 0.5673 -0.0366 0.0421  0.0266  37  LYS A O   
116 C CB  . LYS A 19 ? 0.8004 0.3474 0.6672 -0.1190 0.0754  -0.0004 37  LYS A CB  
117 C CG  . LYS A 19 ? 0.8983 0.3533 0.7139 -0.1383 0.0950  -0.0013 37  LYS A CG  
118 C CD  . LYS A 19 ? 0.9213 0.3763 0.7305 -0.1660 0.1093  0.0082  37  LYS A CD  
119 C CE  . LYS A 19 ? 1.0187 0.3954 0.7746 -0.1707 0.1239  0.0127  37  LYS A CE  
120 N NZ  . LYS A 19 ? 1.0708 0.4278 0.8163 -0.2119 0.1357  -0.0113 37  LYS A NZ  
121 N N   . GLU A 20 ? 0.6304 0.3516 0.5867 -0.0866 0.0470  0.0197  38  GLU A N   
122 C CA  . GLU A 20 ? 0.5662 0.3566 0.5570 -0.0678 0.0302  0.0207  38  GLU A CA  
123 C C   . GLU A 20 ? 0.5303 0.3333 0.5235 -0.0581 0.0180  0.0083  38  GLU A C   
124 O O   . GLU A 20 ? 0.5483 0.3458 0.5377 -0.0780 0.0174  -0.0092 38  GLU A O   
125 C CB  . GLU A 20 ? 0.5615 0.4134 0.5869 -0.0874 0.0277  0.0140  38  GLU A CB  
126 C CG  . GLU A 20 ? 0.5901 0.4412 0.6149 -0.0936 0.0404  0.0267  38  GLU A CG  
127 C CD  . GLU A 20 ? 0.5761 0.4439 0.6046 -0.0624 0.0333  0.0434  38  GLU A CD  
128 O OE1 . GLU A 20 ? 0.5441 0.4445 0.5886 -0.0430 0.0184  0.0417  38  GLU A OE1 
129 O OE2 . GLU A 20 ? 0.6006 0.4461 0.6114 -0.0597 0.0434  0.0576  38  GLU A OE2 
130 N N   . LEU A 21 ? 0.4733 0.2933 0.4702 -0.0304 0.0098  0.0160  39  LEU A N   
131 C CA  . LEU A 21 ? 0.4619 0.2849 0.4518 -0.0206 0.0031  0.0061  39  LEU A CA  
132 C C   . LEU A 21 ? 0.4089 0.2819 0.4146 -0.0168 -0.0104 0.0052  39  LEU A C   
133 O O   . LEU A 21 ? 0.3740 0.2690 0.3901 -0.0041 -0.0132 0.0168  39  LEU A O   
134 C CB  . LEU A 21 ? 0.4726 0.2729 0.4489 0.0066  0.0078  0.0122  39  LEU A CB  
135 C CG  . LEU A 21 ? 0.4773 0.2833 0.4458 0.0151  0.0058  -0.0001 39  LEU A CG  
136 C CD1 . LEU A 21 ? 0.5168 0.2893 0.4660 -0.0001 0.0093  -0.0173 39  LEU A CD1 
137 C CD2 . LEU A 21 ? 0.4845 0.2859 0.4497 0.0428  0.0111  0.0025  39  LEU A CD2 
138 N N   . ALA A 22 ? 0.4096 0.2951 0.4108 -0.0273 -0.0193 -0.0087 40  ALA A N   
139 C CA  . ALA A 22 ? 0.3930 0.3142 0.3968 -0.0203 -0.0341 -0.0082 40  ALA A CA  
140 C C   . ALA A 22 ? 0.4014 0.3103 0.3813 -0.0081 -0.0330 -0.0076 40  ALA A C   
141 O O   . ALA A 22 ? 0.4210 0.3039 0.3856 -0.0081 -0.0240 -0.0157 40  ALA A O   
142 C CB  . ALA A 22 ? 0.4017 0.3502 0.4107 -0.0351 -0.0480 -0.0235 40  ALA A CB  
143 N N   . GLY A 23 ? 0.3889 0.3132 0.3628 0.0018  -0.0397 0.0009  41  GLY A N   
144 C CA  . GLY A 23 ? 0.4077 0.3209 0.3531 0.0063  -0.0367 0.0000  41  GLY A CA  
145 C C   . GLY A 23 ? 0.3963 0.3083 0.3425 0.0143  -0.0241 0.0082  41  GLY A C   
146 O O   . GLY A 23 ? 0.4188 0.3249 0.3422 0.0130  -0.0169 0.0052  41  GLY A O   
147 N N   . ALA A 24 ? 0.3649 0.2857 0.3357 0.0200  -0.0206 0.0167  42  ALA A N   
148 C CA  . ALA A 24 ? 0.3497 0.2787 0.3254 0.0262  -0.0107 0.0211  42  ALA A CA  
149 C C   . ALA A 24 ? 0.3457 0.2800 0.3155 0.0250  -0.0141 0.0302  42  ALA A C   
150 O O   . ALA A 24 ? 0.3474 0.2866 0.3281 0.0278  -0.0224 0.0370  42  ALA A O   
151 C CB  . ALA A 24 ? 0.3315 0.2643 0.3295 0.0350  -0.0067 0.0248  42  ALA A CB  
152 N N   . THR A 25 ? 0.3496 0.2813 0.3004 0.0196  -0.0057 0.0289  43  THR A N   
153 C CA  . THR A 25 ? 0.3512 0.2755 0.2893 0.0166  -0.0058 0.0369  43  THR A CA  
154 C C   . THR A 25 ? 0.3169 0.2628 0.2818 0.0187  0.0000  0.0380  43  THR A C   
155 O O   . THR A 25 ? 0.3110 0.2788 0.2915 0.0188  0.0088  0.0303  43  THR A O   
156 C CB  . THR A 25 ? 0.3685 0.2707 0.2651 0.0035  0.0039  0.0354  43  THR A CB  
157 O OG1 . THR A 25 ? 0.3951 0.2776 0.2611 0.0031  -0.0023 0.0340  43  THR A OG1 
158 C CG2 . THR A 25 ? 0.3822 0.2589 0.2551 0.0012  0.0030  0.0448  43  THR A CG2 
159 N N   . MET A 26 ? 0.2972 0.2407 0.2677 0.0231  -0.0065 0.0457  44  MET A N   
160 C CA  . MET A 26 ? 0.2805 0.2437 0.2733 0.0260  -0.0038 0.0470  44  MET A CA  
161 C C   . MET A 26 ? 0.3032 0.2538 0.2810 0.0209  -0.0015 0.0495  44  MET A C   
162 O O   . MET A 26 ? 0.3225 0.2468 0.2794 0.0244  -0.0075 0.0545  44  MET A O   
163 C CB  . MET A 26 ? 0.2664 0.2369 0.2800 0.0356  -0.0113 0.0524  44  MET A CB  
164 C CG  . MET A 26 ? 0.2713 0.2427 0.2948 0.0389  -0.0114 0.0501  44  MET A CG  
165 S SD  . MET A 26 ? 0.3554 0.3428 0.3884 0.0470  -0.0044 0.0460  44  MET A SD  
166 C CE  . MET A 26 ? 0.2318 0.2384 0.2730 0.0487  -0.0049 0.0509  44  MET A CE  
167 N N   . GLU A 27 ? 0.3002 0.2690 0.2868 0.0144  0.0057  0.0446  45  GLU A N   
168 C CA  . GLU A 27 ? 0.3230 0.2772 0.2958 0.0083  0.0087  0.0449  45  GLU A CA  
169 C C   . GLU A 27 ? 0.2951 0.2772 0.2916 0.0143  0.0065  0.0441  45  GLU A C   
170 O O   . GLU A 27 ? 0.2767 0.2915 0.2940 0.0184  0.0058  0.0410  45  GLU A O   
171 C CB  . GLU A 27 ? 0.3544 0.3012 0.3060 -0.0142 0.0227  0.0354  45  GLU A CB  
172 C CG  . GLU A 27 ? 0.3940 0.3108 0.3132 -0.0252 0.0295  0.0356  45  GLU A CG  
173 C CD  . GLU A 27 ? 0.4333 0.3519 0.3356 -0.0545 0.0486  0.0230  45  GLU A CD  
174 O OE1 . GLU A 27 ? 0.4268 0.3802 0.3506 -0.0649 0.0541  0.0117  45  GLU A OE1 
175 O OE2 . GLU A 27 ? 0.4723 0.3602 0.3384 -0.0694 0.0590  0.0227  45  GLU A OE2 
176 N N   . LEU A 28 ? 0.2882 0.2558 0.2776 0.0178  0.0050  0.0466  46  LEU A N   
177 C CA  . LEU A 28 ? 0.2793 0.2696 0.2810 0.0191  0.0054  0.0436  46  LEU A CA  
178 C C   . LEU A 28 ? 0.3076 0.2856 0.2897 0.0026  0.0138  0.0336  46  LEU A C   
179 O O   . LEU A 28 ? 0.3434 0.2779 0.2977 -0.0006 0.0174  0.0341  46  LEU A O   
180 C CB  . LEU A 28 ? 0.2793 0.2677 0.2890 0.0328  0.0008  0.0502  46  LEU A CB  
181 C CG  . LEU A 28 ? 0.2769 0.2777 0.2878 0.0336  0.0035  0.0470  46  LEU A CG  
182 C CD1 . LEU A 28 ? 0.2604 0.2931 0.2819 0.0343  0.0016  0.0476  46  LEU A CD1 
183 C CD2 . LEU A 28 ? 0.2758 0.2734 0.2930 0.0454  0.0027  0.0503  46  LEU A CD2 
184 N N   . ARG A 29 ? 0.3029 0.3166 0.2960 -0.0072 0.0163  0.0234  47  ARG A N   
185 C CA  . ARG A 29 ? 0.3462 0.3550 0.3226 -0.0302 0.0258  0.0090  47  ARG A CA  
186 C C   . ARG A 29 ? 0.3370 0.3697 0.3190 -0.0293 0.0229  0.0021  47  ARG A C   
187 O O   . ARG A 29 ? 0.3051 0.3744 0.3067 -0.0142 0.0137  0.0062  47  ARG A O   
188 C CB  . ARG A 29 ? 0.3683 0.4100 0.3532 -0.0502 0.0332  -0.0047 47  ARG A CB  
189 C CG  . ARG A 29 ? 0.4095 0.4202 0.3769 -0.0592 0.0414  -0.0013 47  ARG A CG  
190 C CD  . ARG A 29 ? 0.4301 0.4857 0.4120 -0.0794 0.0515  -0.0181 47  ARG A CD  
191 N NE  . ARG A 29 ? 0.4764 0.4966 0.4316 -0.0936 0.0635  -0.0161 47  ARG A NE  
192 C CZ  . ARG A 29 ? 0.5419 0.5291 0.4617 -0.1271 0.0823  -0.0250 47  ARG A CZ  
193 N NH1 . ARG A 29 ? 0.5701 0.5567 0.4807 -0.1521 0.0915  -0.0388 47  ARG A NH1 
194 N NH2 . ARG A 29 ? 0.5808 0.5313 0.4689 -0.1385 0.0933  -0.0207 47  ARG A NH2 
195 N N   . ASP A 30 ? 0.3760 0.3818 0.3339 -0.0453 0.0310  -0.0084 48  ASP A N   
196 C CA  . ASP A 30 ? 0.3795 0.4136 0.3403 -0.0482 0.0286  -0.0190 48  ASP A CA  
197 C C   . ASP A 30 ? 0.3726 0.4554 0.3433 -0.0726 0.0307  -0.0396 48  ASP A C   
198 O O   . ASP A 30 ? 0.3689 0.4622 0.3456 -0.0881 0.0371  -0.0459 48  ASP A O   
199 C CB  . ASP A 30 ? 0.4385 0.4246 0.3709 -0.0487 0.0351  -0.0226 48  ASP A CB  
200 C CG  . ASP A 30 ? 0.5175 0.4489 0.4135 -0.0747 0.0494  -0.0347 48  ASP A CG  
201 O OD1 . ASP A 30 ? 0.5342 0.4724 0.4274 -0.1001 0.0569  -0.0434 48  ASP A OD1 
202 O OD2 . ASP A 30 ? 0.5689 0.4480 0.4363 -0.0694 0.0548  -0.0366 48  ASP A OD2 
203 N N   . SER A 31 ? 0.3788 0.4969 0.3517 -0.0767 0.0258  -0.0523 49  SER A N   
204 C CA  . SER A 31 ? 0.3870 0.5703 0.3771 -0.0968 0.0235  -0.0753 49  SER A CA  
205 C C   . SER A 31 ? 0.4300 0.5977 0.4059 -0.1391 0.0420  -0.0966 49  SER A C   
206 O O   . SER A 31 ? 0.4317 0.6593 0.4305 -0.1587 0.0440  -0.1160 49  SER A O   
207 C CB  . SER A 31 ? 0.3907 0.6138 0.3796 -0.0925 0.0124  -0.0857 49  SER A CB  
208 O OG  . SER A 31 ? 0.4215 0.5931 0.3784 -0.1015 0.0210  -0.0889 49  SER A OG  
209 N N   . SER A 32 ? 0.4722 0.5590 0.4081 -0.1530 0.0565  -0.0943 50  SER A N   
210 C CA  . SER A 32 ? 0.5197 0.5699 0.4276 -0.1964 0.0776  -0.1119 50  SER A CA  
211 C C   . SER A 32 ? 0.5160 0.5640 0.4291 -0.2045 0.0862  -0.1058 50  SER A C   
212 O O   . SER A 32 ? 0.5518 0.6126 0.4601 -0.2441 0.1029  -0.1254 50  SER A O   
213 C CB  . SER A 32 ? 0.5778 0.5257 0.4311 -0.2022 0.0902  -0.1079 50  SER A CB  
214 O OG  . SER A 32 ? 0.5737 0.4613 0.4106 -0.1731 0.0879  -0.0814 50  SER A OG  
215 N N   . GLY A 33 ? 0.4834 0.5180 0.4058 -0.1698 0.0762  -0.0808 51  GLY A N   
216 C CA  . GLY A 33 ? 0.4814 0.5094 0.4040 -0.1742 0.0836  -0.0741 51  GLY A CA  
217 C C   . GLY A 33 ? 0.5052 0.4443 0.3876 -0.1579 0.0850  -0.0507 51  GLY A C   
218 O O   . GLY A 33 ? 0.5059 0.4277 0.3805 -0.1544 0.0878  -0.0403 51  GLY A O   
219 N N   . LYS A 34 ? 0.5280 0.4148 0.3848 -0.1453 0.0819  -0.0444 52  LYS A N   
220 C CA  . LYS A 34 ? 0.5695 0.3767 0.3888 -0.1238 0.0799  -0.0249 52  LYS A CA  
221 C C   . LYS A 34 ? 0.5050 0.3374 0.3543 -0.0875 0.0628  -0.0062 52  LYS A C   
222 O O   . LYS A 34 ? 0.4642 0.3434 0.3501 -0.0664 0.0504  -0.0029 52  LYS A O   
223 C CB  . LYS A 34 ? 0.6222 0.3790 0.4149 -0.1121 0.0795  -0.0261 52  LYS A CB  
224 C CG  . LYS A 34 ? 0.6628 0.3549 0.4278 -0.0775 0.0718  -0.0072 52  LYS A CG  
225 C CD  . LYS A 34 ? 0.7091 0.3588 0.4526 -0.0607 0.0718  -0.0115 52  LYS A CD  
226 C CE  . LYS A 34 ? 0.8144 0.3754 0.4928 -0.0865 0.0899  -0.0216 52  LYS A CE  
227 N NZ  . LYS A 34 ? 0.8666 0.3789 0.5195 -0.0681 0.0915  -0.0287 52  LYS A NZ  
228 N N   . THR A 35 ? 0.5100 0.3072 0.3377 -0.0835 0.0635  0.0054  53  THR A N   
229 C CA  . THR A 35 ? 0.4675 0.2783 0.3156 -0.0528 0.0480  0.0211  53  THR A CA  
230 C C   . THR A 35 ? 0.4788 0.2601 0.3200 -0.0224 0.0368  0.0302  53  THR A C   
231 O O   . THR A 35 ? 0.5391 0.2530 0.3348 -0.0157 0.0385  0.0348  53  THR A O   
232 C CB  . THR A 35 ? 0.5008 0.2760 0.3174 -0.0590 0.0521  0.0285  53  THR A CB  
233 O OG1 . THR A 35 ? 0.5059 0.3131 0.3299 -0.0898 0.0667  0.0159  53  THR A OG1 
234 C CG2 . THR A 35 ? 0.4638 0.2581 0.3017 -0.0316 0.0359  0.0408  53  THR A CG2 
235 N N   . ILE A 36 ? 0.4296 0.2597 0.3125 -0.0039 0.0267  0.0319  54  ILE A N   
236 C CA  . ILE A 36 ? 0.4326 0.2540 0.3205 0.0234  0.0183  0.0361  54  ILE A CA  
237 C C   . ILE A 36 ? 0.4281 0.2450 0.3199 0.0465  0.0055  0.0469  54  ILE A C   
238 O O   . ILE A 36 ? 0.4490 0.2427 0.3298 0.0706  -0.0020 0.0490  54  ILE A O   
239 C CB  . ILE A 36 ? 0.3935 0.2687 0.3192 0.0282  0.0163  0.0325  54  ILE A CB  
240 C CG1 . ILE A 36 ? 0.4161 0.2974 0.3334 0.0078  0.0258  0.0197  54  ILE A CG1 
241 C CG2 . ILE A 36 ? 0.3938 0.2704 0.3295 0.0534  0.0111  0.0340  54  ILE A CG2 
242 C CD1 . ILE A 36 ? 0.4094 0.3178 0.3416 0.0163  0.0253  0.0153  54  ILE A CD1 
243 N N   . SER A 37 ? 0.3997 0.2403 0.3059 0.0402  0.0021  0.0514  55  SER A N   
244 C CA  . SER A 37 ? 0.3990 0.2433 0.3110 0.0578  -0.0109 0.0583  55  SER A CA  
245 C C   . SER A 37 ? 0.3708 0.2259 0.2842 0.0444  -0.0099 0.0603  55  SER A C   
246 O O   . SER A 37 ? 0.3306 0.2144 0.2628 0.0294  -0.0023 0.0560  55  SER A O   
247 C CB  . SER A 37 ? 0.3737 0.2657 0.3293 0.0720  -0.0180 0.0572  55  SER A CB  
248 O OG  . SER A 37 ? 0.3923 0.2919 0.3544 0.0890  -0.0315 0.0593  55  SER A OG  
249 N N   . THR A 38 ? 0.3981 0.2323 0.2905 0.0529  -0.0187 0.0655  56  THR A N   
250 C CA  . THR A 38 ? 0.4066 0.2510 0.2986 0.0424  -0.0180 0.0655  56  THR A CA  
251 C C   . THR A 38 ? 0.4050 0.2644 0.3084 0.0593  -0.0349 0.0674  56  THR A C   
252 O O   . THR A 38 ? 0.4334 0.2754 0.3193 0.0786  -0.0479 0.0706  56  THR A O   
253 C CB  . THR A 38 ? 0.4681 0.2656 0.3085 0.0268  -0.0082 0.0672  56  THR A CB  
254 O OG1 . THR A 38 ? 0.4926 0.2776 0.3221 0.0066  0.0084  0.0618  56  THR A OG1 
255 C CG2 . THR A 38 ? 0.4556 0.2719 0.3000 0.0145  -0.0037 0.0635  56  THR A CG2 
256 N N   . TRP A 39 ? 0.3744 0.2672 0.3066 0.0533  -0.0353 0.0636  57  TRP A N   
257 C CA  . TRP A 39 ? 0.3643 0.2759 0.3096 0.0624  -0.0495 0.0612  57  TRP A CA  
258 C C   . TRP A 39 ? 0.3405 0.2606 0.2899 0.0500  -0.0458 0.0565  57  TRP A C   
259 O O   . TRP A 39 ? 0.3274 0.2470 0.2784 0.0388  -0.0326 0.0548  57  TRP A O   
260 C CB  . TRP A 39 ? 0.3393 0.2881 0.3260 0.0696  -0.0536 0.0578  57  TRP A CB  
261 C CG  . TRP A 39 ? 0.3129 0.2825 0.3284 0.0571  -0.0419 0.0565  57  TRP A CG  
262 C CD1 . TRP A 39 ? 0.2945 0.2814 0.3305 0.0490  -0.0410 0.0525  57  TRP A CD1 
263 C CD2 . TRP A 39 ? 0.3086 0.2778 0.3283 0.0528  -0.0304 0.0593  57  TRP A CD2 
264 N NE1 . TRP A 39 ? 0.2797 0.2694 0.3269 0.0434  -0.0299 0.0556  57  TRP A NE1 
265 C CE2 . TRP A 39 ? 0.2892 0.2739 0.3287 0.0467  -0.0249 0.0593  57  TRP A CE2 
266 C CE3 . TRP A 39 ? 0.3235 0.2781 0.3280 0.0527  -0.0246 0.0607  57  TRP A CE3 
267 C CZ2 . TRP A 39 ? 0.2839 0.2742 0.3281 0.0453  -0.0170 0.0620  57  TRP A CZ2 
268 C CZ3 . TRP A 39 ? 0.3095 0.2769 0.3242 0.0468  -0.0160 0.0602  57  TRP A CZ3 
269 C CH2 . TRP A 39 ? 0.2913 0.2788 0.3257 0.0455  -0.0138 0.0616  57  TRP A CH2 
270 N N   . ILE A 40 ? 0.3445 0.2748 0.2954 0.0530  -0.0580 0.0517  58  ILE A N   
271 C CA  . ILE A 40 ? 0.3302 0.2667 0.2868 0.0416  -0.0541 0.0444  58  ILE A CA  
272 C C   . ILE A 40 ? 0.3084 0.2733 0.3027 0.0378  -0.0564 0.0383  58  ILE A C   
273 O O   . ILE A 40 ? 0.3022 0.2907 0.3129 0.0430  -0.0677 0.0346  58  ILE A O   
274 C CB  . ILE A 40 ? 0.3606 0.2814 0.2814 0.0415  -0.0636 0.0408  58  ILE A CB  
275 C CG1 . ILE A 40 ? 0.3584 0.2813 0.2818 0.0291  -0.0570 0.0302  58  ILE A CG1 
276 C CG2 . ILE A 40 ? 0.3719 0.3083 0.2922 0.0553  -0.0858 0.0389  58  ILE A CG2 
277 C CD1 . ILE A 40 ? 0.3971 0.3070 0.2834 0.0270  -0.0659 0.0243  58  ILE A CD1 
278 N N   . SER A 41 ? 0.3038 0.2660 0.3107 0.0290  -0.0445 0.0361  59  SER A N   
279 C CA  . SER A 41 ? 0.2989 0.2740 0.3310 0.0208  -0.0423 0.0318  59  SER A CA  
280 C C   . SER A 41 ? 0.3112 0.3001 0.3463 0.0118  -0.0531 0.0191  59  SER A C   
281 O O   . SER A 41 ? 0.3287 0.3082 0.3420 0.0114  -0.0596 0.0133  59  SER A O   
282 C CB  . SER A 41 ? 0.3108 0.2654 0.3430 0.0170  -0.0287 0.0331  59  SER A CB  
283 O OG  . SER A 41 ? 0.3305 0.2664 0.3442 0.0170  -0.0258 0.0267  59  SER A OG  
284 N N   . ASP A 42 ? 0.3071 0.3229 0.3687 0.0026  -0.0543 0.0128  60  ASP A N   
285 C CA  . ASP A 42 ? 0.3354 0.3786 0.4067 -0.0087 -0.0660 -0.0039 60  ASP A CA  
286 C C   . ASP A 42 ? 0.3314 0.3813 0.4221 -0.0353 -0.0547 -0.0152 60  ASP A C   
287 O O   . ASP A 42 ? 0.3353 0.4259 0.4471 -0.0489 -0.0624 -0.0320 60  ASP A O   
288 C CB  . ASP A 42 ? 0.3602 0.4472 0.4455 0.0075  -0.0847 -0.0075 60  ASP A CB  
289 C CG  . ASP A 42 ? 0.3667 0.4839 0.4843 0.0107  -0.0784 -0.0056 60  ASP A CG  
290 O OD1 . ASP A 42 ? 0.3683 0.4708 0.4931 -0.0022 -0.0596 0.0002  60  ASP A OD1 
291 O OD2 . ASP A 42 ? 0.3790 0.5334 0.5110 0.0290  -0.0926 -0.0101 60  ASP A OD2 
292 N N   . GLY A 43 ? 0.3337 0.3434 0.4149 -0.0429 -0.0363 -0.0069 61  GLY A N   
293 C CA  . GLY A 43 ? 0.3543 0.3490 0.4386 -0.0707 -0.0220 -0.0154 61  GLY A CA  
294 C C   . GLY A 43 ? 0.3414 0.3616 0.4493 -0.0833 -0.0113 -0.0139 61  GLY A C   
295 O O   . GLY A 43 ? 0.3698 0.3856 0.4812 -0.1135 0.0018  -0.0244 61  GLY A O   
296 N N   . GLN A 44 ? 0.3016 0.3459 0.4221 -0.0637 -0.0143 -0.0029 62  GLN A N   
297 C CA  . GLN A 44 ? 0.3039 0.3678 0.4414 -0.0751 -0.0003 -0.0011 62  GLN A CA  
298 C C   . GLN A 44 ? 0.2714 0.3166 0.3967 -0.0542 0.0047  0.0186  62  GLN A C   
299 O O   . GLN A 44 ? 0.2581 0.2834 0.3678 -0.0322 -0.0037 0.0285  62  GLN A O   
300 C CB  . GLN A 44 ? 0.2969 0.4360 0.4755 -0.0792 -0.0084 -0.0190 62  GLN A CB  
301 C CG  . GLN A 44 ? 0.2873 0.4563 0.4732 -0.0508 -0.0336 -0.0227 62  GLN A CG  
302 C CD  . GLN A 44 ? 0.2851 0.5291 0.5106 -0.0416 -0.0448 -0.0386 62  GLN A CD  
303 O OE1 . GLN A 44 ? 0.2905 0.5786 0.5472 -0.0629 -0.0326 -0.0527 62  GLN A OE1 
304 N NE2 . GLN A 44 ? 0.2849 0.5430 0.5069 -0.0088 -0.0674 -0.0372 62  GLN A NE2 
305 N N   . VAL A 45 ? 0.2775 0.3298 0.4076 -0.0646 0.0198  0.0222  63  VAL A N   
306 C CA  . VAL A 45 ? 0.2655 0.3064 0.3835 -0.0469 0.0238  0.0380  63  VAL A CA  
307 C C   . VAL A 45 ? 0.3067 0.3869 0.4444 -0.0233 0.0097  0.0348  63  VAL A C   
308 O O   . VAL A 45 ? 0.2898 0.4157 0.4553 -0.0223 0.0017  0.0205  63  VAL A O   
309 C CB  . VAL A 45 ? 0.2869 0.3292 0.4016 -0.0654 0.0442  0.0407  63  VAL A CB  
310 C CG1 . VAL A 45 ? 0.2797 0.3092 0.3763 -0.0467 0.0465  0.0559  63  VAL A CG1 
311 C CG2 . VAL A 45 ? 0.4045 0.3952 0.4899 -0.0913 0.0604  0.0445  63  VAL A CG2 
312 N N   . LYS A 46 ? 0.3015 0.3617 0.4222 -0.0039 0.0062  0.0467  64  LYS A N   
313 C CA  . LYS A 46 ? 0.2830 0.3612 0.4096 0.0167  -0.0037 0.0456  64  LYS A CA  
314 C C   . LYS A 46 ? 0.2867 0.3708 0.4113 0.0195  0.0072  0.0498  64  LYS A C   
315 O O   . LYS A 46 ? 0.2935 0.3528 0.3973 0.0167  0.0149  0.0605  64  LYS A O   
316 C CB  . LYS A 46 ? 0.2748 0.3236 0.3795 0.0290  -0.0124 0.0525  64  LYS A CB  
317 C CG  . LYS A 46 ? 0.2731 0.3227 0.3716 0.0459  -0.0207 0.0520  64  LYS A CG  
318 C CD  . LYS A 46 ? 0.2726 0.3420 0.3812 0.0561  -0.0340 0.0430  64  LYS A CD  
319 C CE  . LYS A 46 ? 0.2737 0.3206 0.3590 0.0747  -0.0426 0.0459  64  LYS A CE  
320 N NZ  . LYS A 46 ? 0.2780 0.3387 0.3650 0.0897  -0.0596 0.0391  64  LYS A NZ  
321 N N   . ASP A 47 ? 0.2790 0.3979 0.4238 0.0274  0.0068  0.0400  65  ASP A N   
322 C CA  . ASP A 47 ? 0.2789 0.4077 0.4223 0.0294  0.0187  0.0400  65  ASP A CA  
323 C C   . ASP A 47 ? 0.2609 0.3782 0.3923 0.0509  0.0116  0.0403  65  ASP A C   
324 O O   . ASP A 47 ? 0.2499 0.3699 0.3859 0.0678  -0.0007 0.0345  65  ASP A O   
325 C CB  . ASP A 47 ? 0.2921 0.4713 0.4671 0.0220  0.0284  0.0247  65  ASP A CB  
326 C CG  . ASP A 47 ? 0.3219 0.5110 0.5064 -0.0077 0.0400  0.0212  65  ASP A CG  
327 O OD1 . ASP A 47 ? 0.3495 0.5162 0.5129 -0.0266 0.0576  0.0299  65  ASP A OD1 
328 O OD2 . ASP A 47 ? 0.3228 0.5386 0.5310 -0.0131 0.0316  0.0095  65  ASP A OD2 
329 N N   . PHE A 48 ? 0.2646 0.3645 0.3753 0.0495  0.0191  0.0467  66  PHE A N   
330 C CA  . PHE A 48 ? 0.2686 0.3559 0.3650 0.0632  0.0168  0.0435  66  PHE A CA  
331 C C   . PHE A 48 ? 0.2715 0.3715 0.3634 0.0606  0.0306  0.0393  66  PHE A C   
332 O O   . PHE A 48 ? 0.2728 0.3808 0.3613 0.0464  0.0415  0.0443  66  PHE A O   
333 C CB  . PHE A 48 ? 0.2790 0.3353 0.3510 0.0609  0.0114  0.0513  66  PHE A CB  
334 C CG  . PHE A 48 ? 0.2869 0.3274 0.3567 0.0624  0.0008  0.0542  66  PHE A CG  
335 C CD1 . PHE A 48 ? 0.2981 0.3212 0.3585 0.0734  -0.0066 0.0504  66  PHE A CD1 
336 C CD2 . PHE A 48 ? 0.2897 0.3259 0.3596 0.0539  -0.0008 0.0608  66  PHE A CD2 
337 C CE1 . PHE A 48 ? 0.3059 0.3113 0.3561 0.0731  -0.0147 0.0537  66  PHE A CE1 
338 C CE2 . PHE A 48 ? 0.2907 0.3135 0.3560 0.0545  -0.0086 0.0614  66  PHE A CE2 
339 C CZ  . PHE A 48 ? 0.2983 0.3071 0.3529 0.0626  -0.0151 0.0581  66  PHE A CZ  
340 N N   . TYR A 49 ? 0.2813 0.3764 0.3662 0.0739  0.0312  0.0301  67  TYR A N   
341 C CA  . TYR A 49 ? 0.2815 0.3848 0.3561 0.0719  0.0444  0.0237  67  TYR A CA  
342 C C   . TYR A 49 ? 0.2975 0.3693 0.3421 0.0735  0.0414  0.0223  67  TYR A C   
343 O O   . TYR A 49 ? 0.3138 0.3613 0.3503 0.0852  0.0361  0.0158  67  TYR A O   
344 C CB  . TYR A 49 ? 0.2824 0.4165 0.3798 0.0858  0.0518  0.0074  67  TYR A CB  
345 C CG  . TYR A 49 ? 0.2772 0.4547 0.4079 0.0765  0.0578  0.0043  67  TYR A CG  
346 C CD1 . TYR A 49 ? 0.2663 0.4576 0.4211 0.0820  0.0450  0.0031  67  TYR A CD1 
347 C CD2 . TYR A 49 ? 0.2898 0.4923 0.4225 0.0579  0.0775  0.0021  67  TYR A CD2 
348 C CE1 . TYR A 49 ? 0.2630 0.4979 0.4493 0.0675  0.0513  -0.0034 67  TYR A CE1 
349 C CE2 . TYR A 49 ? 0.2917 0.5315 0.4518 0.0414  0.0868  -0.0026 67  TYR A CE2 
350 C CZ  . TYR A 49 ? 0.2766 0.5352 0.4663 0.0452  0.0736  -0.0068 67  TYR A CZ  
351 O OH  . TYR A 49 ? 0.2799 0.5800 0.4982 0.0234  0.0839  -0.0156 67  TYR A OH  
352 N N   . LEU A 50 ? 0.2923 0.3622 0.3167 0.0610  0.0444  0.0278  68  LEU A N   
353 C CA  . LEU A 50 ? 0.2991 0.3493 0.2994 0.0568  0.0401  0.0238  68  LEU A CA  
354 C C   . LEU A 50 ? 0.3196 0.3765 0.2975 0.0516  0.0481  0.0159  68  LEU A C   
355 O O   . LEU A 50 ? 0.2938 0.3677 0.2650 0.0472  0.0540  0.0217  68  LEU A O   
356 C CB  . LEU A 50 ? 0.2867 0.3356 0.2840 0.0490  0.0299  0.0340  68  LEU A CB  
357 C CG  . LEU A 50 ? 0.2691 0.3094 0.2820 0.0514  0.0223  0.0411  68  LEU A CG  
358 C CD1 . LEU A 50 ? 0.2589 0.3049 0.2690 0.0458  0.0152  0.0482  68  LEU A CD1 
359 C CD2 . LEU A 50 ? 0.2758 0.2897 0.2829 0.0550  0.0199  0.0340  68  LEU A CD2 
360 N N   . TYR A 51 ? 0.3382 0.3758 0.2986 0.0501  0.0489  0.0020  69  TYR A N   
361 C CA  . TYR A 51 ? 0.3603 0.4020 0.2951 0.0426  0.0547  -0.0095 69  TYR A CA  
362 C C   . TYR A 51 ? 0.3326 0.3909 0.2550 0.0304  0.0441  -0.0046 69  TYR A C   
363 O O   . TYR A 51 ? 0.3116 0.3732 0.2466 0.0287  0.0341  0.0042  69  TYR A O   
364 C CB  . TYR A 51 ? 0.3969 0.4041 0.3145 0.0432  0.0598  -0.0282 69  TYR A CB  
365 C CG  . TYR A 51 ? 0.4106 0.4061 0.3371 0.0638  0.0690  -0.0359 69  TYR A CG  
366 C CD1 . TYR A 51 ? 0.4275 0.4426 0.3515 0.0696  0.0820  -0.0461 69  TYR A CD1 
367 C CD2 . TYR A 51 ? 0.4137 0.3825 0.3500 0.0797  0.0642  -0.0341 69  TYR A CD2 
368 C CE1 . TYR A 51 ? 0.4458 0.4615 0.3842 0.0918  0.0906  -0.0572 69  TYR A CE1 
369 C CE2 . TYR A 51 ? 0.4332 0.3994 0.3804 0.1053  0.0693  -0.0431 69  TYR A CE2 
370 C CZ  . TYR A 51 ? 0.4455 0.4394 0.3977 0.1117  0.0827  -0.0560 69  TYR A CZ  
371 O OH  . TYR A 51 ? 0.4683 0.4714 0.4372 0.1396  0.0884  -0.0689 69  TYR A OH  
372 N N   . PRO A 52 ? 0.3559 0.4288 0.2531 0.0243  0.0454  -0.0118 70  PRO A N   
373 C CA  . PRO A 52 ? 0.3595 0.4563 0.2440 0.0170  0.0317  -0.0122 70  PRO A CA  
374 C C   . PRO A 52 ? 0.3821 0.4777 0.2784 0.0057  0.0243  -0.0221 70  PRO A C   
375 O O   . PRO A 52 ? 0.3957 0.4617 0.2894 -0.0029 0.0323  -0.0353 70  PRO A O   
376 C CB  . PRO A 52 ? 0.3976 0.5018 0.2502 0.0096  0.0362  -0.0285 70  PRO A CB  
377 C CG  . PRO A 52 ? 0.4077 0.5007 0.2548 0.0173  0.0526  -0.0258 70  PRO A CG  
378 C CD  . PRO A 52 ? 0.3841 0.4573 0.2627 0.0259  0.0592  -0.0219 70  PRO A CD  
379 N N   . GLY A 53 ? 0.3618 0.4870 0.2677 0.0064  0.0106  -0.0164 71  GLY A N   
380 C CA  . GLY A 53 ? 0.3529 0.4863 0.2746 -0.0064 0.0063  -0.0262 71  GLY A CA  
381 C C   . GLY A 53 ? 0.3319 0.4910 0.2737 0.0066  -0.0059 -0.0119 71  GLY A C   
382 O O   . GLY A 53 ? 0.3260 0.4828 0.2652 0.0247  -0.0096 0.0069  71  GLY A O   
383 N N   . LYS A 54 ? 0.3218 0.5026 0.2808 -0.0043 -0.0097 -0.0226 72  LYS A N   
384 C CA  . LYS A 54 ? 0.3076 0.5158 0.2880 0.0091  -0.0200 -0.0143 72  LYS A CA  
385 C C   . LYS A 54 ? 0.2953 0.4729 0.2897 0.0025  -0.0104 -0.0100 72  LYS A C   
386 O O   . LYS A 54 ? 0.3130 0.4699 0.3021 -0.0192 0.0003  -0.0224 72  LYS A O   
387 C CB  . LYS A 54 ? 0.3194 0.5898 0.3120 0.0014  -0.0309 -0.0351 72  LYS A CB  
388 C CG  . LYS A 54 ? 0.3204 0.6315 0.3335 0.0245  -0.0454 -0.0298 72  LYS A CG  
389 C CD  . LYS A 54 ? 0.3420 0.7305 0.3719 0.0191  -0.0580 -0.0556 72  LYS A CD  
390 C CE  . LYS A 54 ? 0.3465 0.7807 0.3988 0.0501  -0.0742 -0.0528 72  LYS A CE  
391 N NZ  . LYS A 54 ? 0.3595 0.8859 0.4353 0.0500  -0.0898 -0.0814 72  LYS A NZ  
392 N N   . TYR A 55 ? 0.2681 0.4349 0.2725 0.0202  -0.0135 0.0075  73  TYR A N   
393 C CA  . TYR A 55 ? 0.2581 0.3965 0.2718 0.0160  -0.0064 0.0122  73  TYR A CA  
394 C C   . TYR A 55 ? 0.2453 0.4051 0.2770 0.0280  -0.0127 0.0162  73  TYR A C   
395 O O   . TYR A 55 ? 0.2357 0.4254 0.2717 0.0453  -0.0237 0.0185  73  TYR A O   
396 C CB  . TYR A 55 ? 0.2574 0.3537 0.2649 0.0240  -0.0013 0.0268  73  TYR A CB  
397 C CG  . TYR A 55 ? 0.2759 0.3538 0.2679 0.0206  0.0051  0.0230  73  TYR A CG  
398 C CD1 . TYR A 55 ? 0.2886 0.3796 0.2707 0.0270  0.0039  0.0255  73  TYR A CD1 
399 C CD2 . TYR A 55 ? 0.2938 0.3369 0.2762 0.0138  0.0129  0.0173  73  TYR A CD2 
400 C CE1 . TYR A 55 ? 0.3070 0.3838 0.2752 0.0247  0.0120  0.0192  73  TYR A CE1 
401 C CE2 . TYR A 55 ? 0.3190 0.3441 0.2872 0.0156  0.0192  0.0115  73  TYR A CE2 
402 C CZ  . TYR A 55 ? 0.3232 0.3687 0.2871 0.0202  0.0197  0.0112  73  TYR A CZ  
403 O OH  . TYR A 55 ? 0.3503 0.3805 0.3007 0.0225  0.0281  0.0026  73  TYR A OH  
404 N N   . THR A 56 ? 0.2496 0.3903 0.2872 0.0214  -0.0063 0.0169  74  THR A N   
405 C CA  . THR A 56 ? 0.2474 0.4041 0.3006 0.0317  -0.0093 0.0178  74  THR A CA  
406 C C   . THR A 56 ? 0.2522 0.3669 0.3011 0.0324  -0.0045 0.0287  74  THR A C   
407 O O   . THR A 56 ? 0.2616 0.3482 0.2990 0.0179  0.0029  0.0271  74  THR A O   
408 C CB  . THR A 56 ? 0.2108 0.4107 0.2782 0.0155  -0.0049 -0.0037 74  THR A CB  
409 O OG1 . THR A 56 ? 0.2195 0.4674 0.2932 0.0136  -0.0118 -0.0173 74  THR A OG1 
410 C CG2 . THR A 56 ? 0.1994 0.4236 0.2855 0.0294  -0.0068 -0.0067 74  THR A CG2 
411 N N   . PHE A 57 ? 0.2511 0.3572 0.3042 0.0499  -0.0094 0.0393  75  PHE A N   
412 C CA  . PHE A 57 ? 0.2527 0.3293 0.3042 0.0495  -0.0065 0.0451  75  PHE A CA  
413 C C   . PHE A 57 ? 0.2461 0.3405 0.3062 0.0488  -0.0035 0.0346  75  PHE A C   
414 O O   . PHE A 57 ? 0.2520 0.3722 0.3231 0.0645  -0.0079 0.0305  75  PHE A O   
415 C CB  . PHE A 57 ? 0.2742 0.3308 0.3236 0.0634  -0.0102 0.0579  75  PHE A CB  
416 C CG  . PHE A 57 ? 0.2892 0.3282 0.3327 0.0595  -0.0087 0.0663  75  PHE A CG  
417 C CD1 . PHE A 57 ? 0.2911 0.3160 0.3355 0.0511  -0.0066 0.0656  75  PHE A CD1 
418 C CD2 . PHE A 57 ? 0.3090 0.3477 0.3441 0.0661  -0.0094 0.0742  75  PHE A CD2 
419 C CE1 . PHE A 57 ? 0.2978 0.3182 0.3436 0.0500  -0.0047 0.0694  75  PHE A CE1 
420 C CE2 . PHE A 57 ? 0.3155 0.3443 0.3473 0.0600  -0.0042 0.0790  75  PHE A CE2 
421 C CZ  . PHE A 57 ? 0.3052 0.3298 0.3468 0.0522  -0.0016 0.0750  75  PHE A CZ  
422 N N   . VAL A 58 ? 0.2420 0.3223 0.2937 0.0330  0.0040  0.0296  76  VAL A N   
423 C CA  . VAL A 58 ? 0.2373 0.3374 0.2950 0.0285  0.0109  0.0173  76  VAL A CA  
424 C C   . VAL A 58 ? 0.2440 0.3119 0.2896 0.0289  0.0127  0.0218  76  VAL A C   
425 O O   . VAL A 58 ? 0.2496 0.2831 0.2760 0.0212  0.0122  0.0293  76  VAL A O   
426 C CB  . VAL A 58 ? 0.2357 0.3512 0.2872 0.0024  0.0228  0.0031  76  VAL A CB  
427 C CG1 . VAL A 58 ? 0.2382 0.3806 0.2973 -0.0054 0.0338  -0.0122 76  VAL A CG1 
428 C CG2 . VAL A 58 ? 0.2230 0.3774 0.2882 -0.0009 0.0200  -0.0058 76  VAL A CG2 
429 N N   . GLU A 59 ? 0.2515 0.3307 0.3065 0.0410  0.0135  0.0158  77  GLU A N   
430 C CA  . GLU A 59 ? 0.2228 0.2749 0.2638 0.0389  0.0164  0.0157  77  GLU A CA  
431 C C   . GLU A 59 ? 0.2375 0.3018 0.2685 0.0208  0.0302  0.0022  77  GLU A C   
432 O O   . GLU A 59 ? 0.2727 0.3790 0.3220 0.0223  0.0380  -0.0133 77  GLU A O   
433 C CB  . GLU A 59 ? 0.2633 0.3117 0.3128 0.0600  0.0131  0.0138  77  GLU A CB  
434 C CG  . GLU A 59 ? 0.2780 0.3037 0.3122 0.0553  0.0179  0.0078  77  GLU A CG  
435 C CD  . GLU A 59 ? 0.2970 0.2971 0.3296 0.0719  0.0144  0.0082  77  GLU A CD  
436 O OE1 . GLU A 59 ? 0.3143 0.3216 0.3575 0.0938  0.0125  0.0069  77  GLU A OE1 
437 O OE2 . GLU A 59 ? 0.2988 0.2687 0.3153 0.0633  0.0132  0.0086  77  GLU A OE2 
438 N N   . THR A 60 ? 0.2573 0.2869 0.2576 0.0042  0.0336  0.0073  78  THR A N   
439 C CA  . THR A 60 ? 0.2842 0.3132 0.2619 -0.0184 0.0500  -0.0030 78  THR A CA  
440 C C   . THR A 60 ? 0.3051 0.3207 0.2653 -0.0180 0.0549  -0.0084 78  THR A C   
441 O O   . THR A 60 ? 0.3604 0.3864 0.3070 -0.0348 0.0720  -0.0211 78  THR A O   
442 C CB  . THR A 60 ? 0.3123 0.2998 0.2519 -0.0374 0.0532  0.0060  78  THR A CB  
443 O OG1 . THR A 60 ? 0.3416 0.2861 0.2588 -0.0259 0.0387  0.0213  78  THR A OG1 
444 C CG2 . THR A 60 ? 0.2978 0.2997 0.2529 -0.0411 0.0519  0.0062  78  THR A CG2 
445 N N   . ALA A 61 ? 0.3125 0.3066 0.2718 -0.0022 0.0416  -0.0009 79  ALA A N   
446 C CA  . ALA A 61 ? 0.3347 0.3189 0.2804 -0.0002 0.0450  -0.0094 79  ALA A CA  
447 C C   . ALA A 61 ? 0.3287 0.3033 0.2906 0.0188  0.0323  -0.0067 79  ALA A C   
448 O O   . ALA A 61 ? 0.2963 0.2576 0.2642 0.0234  0.0192  0.0056  79  ALA A O   
449 C CB  . ALA A 61 ? 0.3736 0.3196 0.2706 -0.0153 0.0452  -0.0040 79  ALA A CB  
450 N N   . ALA A 62 ? 0.3368 0.3168 0.3048 0.0287  0.0383  -0.0202 80  ALA A N   
451 C CA  . ALA A 62 ? 0.3395 0.2958 0.3119 0.0418  0.0300  -0.0196 80  ALA A CA  
452 C C   . ALA A 62 ? 0.3735 0.3032 0.3169 0.0321  0.0294  -0.0271 80  ALA A C   
453 O O   . ALA A 62 ? 0.3793 0.3124 0.3007 0.0221  0.0391  -0.0365 80  ALA A O   
454 C CB  . ALA A 62 ? 0.3521 0.3207 0.3445 0.0647  0.0354  -0.0295 80  ALA A CB  
455 N N   . PRO A 63 ? 0.3826 0.2868 0.3235 0.0318  0.0188  -0.0243 81  PRO A N   
456 C CA  . PRO A 63 ? 0.4238 0.3067 0.3385 0.0219  0.0166  -0.0354 81  PRO A CA  
457 C C   . PRO A 63 ? 0.4661 0.3406 0.3735 0.0304  0.0305  -0.0542 81  PRO A C   
458 O O   . PRO A 63 ? 0.4739 0.3509 0.4007 0.0493  0.0377  -0.0577 81  PRO A O   
459 C CB  . PRO A 63 ? 0.4231 0.2882 0.3456 0.0172  0.0049  -0.0320 81  PRO A CB  
460 C CG  . PRO A 63 ? 0.3933 0.2624 0.3421 0.0275  0.0053  -0.0193 81  PRO A CG  
461 C CD  . PRO A 63 ? 0.3623 0.2600 0.3211 0.0345  0.0089  -0.0116 81  PRO A CD  
462 N N   . ASP A 64 ? 0.4966 0.3611 0.3734 0.0195  0.0336  -0.0670 82  ASP A N   
463 C CA  . ASP A 64 ? 0.5325 0.3897 0.3990 0.0271  0.0489  -0.0884 82  ASP A CA  
464 C C   . ASP A 64 ? 0.5479 0.3740 0.4254 0.0428  0.0495  -0.0950 82  ASP A C   
465 O O   . ASP A 64 ? 0.5582 0.3570 0.4339 0.0344  0.0388  -0.0893 82  ASP A O   
466 C CB  . ASP A 64 ? 0.5778 0.4210 0.4024 0.0103  0.0497  -0.1013 82  ASP A CB  
467 C CG  . ASP A 64 ? 0.6225 0.4626 0.4344 0.0177  0.0692  -0.1259 82  ASP A CG  
468 O OD1 . ASP A 64 ? 0.6237 0.4953 0.4458 0.0239  0.0857  -0.1317 82  ASP A OD1 
469 O OD2 . ASP A 64 ? 0.6624 0.4710 0.4552 0.0161  0.0692  -0.1420 82  ASP A OD2 
470 N N   . GLY A 65 ? 0.5527 0.3826 0.4401 0.0660  0.0629  -0.1080 83  GLY A N   
471 C CA  . GLY A 65 ? 0.5815 0.3704 0.4705 0.0879  0.0644  -0.1126 83  GLY A CA  
472 C C   . GLY A 65 ? 0.5555 0.3516 0.4706 0.1084  0.0581  -0.0946 83  GLY A C   
473 O O   . GLY A 65 ? 0.5747 0.3314 0.4851 0.1323  0.0590  -0.0950 83  GLY A O   
474 N N   . TYR A 66 ? 0.4871 0.3267 0.4231 0.1002  0.0518  -0.0791 84  TYR A N   
475 C CA  . TYR A 66 ? 0.4639 0.3135 0.4214 0.1161  0.0443  -0.0619 84  TYR A CA  
476 C C   . TYR A 66 ? 0.4827 0.3959 0.4682 0.1266  0.0473  -0.0637 84  TYR A C   
477 O O   . TYR A 66 ? 0.4682 0.4168 0.4556 0.1093  0.0546  -0.0711 84  TYR A O   
478 C CB  . TYR A 66 ? 0.4399 0.2771 0.3969 0.0945  0.0330  -0.0418 84  TYR A CB  
479 C CG  . TYR A 66 ? 0.4807 0.2631 0.4162 0.0806  0.0310  -0.0421 84  TYR A CG  
480 C CD1 . TYR A 66 ? 0.5024 0.2743 0.4207 0.0579  0.0307  -0.0545 84  TYR A CD1 
481 C CD2 . TYR A 66 ? 0.5087 0.2493 0.4375 0.0872  0.0300  -0.0312 84  TYR A CD2 
482 C CE1 . TYR A 66 ? 0.5457 0.2746 0.4471 0.0401  0.0295  -0.0595 84  TYR A CE1 
483 C CE2 . TYR A 66 ? 0.5564 0.2452 0.4636 0.0668  0.0322  -0.0344 84  TYR A CE2 
484 C CZ  . TYR A 66 ? 0.5700 0.2573 0.4671 0.0420  0.0318  -0.0504 84  TYR A CZ  
485 O OH  . TYR A 66 ? 0.6134 0.2578 0.4924 0.0168  0.0341  -0.0580 84  TYR A OH  
486 N N   . GLU A 67 ? 0.4812 0.4060 0.4839 0.1536  0.0417  -0.0574 85  GLU A N   
487 C CA  . GLU A 67 ? 0.4598 0.4524 0.4935 0.1662  0.0429  -0.0635 85  GLU A CA  
488 C C   . GLU A 67 ? 0.4054 0.4175 0.4492 0.1493  0.0342  -0.0455 85  GLU A C   
489 O O   . GLU A 67 ? 0.3971 0.3715 0.4294 0.1458  0.0250  -0.0268 85  GLU A O   
490 C CB  . GLU A 67 ? 0.5116 0.5095 0.5559 0.2117  0.0377  -0.0689 85  GLU A CB  
491 C CG  . GLU A 67 ? 0.5800 0.5671 0.6185 0.2366  0.0476  -0.0917 85  GLU A CG  
492 C CD  . GLU A 67 ? 0.5843 0.6525 0.6536 0.2362  0.0609  -0.1181 85  GLU A CD  
493 O OE1 . GLU A 67 ? 0.5567 0.6934 0.6567 0.2302  0.0590  -0.1195 85  GLU A OE1 
494 O OE2 . GLU A 67 ? 0.6192 0.6839 0.6808 0.2392  0.0750  -0.1394 85  GLU A OE2 
495 N N   . VAL A 68 ? 0.3705 0.4410 0.4343 0.1366  0.0395  -0.0531 86  VAL A N   
496 C CA  . VAL A 68 ? 0.3337 0.4204 0.4046 0.1206  0.0329  -0.0391 86  VAL A CA  
497 C C   . VAL A 68 ? 0.3176 0.4199 0.4035 0.1478  0.0203  -0.0319 86  VAL A C   
498 O O   . VAL A 68 ? 0.3262 0.4710 0.4324 0.1744  0.0188  -0.0456 86  VAL A O   
499 C CB  . VAL A 68 ? 0.3202 0.4538 0.3999 0.0935  0.0447  -0.0502 86  VAL A CB  
500 C CG1 . VAL A 68 ? 0.2555 0.4068 0.3436 0.0821  0.0381  -0.0400 86  VAL A CG1 
501 C CG2 . VAL A 68 ? 0.2919 0.3920 0.3410 0.0654  0.0536  -0.0488 86  VAL A CG2 
502 N N   . ALA A 69 ? 0.3060 0.3754 0.3796 0.1425  0.0110  -0.0114 87  ALA A N   
503 C CA  . ALA A 69 ? 0.3176 0.3899 0.3931 0.1654  -0.0011 -0.0006 87  ALA A CA  
504 C C   . ALA A 69 ? 0.2949 0.4325 0.3942 0.1611  -0.0043 -0.0075 87  ALA A C   
505 O O   . ALA A 69 ? 0.2703 0.4293 0.3759 0.1308  0.0034  -0.0127 87  ALA A O   
506 C CB  . ALA A 69 ? 0.3210 0.3406 0.3745 0.1540  -0.0053 0.0210  87  ALA A CB  
507 N N   . THR A 70 ? 0.3120 0.4770 0.4193 0.1912  -0.0163 -0.0082 88  THR A N   
508 C CA  . THR A 70 ? 0.3018 0.5311 0.4302 0.1868  -0.0223 -0.0162 88  THR A CA  
509 C C   . THR A 70 ? 0.2972 0.5003 0.4096 0.1627  -0.0241 0.0009  88  THR A C   
510 O O   . THR A 70 ? 0.3201 0.4681 0.4071 0.1684  -0.0285 0.0211  88  THR A O   
511 C CB  . THR A 70 ? 0.3444 0.5881 0.4696 0.2141  -0.0368 -0.0178 88  THR A CB  
512 O OG1 . THR A 70 ? 0.3705 0.6404 0.5104 0.2311  -0.0340 -0.0363 88  THR A OG1 
513 C CG2 . THR A 70 ? 0.3318 0.6343 0.4714 0.2038  -0.0441 -0.0262 88  THR A CG2 
514 N N   . ALA A 71 ? 0.2718 0.5124 0.3972 0.1339  -0.0185 -0.0091 89  ALA A N   
515 C CA  . ALA A 71 ? 0.2505 0.4672 0.3609 0.1113  -0.0182 0.0030  89  ALA A CA  
516 C C   . ALA A 71 ? 0.2580 0.4701 0.3565 0.1312  -0.0321 0.0158  89  ALA A C   
517 O O   . ALA A 71 ? 0.2720 0.5196 0.3774 0.1591  -0.0442 0.0105  89  ALA A O   
518 C CB  . ALA A 71 ? 0.2397 0.4942 0.3610 0.0803  -0.0094 -0.0132 89  ALA A CB  
519 N N   . ILE A 72 ? 0.2519 0.4217 0.3304 0.1193  -0.0305 0.0319  90  ILE A N   
520 C CA  . ILE A 72 ? 0.2790 0.4371 0.3380 0.1338  -0.0400 0.0454  90  ILE A CA  
521 C C   . ILE A 72 ? 0.2659 0.4444 0.3235 0.1144  -0.0394 0.0410  90  ILE A C   
522 O O   . ILE A 72 ? 0.2098 0.3642 0.2634 0.0923  -0.0299 0.0436  90  ILE A O   
523 C CB  . ILE A 72 ? 0.3028 0.3968 0.3368 0.1344  -0.0357 0.0659  90  ILE A CB  
524 C CG1 . ILE A 72 ? 0.3413 0.4020 0.3684 0.1517  -0.0351 0.0699  90  ILE A CG1 
525 C CG2 . ILE A 72 ? 0.2798 0.3597 0.2866 0.1449  -0.0416 0.0796  90  ILE A CG2 
526 C CD1 . ILE A 72 ? 0.3606 0.3634 0.3698 0.1385  -0.0261 0.0830  90  ILE A CD1 
527 N N   . THR A 73 ? 0.2804 0.5029 0.3393 0.1255  -0.0507 0.0332  91  THR A N   
528 C CA  . THR A 73 ? 0.2852 0.5279 0.3391 0.1077  -0.0510 0.0261  91  THR A CA  
529 C C   . THR A 73 ? 0.3056 0.5197 0.3271 0.1197  -0.0566 0.0436  91  THR A C   
530 O O   . THR A 73 ? 0.3330 0.5433 0.3364 0.1481  -0.0687 0.0542  91  THR A O   
531 C CB  . THR A 73 ? 0.3020 0.6194 0.3767 0.1079  -0.0604 0.0022  91  THR A CB  
532 O OG1 . THR A 73 ? 0.2909 0.6335 0.3923 0.0858  -0.0487 -0.0165 91  THR A OG1 
533 C CG2 . THR A 73 ? 0.3148 0.6505 0.3778 0.0907  -0.0625 -0.0064 91  THR A CG2 
534 N N   . PHE A 74 ? 0.2954 0.4856 0.3055 0.0992  -0.0466 0.0466  92  PHE A N   
535 C CA  . PHE A 74 ? 0.3225 0.4882 0.3007 0.1046  -0.0469 0.0606  92  PHE A CA  
536 C C   . PHE A 74 ? 0.3132 0.4905 0.2837 0.0854  -0.0419 0.0497  92  PHE A C   
537 O O   . PHE A 74 ? 0.2909 0.4763 0.2775 0.0648  -0.0344 0.0344  92  PHE A O   
538 C CB  . PHE A 74 ? 0.3317 0.4434 0.2984 0.1029  -0.0353 0.0789  92  PHE A CB  
539 C CG  . PHE A 74 ? 0.3045 0.4019 0.2881 0.0813  -0.0218 0.0741  92  PHE A CG  
540 C CD1 . PHE A 74 ? 0.2845 0.3800 0.2909 0.0751  -0.0193 0.0681  92  PHE A CD1 
541 C CD2 . PHE A 74 ? 0.3082 0.3934 0.2817 0.0705  -0.0119 0.0751  92  PHE A CD2 
542 C CE1 . PHE A 74 ? 0.2692 0.3484 0.2844 0.0613  -0.0104 0.0651  92  PHE A CE1 
543 C CE2 . PHE A 74 ? 0.2929 0.3672 0.2819 0.0584  -0.0023 0.0698  92  PHE A CE2 
544 C CZ  . PHE A 74 ? 0.2763 0.3459 0.2844 0.0551  -0.0032 0.0658  92  PHE A CZ  
545 N N   . THR A 75 ? 0.3355 0.5059 0.2745 0.0924  -0.0446 0.0579  93  THR A N   
546 C CA  . THR A 75 ? 0.3414 0.5210 0.2665 0.0771  -0.0397 0.0466  93  THR A CA  
547 C C   . THR A 75 ? 0.3629 0.5039 0.2635 0.0741  -0.0259 0.0605  93  THR A C   
548 O O   . THR A 75 ? 0.3858 0.5028 0.2600 0.0868  -0.0263 0.0796  93  THR A O   
549 C CB  . THR A 75 ? 0.3667 0.5890 0.2732 0.0871  -0.0573 0.0378  93  THR A CB  
550 O OG1 . THR A 75 ? 0.3510 0.6238 0.2878 0.0784  -0.0654 0.0144  93  THR A OG1 
551 C CG2 . THR A 75 ? 0.3948 0.6145 0.2723 0.0752  -0.0517 0.0313  93  THR A CG2 
552 N N   . VAL A 76 ? 0.3548 0.4872 0.2616 0.0573  -0.0119 0.0499  94  VAL A N   
553 C CA  . VAL A 76 ? 0.3787 0.4916 0.2648 0.0530  0.0027  0.0550  94  VAL A CA  
554 C C   . VAL A 76 ? 0.4041 0.5350 0.2653 0.0471  0.0015  0.0402  94  VAL A C   
555 O O   . VAL A 76 ? 0.3960 0.5409 0.2679 0.0365  -0.0002 0.0203  94  VAL A O   
556 C CB  . VAL A 76 ? 0.3671 0.4642 0.2778 0.0442  0.0178  0.0493  94  VAL A CB  
557 C CG1 . VAL A 76 ? 0.3934 0.4828 0.2888 0.0405  0.0348  0.0510  94  VAL A CG1 
558 C CG2 . VAL A 76 ? 0.3447 0.4294 0.2813 0.0477  0.0166  0.0593  94  VAL A CG2 
559 N N   . ASN A 77 ? 0.4436 0.5696 0.2659 0.0514  0.0037  0.0494  95  ASN A N   
560 C CA  . ASN A 77 ? 0.4800 0.6248 0.2716 0.0466  0.0006  0.0351  95  ASN A CA  
561 C C   . ASN A 77 ? 0.4975 0.6289 0.2788 0.0346  0.0228  0.0247  95  ASN A C   
562 O O   . ASN A 77 ? 0.4763 0.5903 0.2775 0.0320  0.0395  0.0286  95  ASN A O   
563 C CB  . ASN A 77 ? 0.5321 0.6805 0.2764 0.0615  -0.0133 0.0500  95  ASN A CB  
564 C CG  . ASN A 77 ? 0.5803 0.6922 0.2847 0.0609  0.0043  0.0694  95  ASN A CG  
565 O OD1 . ASN A 77 ? 0.5699 0.6590 0.2931 0.0524  0.0236  0.0762  95  ASN A OD1 
566 N ND2 . ASN A 77 ? 0.6437 0.7521 0.2906 0.0681  -0.0022 0.0775  95  ASN A ND2 
567 N N   . GLU A 78 ? 0.5407 0.6851 0.2907 0.0286  0.0223  0.0093  96  GLU A N   
568 C CA  . GLU A 78 ? 0.5782 0.7128 0.3172 0.0189  0.0438  -0.0063 96  GLU A CA  
569 C C   . GLU A 78 ? 0.6166 0.7377 0.3297 0.0194  0.0631  0.0081  96  GLU A C   
570 O O   . GLU A 78 ? 0.6289 0.7474 0.3385 0.0132  0.0845  -0.0053 96  GLU A O   
571 C CB  . GLU A 78 ? 0.6205 0.7717 0.3312 0.0095  0.0380  -0.0309 96  GLU A CB  
572 C CG  . GLU A 78 ? 0.6121 0.7717 0.3493 -0.0012 0.0283  -0.0525 96  GLU A CG  
573 C CD  . GLU A 78 ? 0.6112 0.8061 0.3576 0.0011  0.0026  -0.0498 96  GLU A CD  
574 O OE1 . GLU A 78 ? 0.6112 0.8166 0.3500 0.0183  -0.0103 -0.0270 96  GLU A OE1 
575 O OE2 . GLU A 78 ? 0.6143 0.8260 0.3744 -0.0146 -0.0037 -0.0724 96  GLU A OE2 
576 N N   . GLN A 79 ? 0.6413 0.7514 0.3341 0.0261  0.0572  0.0341  97  GLN A N   
577 C CA  . GLN A 79 ? 0.6857 0.7750 0.3482 0.0205  0.0781  0.0503  97  GLN A CA  
578 C C   . GLN A 79 ? 0.6539 0.7303 0.3560 0.0170  0.0900  0.0616  97  GLN A C   
579 O O   . GLN A 79 ? 0.6803 0.7418 0.3663 0.0060  0.1111  0.0722  97  GLN A O   
580 C CB  . GLN A 79 ? 0.7520 0.8225 0.3506 0.0289  0.0659  0.0731  97  GLN A CB  
581 C CG  . GLN A 79 ? 0.8221 0.8976 0.3605 0.0253  0.0689  0.0659  97  GLN A CG  
582 C CD  . GLN A 79 ? 0.9090 0.9539 0.3732 0.0362  0.0590  0.0935  97  GLN A CD  
583 O OE1 . GLN A 79 ? 0.9184 0.9551 0.3823 0.0546  0.0319  0.1072  97  GLN A OE1 
584 N NE2 . GLN A 79 ? 0.9753 0.9953 0.3891 0.0204  0.0791  0.0975  97  GLN A NE2 
585 N N   . GLY A 80 ? 0.6056 0.6887 0.3570 0.0233  0.0776  0.0577  98  GLY A N   
586 C CA  . GLY A 80 ? 0.5773 0.6536 0.3684 0.0202  0.0860  0.0641  98  GLY A CA  
587 C C   . GLY A 80 ? 0.5865 0.6375 0.3672 0.0248  0.0762  0.0877  98  GLY A C   
588 O O   . GLY A 80 ? 0.5772 0.6197 0.3852 0.0192  0.0833  0.0930  98  GLY A O   
589 N N   . GLN A 81 ? 0.6113 0.6504 0.3513 0.0369  0.0589  0.1003  99  GLN A N   
590 C CA  A GLN A 81 ? 0.6239 0.6317 0.3477 0.0480  0.0483  0.1223  99  GLN A CA  
591 C CA  B GLN A 81 ? 0.6237 0.6316 0.3475 0.0480  0.0483  0.1222  99  GLN A CA  
592 C C   . GLN A 81 ? 0.5789 0.6051 0.3406 0.0633  0.0253  0.1168  99  GLN A C   
593 O O   . GLN A 81 ? 0.5534 0.6144 0.3356 0.0657  0.0139  0.0992  99  GLN A O   
594 C CB  A GLN A 81 ? 0.7016 0.6782 0.3519 0.0584  0.0428  0.1419  99  GLN A CB  
595 C CB  B GLN A 81 ? 0.7002 0.6784 0.3511 0.0589  0.0421  0.1412  99  GLN A CB  
596 C CG  A GLN A 81 ? 0.7149 0.7213 0.3393 0.0725  0.0224  0.1332  99  GLN A CG  
597 C CG  B GLN A 81 ? 0.7539 0.7043 0.3571 0.0391  0.0697  0.1497  99  GLN A CG  
598 C CD  A GLN A 81 ? 0.7954 0.7708 0.3389 0.0773  0.0238  0.1501  99  GLN A CD  
599 C CD  B GLN A 81 ? 0.7560 0.6770 0.3717 0.0178  0.0947  0.1576  99  GLN A CD  
600 O OE1 A GLN A 81 ? 0.8443 0.7713 0.3580 0.0642  0.0413  0.1660  99  GLN A OE1 
601 O OE1 B GLN A 81 ? 0.7363 0.6398 0.3758 0.0222  0.0882  0.1645  99  GLN A OE1 
602 N NE2 A GLN A 81 ? 0.8115 0.8150 0.3347 0.0867  0.0039  0.1391  99  GLN A NE2 
603 N NE2 B GLN A 81 ? 0.7817 0.7016 0.3821 -0.0076 0.1247  0.1537  99  GLN A NE2 
604 N N   . VAL A 82 ? 0.5614 0.5625 0.3307 0.0705  0.0213  0.1299  100 VAL A N   
605 C CA  . VAL A 82 ? 0.5076 0.5269 0.3155 0.0825  0.0044  0.1234  100 VAL A CA  
606 C C   . VAL A 82 ? 0.5427 0.5498 0.3241 0.1093  -0.0155 0.1361  100 VAL A C   
607 O O   . VAL A 82 ? 0.5895 0.5492 0.3255 0.1180  -0.0129 0.1565  100 VAL A O   
608 C CB  . VAL A 82 ? 0.4660 0.4727 0.3123 0.0715  0.0149  0.1226  100 VAL A CB  
609 C CG1 . VAL A 82 ? 0.4308 0.4524 0.3099 0.0827  -0.0001 0.1162  100 VAL A CG1 
610 C CG2 . VAL A 82 ? 0.4298 0.4549 0.3056 0.0530  0.0303  0.1080  100 VAL A CG2 
611 N N   . THR A 83 ? 0.5220 0.5710 0.3300 0.1226  -0.0344 0.1228  101 THR A N   
612 C CA  . THR A 83 ? 0.5681 0.6213 0.3598 0.1537  -0.0560 0.1292  101 THR A CA  
613 C C   . THR A 83 ? 0.5342 0.6187 0.3762 0.1598  -0.0640 0.1156  101 THR A C   
614 O O   . THR A 83 ? 0.4849 0.6026 0.3675 0.1399  -0.0587 0.0973  101 THR A O   
615 C CB  . THR A 83 ? 0.5983 0.6904 0.3719 0.1630  -0.0730 0.1186  101 THR A CB  
616 O OG1 . THR A 83 ? 0.6403 0.7077 0.3661 0.1528  -0.0629 0.1284  101 THR A OG1 
617 C CG2 . THR A 83 ? 0.6419 0.7323 0.4088 0.1891  -0.0917 0.1186  101 THR A CG2 
618 N N   . VAL A 84 ? 0.5708 0.6356 0.4146 0.1769  -0.0712 0.1173  102 VAL A N   
619 C CA  . VAL A 84 ? 0.5536 0.6501 0.4412 0.1830  -0.0765 0.1022  102 VAL A CA  
620 C C   . VAL A 84 ? 0.5842 0.7386 0.4866 0.1999  -0.0945 0.0842  102 VAL A C   
621 O O   . VAL A 84 ? 0.6311 0.7762 0.5064 0.2204  -0.1058 0.0887  102 VAL A O   
622 C CB  . VAL A 84 ? 0.5696 0.6153 0.4548 0.1898  -0.0705 0.1107  102 VAL A CB  
623 C CG1 . VAL A 84 ? 0.5452 0.6281 0.4682 0.2009  -0.0771 0.0934  102 VAL A CG1 
624 C CG2 . VAL A 84 ? 0.5464 0.5541 0.4335 0.1680  -0.0523 0.1206  102 VAL A CG2 
625 N N   . ASN A 85 ? 0.5615 0.7768 0.5068 0.1894  -0.0960 0.0627  103 ASN A N   
626 C CA  . ASN A 85 ? 0.5798 0.8645 0.5475 0.1962  -0.1093 0.0393  103 ASN A CA  
627 C C   . ASN A 85 ? 0.5905 0.8956 0.5856 0.2121  -0.1121 0.0275  103 ASN A C   
628 O O   . ASN A 85 ? 0.5608 0.8722 0.5847 0.2006  -0.1019 0.0205  103 ASN A O   
629 C CB  . ASN A 85 ? 0.5431 0.8852 0.5382 0.1671  -0.1062 0.0183  103 ASN A CB  
630 C CG  . ASN A 85 ? 0.5462 0.8675 0.5135 0.1512  -0.1017 0.0283  103 ASN A CG  
631 O OD1 . ASN A 85 ? 0.5235 0.8179 0.5013 0.1220  -0.0827 0.0262  103 ASN A OD1 
632 N ND2 . ASN A 85 ? 0.5910 0.9005 0.5204 0.1616  -0.1095 0.0359  103 ASN A ND2 
633 N N   . ALA B 1  ? 0.5478 0.6958 0.5838 0.0780  0.0564  0.0905  111 ALA B N   
634 C CA  . ALA B 1  ? 0.5319 0.6650 0.5534 0.0592  0.0396  0.0962  111 ALA B CA  
635 C C   . ALA B 1  ? 0.5064 0.6181 0.5396 0.0659  0.0199  0.1046  111 ALA B C   
636 O O   . ALA B 1  ? 0.5098 0.6066 0.5503 0.0841  0.0202  0.1018  111 ALA B O   
637 C CB  . ALA B 1  ? 0.5541 0.6581 0.5392 0.0512  0.0496  0.0804  111 ALA B CB  
638 N N   . HIS B 2  ? 0.4849 0.5948 0.5192 0.0516  0.0038  0.1154  112 HIS B N   
639 C CA  . HIS B 2  ? 0.4707 0.5588 0.5121 0.0554  -0.0130 0.1209  112 HIS B CA  
640 C C   . HIS B 2  ? 0.4564 0.5112 0.4764 0.0537  -0.0159 0.1153  112 HIS B C   
641 O O   . HIS B 2  ? 0.4687 0.5272 0.4780 0.0416  -0.0151 0.1178  112 HIS B O   
642 C CB  . HIS B 2  ? 0.4748 0.5792 0.5345 0.0425  -0.0268 0.1364  112 HIS B CB  
643 C CG  . HIS B 2  ? 0.4846 0.6199 0.5690 0.0434  -0.0293 0.1434  112 HIS B CG  
644 N ND1 . HIS B 2  ? 0.4873 0.6181 0.5833 0.0483  -0.0412 0.1457  112 HIS B ND1 
645 C CD2 . HIS B 2  ? 0.4901 0.6664 0.5899 0.0382  -0.0218 0.1496  112 HIS B CD2 
646 C CE1 . HIS B 2  ? 0.4905 0.6611 0.6107 0.0455  -0.0421 0.1543  112 HIS B CE1 
647 N NE2 . HIS B 2  ? 0.4915 0.6903 0.6157 0.0404  -0.0295 0.1567  112 HIS B NE2 
648 N N   . ILE B 3  ? 0.4294 0.4565 0.4436 0.0653  -0.0191 0.1097  113 ILE B N   
649 C CA  . ILE B 3  ? 0.4047 0.4050 0.4032 0.0629  -0.0239 0.1071  113 ILE B CA  
650 C C   . ILE B 3  ? 0.3771 0.3663 0.3849 0.0657  -0.0377 0.1123  113 ILE B C   
651 O O   . ILE B 3  ? 0.3779 0.3671 0.3925 0.0738  -0.0421 0.1123  113 ILE B O   
652 C CB  . ILE B 3  ? 0.4495 0.4220 0.4258 0.0703  -0.0140 0.0947  113 ILE B CB  
653 C CG1 . ILE B 3  ? 0.4636 0.4405 0.4246 0.0640  0.0017  0.0854  113 ILE B CG1 
654 C CG2 . ILE B 3  ? 0.4456 0.3968 0.4083 0.0663  -0.0190 0.0938  113 ILE B CG2 
655 C CD1 . ILE B 3  ? 0.4611 0.4528 0.4115 0.0449  0.0012  0.0877  113 ILE B CD1 
656 N N   . VAL B 4  ? 0.3535 0.3343 0.3612 0.0589  -0.0442 0.1171  114 VAL B N   
657 C CA  A VAL B 4  ? 0.3512 0.3145 0.3617 0.0595  -0.0545 0.1182  114 VAL B CA  
658 C CA  B VAL B 4  ? 0.3525 0.3157 0.3628 0.0598  -0.0545 0.1180  114 VAL B CA  
659 C C   . VAL B 4  ? 0.3559 0.2947 0.3516 0.0631  -0.0531 0.1131  114 VAL B C   
660 O O   . VAL B 4  ? 0.3603 0.3023 0.3554 0.0604  -0.0490 0.1172  114 VAL B O   
661 C CB  A VAL B 4  ? 0.3460 0.3154 0.3719 0.0493  -0.0612 0.1286  114 VAL B CB  
662 C CB  B VAL B 4  ? 0.3391 0.3094 0.3656 0.0495  -0.0618 0.1281  114 VAL B CB  
663 C CG1 A VAL B 4  ? 0.3569 0.2994 0.3792 0.0479  -0.0694 0.1252  114 VAL B CG1 
664 C CG1 B VAL B 4  ? 0.3403 0.3274 0.3731 0.0426  -0.0574 0.1386  114 VAL B CG1 
665 C CG2 A VAL B 4  ? 0.3351 0.3351 0.3772 0.0428  -0.0623 0.1354  114 VAL B CG2 
666 C CG2 B VAL B 4  ? 0.3574 0.2976 0.3788 0.0487  -0.0683 0.1254  114 VAL B CG2 
667 N N   . MET B 5  ? 0.3631 0.2828 0.3472 0.0688  -0.0563 0.1061  115 MET B N   
668 C CA  . MET B 5  ? 0.3723 0.2708 0.3411 0.0721  -0.0536 0.1006  115 MET B CA  
669 C C   . MET B 5  ? 0.3939 0.2742 0.3595 0.0707  -0.0604 0.0973  115 MET B C   
670 O O   . MET B 5  ? 0.3816 0.2608 0.3437 0.0689  -0.0683 0.0949  115 MET B O   
671 C CB  . MET B 5  ? 0.3801 0.2688 0.3310 0.0779  -0.0496 0.0948  115 MET B CB  
672 C CG  . MET B 5  ? 0.3881 0.2593 0.3219 0.0792  -0.0457 0.0900  115 MET B CG  
673 S SD  . MET B 5  ? 0.4349 0.2908 0.3461 0.0827  -0.0405 0.0866  115 MET B SD  
674 C CE  . MET B 5  ? 0.3883 0.2526 0.2982 0.0758  -0.0295 0.0860  115 MET B CE  
675 N N   . VAL B 6  ? 0.4122 0.2794 0.3790 0.0712  -0.0570 0.0972  116 VAL B N   
676 C CA  . VAL B 6  ? 0.4419 0.2830 0.3994 0.0694  -0.0597 0.0893  116 VAL B CA  
677 C C   . VAL B 6  ? 0.4588 0.2832 0.3958 0.0755  -0.0531 0.0796  116 VAL B C   
678 O O   . VAL B 6  ? 0.4577 0.2879 0.3953 0.0819  -0.0441 0.0817  116 VAL B O   
679 C CB  . VAL B 6  ? 0.4642 0.2912 0.4352 0.0675  -0.0580 0.0939  116 VAL B CB  
680 C CG1 . VAL B 6  ? 0.4624 0.3004 0.4484 0.0563  -0.0666 0.1021  116 VAL B CG1 
681 C CG2 . VAL B 6  ? 0.4642 0.3003 0.4481 0.0767  -0.0487 0.1036  116 VAL B CG2 
682 N N   . ASP B 7  ? 0.4771 0.2855 0.3948 0.0709  -0.0581 0.0695  117 ASP B N   
683 C CA  . ASP B 7  ? 0.4962 0.2872 0.3905 0.0740  -0.0513 0.0588  117 ASP B CA  
684 C C   . ASP B 7  ? 0.5252 0.2878 0.4162 0.0737  -0.0449 0.0495  117 ASP B C   
685 O O   . ASP B 7  ? 0.5515 0.2973 0.4341 0.0625  -0.0520 0.0424  117 ASP B O   
686 C CB  . ASP B 7  ? 0.5112 0.3016 0.3823 0.0670  -0.0610 0.0540  117 ASP B CB  
687 C CG  . ASP B 7  ? 0.4936 0.3038 0.3661 0.0713  -0.0647 0.0638  117 ASP B CG  
688 O OD1 . ASP B 7  ? 0.5018 0.3080 0.3530 0.0719  -0.0646 0.0624  117 ASP B OD1 
689 N N   . ALA B 8  ? 0.5221 0.2792 0.4201 0.0854  -0.0307 0.0496  118 ALA B N   
690 C CA  . ALA B 8  ? 0.5576 0.2820 0.4537 0.0902  -0.0201 0.0404  118 ALA B CA  
691 C C   . ALA B 8  ? 0.5987 0.2968 0.4587 0.0835  -0.0169 0.0197  118 ALA B C   
692 O O   . ALA B 8  ? 0.5666 0.2778 0.4055 0.0790  -0.0207 0.0162  118 ALA B O   
693 C CB  . ALA B 8  ? 0.5253 0.2583 0.4413 0.1081  -0.0046 0.0484  118 ALA B CB  
694 N N   . TYR B 9  ? 0.6401 0.2988 0.4900 0.0813  -0.0095 0.0061  119 TYR B N   
695 C CA  . TYR B 9  ? 0.6878 0.3182 0.4984 0.0734  -0.0032 -0.0170 119 TYR B CA  
696 C C   . TYR B 9  ? 0.7102 0.3408 0.5149 0.0911  0.0181  -0.0233 119 TYR B C   
697 O O   . TYR B 9  ? 0.6997 0.3379 0.5337 0.1104  0.0309  -0.0127 119 TYR B O   
698 C CB  . TYR B 9  ? 0.7372 0.3180 0.5351 0.0632  0.0006  -0.0329 119 TYR B CB  
699 C CG  . TYR B 9  ? 0.7347 0.3151 0.5321 0.0395  -0.0201 -0.0298 119 TYR B CG  
700 C CD1 . TYR B 9  ? 0.7348 0.3364 0.5093 0.0190  -0.0383 -0.0333 119 TYR B CD1 
701 C CD2 . TYR B 9  ? 0.7373 0.2993 0.5584 0.0371  -0.0217 -0.0210 119 TYR B CD2 
702 C CE1 . TYR B 9  ? 0.7365 0.3466 0.5149 -0.0031 -0.0574 -0.0284 119 TYR B CE1 
703 C CE2 . TYR B 9  ? 0.7388 0.3050 0.5610 0.0131  -0.0400 -0.0172 119 TYR B CE2 
704 C CZ  . TYR B 9  ? 0.7388 0.3314 0.5408 -0.0070 -0.0577 -0.0214 119 TYR B CZ  
705 O OH  . TYR B 9  ? 0.7368 0.3425 0.5441 -0.0310 -0.0758 -0.0155 119 TYR B OH  
706 N N   . LYS B 10 ? 0.7447 0.3729 0.5127 0.0836  0.0216  -0.0383 120 LYS B N   
707 C CA  . LYS B 10 ? 0.7783 0.4024 0.5357 0.0980  0.0449  -0.0486 120 LYS B CA  
708 C C   . LYS B 10 ? 0.8416 0.4150 0.5894 0.1038  0.0636  -0.0690 120 LYS B C   
709 O O   . LYS B 10 ? 0.8749 0.4137 0.6068 0.0876  0.0555  -0.0806 120 LYS B O   
710 C CB  . LYS B 10 ? 0.8000 0.4349 0.5157 0.0852  0.0433  -0.0587 120 LYS B CB  
711 C CG  . LYS B 10 ? 0.7623 0.4405 0.4853 0.0849  0.0336  -0.0392 120 LYS B CG  
712 C CD  . LYS B 10 ? 0.7949 0.4808 0.4807 0.0794  0.0425  -0.0477 120 LYS B CD  
713 C CE  . LYS B 10 ? 0.8562 0.5169 0.4943 0.0603  0.0381  -0.0687 120 LYS B CE  
714 N NZ  . LYS B 10 ? 0.8861 0.5591 0.4833 0.0512  0.0435  -0.0741 120 LYS B NZ  
715 N N   . PRO B 11 ? 0.8652 0.4333 0.6229 0.1267  0.0897  -0.0735 121 PRO B N   
716 C CA  . PRO B 11 ? 0.9375 0.4501 0.6825 0.1358  0.1129  -0.0957 121 PRO B CA  
717 C C   . PRO B 11 ? 1.0048 0.4883 0.6909 0.1177  0.1207  -0.1278 121 PRO B C   
718 O O   . PRO B 11 ? 0.9896 0.4990 0.6473 0.0965  0.1037  -0.1285 121 PRO B O   
719 C CB  . PRO B 11 ? 0.9301 0.4606 0.7091 0.1694  0.1389  -0.0862 121 PRO B CB  
720 C CG  . PRO B 11 ? 0.8531 0.4466 0.6681 0.1733  0.1240  -0.0557 121 PRO B CG  
721 C CD  . PRO B 11 ? 0.8244 0.4384 0.6127 0.1465  0.0996  -0.0551 121 PRO B CD  
722 N N   . THR B 12 ? 1.0869 0.5168 0.7543 0.1260  0.1469  -0.1531 122 THR B N   
723 C CA  . THR B 12 ? 1.1618 0.5626 0.7688 0.1102  0.1606  -0.1875 122 THR B CA  
724 C C   . THR B 12 ? 1.2298 0.5968 0.8339 0.1378  0.2017  -0.2076 122 THR B C   
725 O O   . THR B 12 ? 1.2324 0.5889 0.8822 0.1689  0.2181  -0.1951 122 THR B O   
726 C CB  . THR B 12 ? 1.2171 0.5696 0.7806 0.0752  0.1460  -0.2098 122 THR B CB  
727 O OG1 . THR B 12 ? 1.1686 0.5617 0.7314 0.0496  0.1094  -0.1919 122 THR B OG1 
728 C CG2 . THR B 12 ? 1.2967 0.6156 0.7939 0.0582  0.1638  -0.2482 122 THR B CG2 
# 
